data_1QYP
#
_entry.id   1QYP
#
_cell.length_a   1.000
_cell.length_b   1.000
_cell.length_c   1.000
_cell.angle_alpha   90.00
_cell.angle_beta   90.00
_cell.angle_gamma   90.00
#
_symmetry.space_group_name_H-M   'P 1'
#
loop_
_entity.id
_entity.type
_entity.pdbx_description
1 polymer 'RNA POLYMERASE II'
2 non-polymer 'ZINC ION'
#
_entity_poly.entity_id   1
_entity_poly.type   'polypeptide(L)'
_entity_poly.pdbx_seq_one_letter_code
;GSHMEQDLKTLPTTKITCPKCGNDTAYWWEMQTRAGDEPSTIFYKCTKCGHTWRSYE
;
_entity_poly.pdbx_strand_id   A
#
# COMPACT_ATOMS: atom_id res chain seq x y z
N GLY A 1 -1.95 20.97 -8.77
CA GLY A 1 -2.70 19.74 -8.41
C GLY A 1 -3.92 19.60 -9.32
N SER A 2 -3.75 19.00 -10.46
CA SER A 2 -4.91 18.83 -11.40
C SER A 2 -4.89 17.42 -12.00
N HIS A 3 -3.73 16.92 -12.32
CA HIS A 3 -3.65 15.56 -12.92
C HIS A 3 -3.36 14.52 -11.82
N MET A 4 -3.32 13.27 -12.18
CA MET A 4 -3.04 12.22 -11.16
C MET A 4 -2.71 10.89 -11.85
N GLU A 5 -2.39 9.88 -11.09
CA GLU A 5 -2.06 8.56 -11.71
C GLU A 5 -2.12 7.45 -10.64
N GLN A 6 -3.28 7.21 -10.10
CA GLN A 6 -3.41 6.15 -9.06
C GLN A 6 -3.89 4.84 -9.69
N ASP A 7 -3.63 3.73 -9.06
CA ASP A 7 -4.07 2.43 -9.62
C ASP A 7 -4.60 1.52 -8.51
N LEU A 8 -5.63 0.78 -8.77
CA LEU A 8 -6.19 -0.12 -7.72
C LEU A 8 -6.49 -1.51 -8.30
N LYS A 9 -7.24 -1.56 -9.37
CA LYS A 9 -7.55 -2.88 -9.98
C LYS A 9 -6.26 -3.69 -10.18
N THR A 10 -5.14 -3.02 -10.28
CA THR A 10 -3.86 -3.74 -10.46
C THR A 10 -3.18 -3.96 -9.11
N LEU A 11 -1.92 -4.35 -9.12
CA LEU A 11 -1.21 -4.57 -7.83
C LEU A 11 -1.87 -5.72 -7.06
N PRO A 12 -1.13 -6.79 -6.86
CA PRO A 12 -1.67 -7.94 -6.11
C PRO A 12 -2.06 -7.51 -4.69
N THR A 13 -3.22 -7.90 -4.23
CA THR A 13 -3.64 -7.47 -2.86
C THR A 13 -3.14 -8.47 -1.81
N THR A 14 -3.07 -8.03 -0.58
CA THR A 14 -2.60 -8.93 0.51
C THR A 14 -3.62 -8.93 1.65
N LYS A 15 -3.67 -9.97 2.42
CA LYS A 15 -4.66 -10.01 3.54
C LYS A 15 -4.13 -9.20 4.73
N ILE A 16 -4.80 -8.12 5.02
CA ILE A 16 -4.37 -7.27 6.18
C ILE A 16 -5.60 -6.53 6.72
N THR A 17 -5.42 -5.63 7.63
CA THR A 17 -6.62 -4.91 8.16
C THR A 17 -6.49 -3.41 7.95
N CYS A 18 -7.58 -2.70 8.09
CA CYS A 18 -7.54 -1.22 7.88
C CYS A 18 -7.93 -0.49 9.17
N PRO A 19 -7.00 0.22 9.75
CA PRO A 19 -7.27 0.97 11.00
C PRO A 19 -8.25 2.13 10.74
N LYS A 20 -8.69 2.32 9.53
CA LYS A 20 -9.63 3.43 9.23
C LYS A 20 -11.07 2.92 9.11
N CYS A 21 -11.38 2.19 8.08
CA CYS A 21 -12.79 1.70 7.93
C CYS A 21 -12.93 0.28 8.48
N GLY A 22 -11.85 -0.34 8.86
CA GLY A 22 -11.94 -1.72 9.44
C GLY A 22 -11.93 -2.78 8.33
N ASN A 23 -11.59 -2.41 7.13
CA ASN A 23 -11.57 -3.42 6.03
C ASN A 23 -10.72 -4.62 6.45
N ASP A 24 -10.71 -5.66 5.66
CA ASP A 24 -9.90 -6.86 6.04
C ASP A 24 -8.83 -7.15 4.98
N THR A 25 -8.70 -6.29 4.00
CA THR A 25 -7.65 -6.54 2.95
C THR A 25 -7.10 -5.22 2.43
N ALA A 26 -6.01 -5.28 1.73
CA ALA A 26 -5.40 -4.02 1.17
C ALA A 26 -4.41 -4.36 0.04
N TYR A 27 -4.12 -3.43 -0.81
CA TYR A 27 -3.13 -3.69 -1.89
C TYR A 27 -1.74 -3.60 -1.26
N TRP A 28 -0.70 -3.90 -1.97
CA TRP A 28 0.63 -3.79 -1.33
C TRP A 28 1.76 -3.69 -2.35
N TRP A 29 2.73 -2.87 -2.04
CA TRP A 29 3.91 -2.72 -2.92
C TRP A 29 5.08 -2.22 -2.07
N GLU A 30 6.25 -2.15 -2.60
CA GLU A 30 7.40 -1.69 -1.77
C GLU A 30 7.68 -0.21 -2.03
N MET A 31 8.24 0.48 -1.07
CA MET A 31 8.55 1.92 -1.26
C MET A 31 9.85 2.28 -0.54
N GLN A 32 10.97 2.12 -1.20
CA GLN A 32 12.27 2.43 -0.54
C GLN A 32 12.53 3.94 -0.58
N THR A 33 13.19 4.45 0.43
CA THR A 33 13.49 5.92 0.46
C THR A 33 14.99 6.14 0.67
N ARG A 34 15.36 7.10 1.46
CA ARG A 34 16.82 7.36 1.70
C ARG A 34 17.33 6.49 2.85
N ALA A 35 17.29 7.00 4.05
CA ALA A 35 17.77 6.20 5.21
C ALA A 35 17.62 7.00 6.51
N GLY A 36 16.57 6.75 7.25
CA GLY A 36 16.36 7.50 8.52
C GLY A 36 15.09 7.01 9.21
N ASP A 37 14.75 5.76 9.04
CA ASP A 37 13.51 5.23 9.68
C ASP A 37 13.35 3.74 9.35
N GLU A 38 13.25 3.40 8.09
CA GLU A 38 13.09 1.97 7.71
C GLU A 38 13.39 1.79 6.23
N PRO A 39 14.55 1.25 5.93
CA PRO A 39 14.95 1.04 4.51
C PRO A 39 13.96 0.11 3.81
N SER A 40 13.50 0.50 2.65
CA SER A 40 12.54 -0.36 1.90
C SER A 40 11.30 -0.62 2.76
N THR A 41 10.22 0.07 2.51
CA THR A 41 8.98 -0.15 3.31
C THR A 41 7.83 -0.56 2.37
N ILE A 42 6.86 -1.25 2.87
CA ILE A 42 5.73 -1.68 2.00
C ILE A 42 4.44 -0.95 2.39
N PHE A 43 3.82 -0.26 1.48
CA PHE A 43 2.56 0.44 1.81
C PHE A 43 1.38 -0.47 1.52
N TYR A 44 0.39 -0.45 2.38
CA TYR A 44 -0.78 -1.35 2.17
C TYR A 44 -2.05 -0.53 1.97
N LYS A 45 -2.58 -0.50 0.78
CA LYS A 45 -3.85 0.27 0.57
C LYS A 45 -5.06 -0.63 0.78
N CYS A 46 -5.79 -0.40 1.84
CA CYS A 46 -7.00 -1.24 2.12
C CYS A 46 -7.88 -1.32 0.86
N THR A 47 -8.59 -2.41 0.70
CA THR A 47 -9.46 -2.55 -0.51
C THR A 47 -10.90 -2.24 -0.15
N LYS A 48 -11.13 -1.14 0.52
CA LYS A 48 -12.53 -0.77 0.89
C LYS A 48 -12.69 0.75 0.86
N CYS A 49 -12.08 1.44 1.79
CA CYS A 49 -12.19 2.92 1.82
C CYS A 49 -11.07 3.55 1.00
N GLY A 50 -10.00 2.83 0.80
CA GLY A 50 -8.87 3.38 0.01
C GLY A 50 -7.88 4.07 0.92
N HIS A 51 -7.41 3.40 1.95
CA HIS A 51 -6.43 4.04 2.88
C HIS A 51 -5.15 3.21 2.84
N THR A 52 -4.02 3.82 3.03
CA THR A 52 -2.77 3.03 2.98
C THR A 52 -1.77 3.47 4.06
N TRP A 53 -1.08 2.52 4.63
CA TRP A 53 -0.07 2.84 5.68
C TRP A 53 1.28 2.24 5.27
N ARG A 54 2.11 1.86 6.19
CA ARG A 54 3.43 1.28 5.79
C ARG A 54 3.76 0.06 6.65
N SER A 55 4.55 -0.84 6.13
CA SER A 55 4.93 -2.06 6.90
C SER A 55 6.35 -1.90 7.46
N TYR A 56 7.14 -2.96 7.40
CA TYR A 56 8.52 -2.87 7.92
C TYR A 56 9.42 -3.89 7.22
N GLU A 57 9.08 -4.27 6.02
CA GLU A 57 9.91 -5.25 5.28
C GLU A 57 10.31 -4.69 3.92
N GLY A 1 0.39 17.85 -11.80
CA GLY A 1 0.93 17.96 -10.41
C GLY A 1 1.39 16.58 -9.93
N SER A 2 2.25 15.95 -10.68
CA SER A 2 2.75 14.61 -10.27
C SER A 2 1.58 13.63 -10.13
N HIS A 3 1.55 12.61 -10.96
CA HIS A 3 0.43 11.62 -10.88
C HIS A 3 0.97 10.25 -10.45
N MET A 4 0.29 9.20 -10.81
CA MET A 4 0.75 7.84 -10.41
C MET A 4 1.20 7.06 -11.65
N GLU A 5 2.16 6.19 -11.50
CA GLU A 5 2.64 5.40 -12.67
C GLU A 5 1.94 4.03 -12.70
N GLN A 6 2.24 3.22 -13.68
CA GLN A 6 1.59 1.88 -13.75
C GLN A 6 0.07 2.02 -13.56
N ASP A 7 -0.62 0.92 -13.42
CA ASP A 7 -2.09 0.99 -13.22
C ASP A 7 -2.47 0.42 -11.85
N LEU A 8 -3.64 0.76 -11.37
CA LEU A 8 -4.06 0.23 -10.03
C LEU A 8 -5.20 -0.77 -10.20
N LYS A 9 -5.76 -0.85 -11.38
CA LYS A 9 -6.89 -1.81 -11.60
C LYS A 9 -6.45 -3.22 -11.20
N THR A 10 -5.27 -3.62 -11.60
CA THR A 10 -4.78 -4.98 -11.23
C THR A 10 -3.47 -4.87 -10.44
N LEU A 11 -3.33 -5.63 -9.40
CA LEU A 11 -2.09 -5.57 -8.58
C LEU A 11 -2.13 -6.61 -7.46
N PRO A 12 -1.02 -7.25 -7.22
CA PRO A 12 -0.95 -8.27 -6.15
C PRO A 12 -1.40 -7.68 -4.82
N THR A 13 -2.33 -8.33 -4.15
CA THR A 13 -2.80 -7.79 -2.84
C THR A 13 -2.36 -8.68 -1.68
N THR A 14 -2.65 -8.27 -0.48
CA THR A 14 -2.25 -9.08 0.70
C THR A 14 -3.35 -9.01 1.77
N LYS A 15 -3.50 -10.05 2.54
CA LYS A 15 -4.55 -10.04 3.60
C LYS A 15 -4.06 -9.22 4.80
N ILE A 16 -4.74 -8.15 5.10
CA ILE A 16 -4.32 -7.30 6.24
C ILE A 16 -5.56 -6.60 6.80
N THR A 17 -5.39 -5.64 7.67
CA THR A 17 -6.60 -4.96 8.20
C THR A 17 -6.52 -3.44 8.00
N CYS A 18 -7.62 -2.77 8.18
CA CYS A 18 -7.64 -1.29 7.98
C CYS A 18 -8.08 -0.56 9.27
N PRO A 19 -7.18 0.19 9.84
CA PRO A 19 -7.51 0.95 11.08
C PRO A 19 -8.48 2.10 10.81
N LYS A 20 -8.94 2.24 9.58
CA LYS A 20 -9.88 3.36 9.27
C LYS A 20 -11.32 2.87 9.11
N CYS A 21 -11.60 2.21 8.01
CA CYS A 21 -13.00 1.74 7.78
C CYS A 21 -13.22 0.36 8.41
N GLY A 22 -12.18 -0.37 8.69
CA GLY A 22 -12.36 -1.71 9.31
C GLY A 22 -12.30 -2.80 8.24
N ASN A 23 -11.76 -2.49 7.09
CA ASN A 23 -11.66 -3.53 6.01
C ASN A 23 -10.79 -4.69 6.47
N ASP A 24 -10.68 -5.73 5.69
CA ASP A 24 -9.83 -6.89 6.10
C ASP A 24 -8.78 -7.18 5.03
N THR A 25 -8.62 -6.32 4.06
CA THR A 25 -7.60 -6.57 3.02
C THR A 25 -7.05 -5.24 2.48
N ALA A 26 -5.95 -5.29 1.78
CA ALA A 26 -5.36 -4.04 1.23
C ALA A 26 -4.35 -4.38 0.12
N TYR A 27 -4.13 -3.49 -0.81
CA TYR A 27 -3.13 -3.77 -1.87
C TYR A 27 -1.74 -3.51 -1.28
N TRP A 28 -0.69 -3.97 -1.89
CA TRP A 28 0.64 -3.72 -1.27
C TRP A 28 1.76 -3.62 -2.32
N TRP A 29 2.73 -2.82 -2.02
CA TRP A 29 3.91 -2.66 -2.91
C TRP A 29 5.09 -2.17 -2.07
N GLU A 30 6.25 -2.12 -2.63
CA GLU A 30 7.42 -1.66 -1.81
C GLU A 30 7.87 -0.27 -2.26
N MET A 31 8.30 0.55 -1.34
CA MET A 31 8.75 1.92 -1.71
C MET A 31 10.28 1.95 -1.80
N GLN A 32 10.86 3.13 -1.83
CA GLN A 32 12.34 3.24 -1.91
C GLN A 32 12.80 4.60 -1.39
N THR A 33 12.93 4.75 -0.10
CA THR A 33 13.37 6.05 0.46
C THR A 33 14.77 5.92 1.07
N ARG A 34 14.99 6.52 2.20
CA ARG A 34 16.34 6.42 2.84
C ARG A 34 16.26 5.57 4.11
N ALA A 35 15.97 6.17 5.23
CA ALA A 35 15.89 5.39 6.50
C ALA A 35 17.09 4.46 6.62
N GLY A 36 18.13 4.89 7.28
CA GLY A 36 19.33 4.03 7.44
C GLY A 36 18.97 2.80 8.27
N ASP A 37 17.83 2.79 8.88
CA ASP A 37 17.43 1.61 9.70
C ASP A 37 16.75 0.55 8.84
N GLU A 38 15.62 0.85 8.27
CA GLU A 38 14.92 -0.14 7.40
C GLU A 38 14.59 0.48 6.04
N PRO A 39 15.56 0.48 5.17
CA PRO A 39 15.37 1.05 3.81
C PRO A 39 14.27 0.27 3.06
N SER A 40 13.64 0.90 2.10
CA SER A 40 12.57 0.20 1.34
C SER A 40 11.41 -0.16 2.28
N THR A 41 10.27 0.44 2.09
CA THR A 41 9.11 0.13 2.98
C THR A 41 7.92 -0.34 2.14
N ILE A 42 7.09 -1.19 2.69
CA ILE A 42 5.91 -1.69 1.92
C ILE A 42 4.64 -0.97 2.38
N PHE A 43 3.92 -0.38 1.47
CA PHE A 43 2.66 0.32 1.86
C PHE A 43 1.46 -0.60 1.61
N TYR A 44 0.42 -0.46 2.38
CA TYR A 44 -0.77 -1.35 2.19
C TYR A 44 -2.04 -0.52 1.99
N LYS A 45 -2.59 -0.52 0.80
CA LYS A 45 -3.85 0.25 0.58
C LYS A 45 -5.08 -0.65 0.78
N CYS A 46 -5.81 -0.42 1.83
CA CYS A 46 -7.02 -1.25 2.10
C CYS A 46 -7.90 -1.29 0.84
N THR A 47 -8.64 -2.35 0.63
CA THR A 47 -9.51 -2.44 -0.57
C THR A 47 -10.95 -2.06 -0.23
N LYS A 48 -11.14 -0.95 0.42
CA LYS A 48 -12.53 -0.51 0.77
C LYS A 48 -12.61 1.01 0.81
N CYS A 49 -12.05 1.62 1.83
CA CYS A 49 -12.09 3.10 1.92
C CYS A 49 -10.94 3.71 1.12
N GLY A 50 -9.93 2.93 0.83
CA GLY A 50 -8.77 3.44 0.05
C GLY A 50 -7.79 4.13 0.99
N HIS A 51 -7.32 3.44 2.00
CA HIS A 51 -6.34 4.06 2.94
C HIS A 51 -5.05 3.25 2.88
N THR A 52 -3.91 3.88 3.06
CA THR A 52 -2.66 3.09 2.99
C THR A 52 -1.68 3.50 4.08
N TRP A 53 -1.05 2.54 4.69
CA TRP A 53 -0.06 2.85 5.76
C TRP A 53 1.28 2.20 5.41
N ARG A 54 2.09 1.87 6.37
CA ARG A 54 3.40 1.25 6.05
C ARG A 54 3.61 -0.04 6.86
N SER A 55 4.29 -1.00 6.29
CA SER A 55 4.53 -2.27 7.01
C SER A 55 5.82 -2.18 7.83
N TYR A 56 6.79 -1.44 7.36
CA TYR A 56 8.05 -1.31 8.11
C TYR A 56 8.66 -2.67 8.37
N GLU A 57 8.53 -3.59 7.45
CA GLU A 57 9.10 -4.95 7.64
C GLU A 57 10.37 -5.12 6.82
N GLY A 1 -7.23 18.29 -10.31
CA GLY A 1 -6.34 17.12 -10.56
C GLY A 1 -6.80 16.35 -11.78
N SER A 2 -6.98 17.02 -12.89
CA SER A 2 -7.44 16.33 -14.12
C SER A 2 -8.73 15.55 -13.85
N HIS A 3 -9.28 14.93 -14.85
CA HIS A 3 -10.53 14.15 -14.64
C HIS A 3 -10.20 12.69 -14.30
N MET A 4 -10.29 12.33 -13.06
CA MET A 4 -9.97 10.93 -12.67
C MET A 4 -8.51 10.60 -12.99
N GLU A 5 -7.75 10.18 -12.01
CA GLU A 5 -6.32 9.86 -12.25
C GLU A 5 -6.20 8.51 -12.98
N GLN A 6 -5.01 8.01 -13.11
CA GLN A 6 -4.83 6.70 -13.81
C GLN A 6 -4.87 5.55 -12.79
N ASP A 7 -5.07 4.34 -13.25
CA ASP A 7 -5.12 3.19 -12.30
C ASP A 7 -3.79 3.03 -11.58
N LEU A 8 -3.82 2.54 -10.38
CA LEU A 8 -2.54 2.35 -9.62
C LEU A 8 -1.72 1.22 -10.24
N LYS A 9 -1.27 1.41 -11.46
CA LYS A 9 -0.47 0.34 -12.14
C LYS A 9 -1.01 -1.04 -11.78
N THR A 10 -0.14 -2.00 -11.59
CA THR A 10 -0.62 -3.37 -11.25
C THR A 10 0.11 -3.89 -10.00
N LEU A 11 -0.63 -4.39 -9.05
CA LEU A 11 0.02 -4.92 -7.81
C LEU A 11 -0.94 -5.86 -7.07
N PRO A 12 -0.48 -7.02 -6.71
CA PRO A 12 -1.32 -8.00 -6.00
C PRO A 12 -1.77 -7.42 -4.64
N THR A 13 -2.59 -8.12 -3.93
CA THR A 13 -3.06 -7.61 -2.61
C THR A 13 -2.70 -8.59 -1.49
N THR A 14 -2.68 -8.13 -0.28
CA THR A 14 -2.33 -9.03 0.86
C THR A 14 -3.45 -8.99 1.89
N LYS A 15 -3.62 -10.04 2.65
CA LYS A 15 -4.69 -10.04 3.67
C LYS A 15 -4.24 -9.26 4.91
N ILE A 16 -4.73 -8.06 5.06
CA ILE A 16 -4.37 -7.24 6.24
C ILE A 16 -5.58 -6.43 6.66
N THR A 17 -5.55 -5.78 7.78
CA THR A 17 -6.76 -5.01 8.19
C THR A 17 -6.57 -3.51 8.01
N CYS A 18 -7.65 -2.79 8.01
CA CYS A 18 -7.59 -1.31 7.83
C CYS A 18 -8.11 -0.58 9.08
N PRO A 19 -7.22 0.03 9.82
CA PRO A 19 -7.63 0.76 11.04
C PRO A 19 -8.57 1.93 10.70
N LYS A 20 -8.76 2.21 9.44
CA LYS A 20 -9.66 3.32 9.05
C LYS A 20 -11.11 2.86 9.00
N CYS A 21 -11.43 1.95 8.12
CA CYS A 21 -12.84 1.46 8.03
C CYS A 21 -12.94 0.03 8.56
N GLY A 22 -11.83 -0.58 8.91
CA GLY A 22 -11.88 -1.97 9.45
C GLY A 22 -11.82 -2.99 8.31
N ASN A 23 -11.48 -2.55 7.13
CA ASN A 23 -11.40 -3.50 5.98
C ASN A 23 -10.61 -4.74 6.39
N ASP A 24 -10.64 -5.76 5.57
CA ASP A 24 -9.88 -7.00 5.91
C ASP A 24 -8.74 -7.23 4.91
N THR A 25 -8.66 -6.41 3.90
CA THR A 25 -7.56 -6.59 2.92
C THR A 25 -7.04 -5.25 2.40
N ALA A 26 -5.94 -5.27 1.72
CA ALA A 26 -5.37 -4.00 1.17
C ALA A 26 -4.34 -4.31 0.07
N TYR A 27 -4.12 -3.40 -0.84
CA TYR A 27 -3.09 -3.65 -1.90
C TYR A 27 -1.72 -3.40 -1.28
N TRP A 28 -0.72 -4.15 -1.64
CA TRP A 28 0.60 -3.92 -1.01
C TRP A 28 1.73 -3.90 -2.04
N TRP A 29 2.71 -3.08 -1.78
CA TRP A 29 3.89 -2.98 -2.68
C TRP A 29 5.03 -2.35 -1.87
N GLU A 30 6.21 -2.35 -2.38
CA GLU A 30 7.34 -1.77 -1.61
C GLU A 30 7.80 -0.45 -2.24
N MET A 31 8.38 0.43 -1.47
CA MET A 31 8.86 1.73 -2.04
C MET A 31 10.38 1.82 -1.93
N GLN A 32 10.96 2.83 -2.54
CA GLN A 32 12.45 2.97 -2.47
C GLN A 32 12.83 3.86 -1.28
N THR A 33 13.32 3.25 -0.23
CA THR A 33 13.71 4.06 0.98
C THR A 33 15.11 3.64 1.46
N ARG A 34 15.75 2.75 0.76
CA ARG A 34 17.11 2.29 1.19
C ARG A 34 17.93 1.85 -0.03
N ALA A 35 17.68 0.67 -0.51
CA ALA A 35 18.44 0.16 -1.69
C ALA A 35 17.48 -0.16 -2.84
N GLY A 36 16.77 -1.23 -2.75
CA GLY A 36 15.82 -1.60 -3.84
C GLY A 36 15.53 -3.10 -3.79
N ASP A 37 16.55 -3.92 -3.80
CA ASP A 37 16.33 -5.39 -3.76
C ASP A 37 15.99 -5.84 -2.34
N GLU A 38 16.68 -5.31 -1.36
CA GLU A 38 16.40 -5.72 0.04
C GLU A 38 15.10 -5.07 0.53
N PRO A 39 14.58 -5.57 1.63
CA PRO A 39 13.33 -5.03 2.19
C PRO A 39 13.51 -3.55 2.58
N SER A 40 12.50 -2.75 2.43
CA SER A 40 12.63 -1.31 2.78
C SER A 40 11.31 -0.79 3.37
N THR A 41 10.35 -0.50 2.54
CA THR A 41 9.04 0.01 3.06
C THR A 41 7.89 -0.49 2.19
N ILE A 42 6.86 -1.02 2.80
CA ILE A 42 5.72 -1.54 2.00
C ILE A 42 4.45 -0.75 2.33
N PHE A 43 3.82 -0.17 1.34
CA PHE A 43 2.57 0.59 1.63
C PHE A 43 1.36 -0.32 1.42
N TYR A 44 0.44 -0.31 2.35
CA TYR A 44 -0.75 -1.19 2.23
C TYR A 44 -2.01 -0.36 1.95
N LYS A 45 -2.60 -0.52 0.80
CA LYS A 45 -3.83 0.27 0.50
C LYS A 45 -5.08 -0.58 0.72
N CYS A 46 -5.81 -0.30 1.75
CA CYS A 46 -7.06 -1.07 2.02
C CYS A 46 -7.91 -1.14 0.75
N THR A 47 -8.62 -2.21 0.54
CA THR A 47 -9.45 -2.33 -0.68
C THR A 47 -10.91 -2.02 -0.38
N LYS A 48 -11.17 -0.89 0.22
CA LYS A 48 -12.59 -0.52 0.54
C LYS A 48 -12.73 0.99 0.69
N CYS A 49 -12.00 1.58 1.60
CA CYS A 49 -12.11 3.06 1.78
C CYS A 49 -10.92 3.78 1.15
N GLY A 50 -9.86 3.06 0.90
CA GLY A 50 -8.67 3.70 0.27
C GLY A 50 -7.68 4.12 1.37
N HIS A 51 -7.53 3.32 2.40
CA HIS A 51 -6.58 3.70 3.48
C HIS A 51 -5.18 3.20 3.09
N THR A 52 -4.16 3.98 3.34
CA THR A 52 -2.80 3.53 2.96
C THR A 52 -1.78 3.85 4.05
N TRP A 53 -1.17 2.85 4.62
CA TRP A 53 -0.15 3.09 5.67
C TRP A 53 1.17 2.42 5.28
N ARG A 54 2.00 2.07 6.22
CA ARG A 54 3.29 1.42 5.85
C ARG A 54 3.49 0.12 6.63
N SER A 55 4.42 -0.69 6.21
CA SER A 55 4.67 -1.98 6.90
C SER A 55 6.00 -1.92 7.68
N TYR A 56 6.56 -0.74 7.82
CA TYR A 56 7.85 -0.62 8.56
C TYR A 56 7.83 -1.49 9.82
N GLU A 57 8.84 -2.28 10.00
CA GLU A 57 8.88 -3.18 11.21
C GLU A 57 10.34 -3.41 11.64
N GLY A 1 3.55 7.83 -18.73
CA GLY A 1 2.79 9.08 -18.46
C GLY A 1 1.38 8.95 -19.05
N SER A 2 0.38 9.15 -18.23
CA SER A 2 -1.02 9.04 -18.74
C SER A 2 -1.74 10.38 -18.59
N HIS A 3 -3.04 10.38 -18.63
CA HIS A 3 -3.80 11.65 -18.49
C HIS A 3 -4.29 11.82 -17.05
N MET A 4 -3.40 11.93 -16.12
CA MET A 4 -3.81 12.10 -14.69
C MET A 4 -4.85 11.04 -14.33
N GLU A 5 -4.42 9.82 -14.17
CA GLU A 5 -5.38 8.74 -13.81
C GLU A 5 -5.29 8.42 -12.30
N GLN A 6 -4.16 8.68 -11.70
CA GLN A 6 -4.02 8.39 -10.24
C GLN A 6 -4.59 7.00 -9.93
N ASP A 7 -3.97 5.97 -10.42
CA ASP A 7 -4.49 4.59 -10.16
C ASP A 7 -3.34 3.68 -9.71
N LEU A 8 -2.42 4.19 -8.94
CA LEU A 8 -1.29 3.34 -8.47
C LEU A 8 -0.55 2.73 -9.66
N LYS A 9 0.48 1.96 -9.41
CA LYS A 9 1.23 1.33 -10.53
C LYS A 9 0.82 -0.13 -10.69
N THR A 10 -0.43 -0.41 -10.50
CA THR A 10 -0.91 -1.82 -10.63
C THR A 10 -0.18 -2.72 -9.64
N LEU A 11 -0.91 -3.54 -8.93
CA LEU A 11 -0.26 -4.45 -7.94
C LEU A 11 -1.30 -5.39 -7.32
N PRO A 12 -0.90 -6.59 -7.02
CA PRO A 12 -1.81 -7.59 -6.41
C PRO A 12 -2.29 -7.09 -5.04
N THR A 13 -2.81 -7.97 -4.23
CA THR A 13 -3.30 -7.54 -2.89
C THR A 13 -2.83 -8.51 -1.81
N THR A 14 -2.93 -8.12 -0.57
CA THR A 14 -2.51 -9.01 0.55
C THR A 14 -3.56 -8.99 1.65
N LYS A 15 -3.59 -9.98 2.49
CA LYS A 15 -4.61 -9.98 3.58
C LYS A 15 -4.10 -9.17 4.77
N ILE A 16 -4.76 -8.09 5.06
CA ILE A 16 -4.34 -7.23 6.20
C ILE A 16 -5.58 -6.52 6.75
N THR A 17 -5.42 -5.59 7.65
CA THR A 17 -6.62 -4.90 8.18
C THR A 17 -6.53 -3.39 7.96
N CYS A 18 -7.60 -2.69 8.20
CA CYS A 18 -7.61 -1.22 7.99
C CYS A 18 -8.10 -0.48 9.24
N PRO A 19 -7.22 0.24 9.88
CA PRO A 19 -7.60 1.00 11.09
C PRO A 19 -8.57 2.14 10.71
N LYS A 20 -8.81 2.33 9.45
CA LYS A 20 -9.73 3.42 9.02
C LYS A 20 -11.19 2.92 8.95
N CYS A 21 -11.48 2.01 8.07
CA CYS A 21 -12.87 1.50 7.97
C CYS A 21 -12.99 0.09 8.57
N GLY A 22 -11.88 -0.53 8.88
CA GLY A 22 -11.93 -1.89 9.49
C GLY A 22 -11.94 -2.97 8.41
N ASN A 23 -11.60 -2.62 7.20
CA ASN A 23 -11.59 -3.64 6.11
C ASN A 23 -10.69 -4.81 6.51
N ASP A 24 -10.64 -5.84 5.71
CA ASP A 24 -9.78 -7.00 6.05
C ASP A 24 -8.75 -7.25 4.94
N THR A 25 -8.58 -6.32 4.04
CA THR A 25 -7.59 -6.52 2.95
C THR A 25 -7.07 -5.18 2.43
N ALA A 26 -5.97 -5.21 1.72
CA ALA A 26 -5.41 -3.95 1.16
C ALA A 26 -4.40 -4.27 0.04
N TYR A 27 -4.21 -3.35 -0.88
CA TYR A 27 -3.22 -3.60 -1.96
C TYR A 27 -1.83 -3.33 -1.38
N TRP A 28 -0.82 -3.99 -1.85
CA TRP A 28 0.52 -3.74 -1.24
C TRP A 28 1.64 -3.67 -2.27
N TRP A 29 2.63 -2.89 -1.96
CA TRP A 29 3.81 -2.76 -2.85
C TRP A 29 4.98 -2.25 -2.00
N GLU A 30 6.17 -2.23 -2.51
CA GLU A 30 7.32 -1.76 -1.69
C GLU A 30 7.90 -0.48 -2.29
N MET A 31 8.56 0.32 -1.49
CA MET A 31 9.16 1.57 -2.02
C MET A 31 10.68 1.42 -2.14
N GLN A 32 11.28 2.07 -3.10
CA GLN A 32 12.76 1.97 -3.25
C GLN A 32 13.45 3.16 -2.61
N THR A 33 14.44 2.92 -1.80
CA THR A 33 15.16 4.05 -1.14
C THR A 33 16.68 3.88 -1.31
N ARG A 34 17.46 4.69 -0.65
CA ARG A 34 18.94 4.56 -0.78
C ARG A 34 19.59 4.41 0.60
N ALA A 35 20.04 5.50 1.18
CA ALA A 35 20.68 5.41 2.52
C ALA A 35 21.71 4.26 2.54
N GLY A 36 22.30 4.01 3.68
CA GLY A 36 23.31 2.91 3.74
C GLY A 36 22.61 1.57 3.54
N ASP A 37 22.09 1.32 2.37
CA ASP A 37 21.40 0.02 2.12
C ASP A 37 20.27 -0.17 3.13
N GLU A 38 19.58 0.87 3.47
CA GLU A 38 18.47 0.75 4.46
C GLU A 38 17.34 -0.11 3.89
N PRO A 39 16.62 -0.76 4.77
CA PRO A 39 15.49 -1.61 4.36
C PRO A 39 14.41 -0.76 3.68
N SER A 40 13.51 -1.39 2.98
CA SER A 40 12.43 -0.62 2.29
C SER A 40 11.10 -0.78 3.04
N THR A 41 10.20 0.15 2.87
CA THR A 41 8.89 0.05 3.58
C THR A 41 7.77 -0.31 2.60
N ILE A 42 6.87 -1.15 3.00
CA ILE A 42 5.75 -1.54 2.09
C ILE A 42 4.48 -0.78 2.46
N PHE A 43 3.81 -0.20 1.51
CA PHE A 43 2.56 0.54 1.81
C PHE A 43 1.36 -0.38 1.54
N TYR A 44 0.39 -0.37 2.41
CA TYR A 44 -0.80 -1.25 2.22
C TYR A 44 -2.06 -0.42 2.01
N LYS A 45 -2.59 -0.40 0.82
CA LYS A 45 -3.84 0.37 0.59
C LYS A 45 -5.07 -0.52 0.77
N CYS A 46 -5.79 -0.35 1.85
CA CYS A 46 -7.01 -1.18 2.09
C CYS A 46 -7.89 -1.20 0.84
N THR A 47 -8.45 -2.34 0.53
CA THR A 47 -9.32 -2.45 -0.68
C THR A 47 -10.77 -2.14 -0.31
N LYS A 48 -11.01 -1.05 0.36
CA LYS A 48 -12.42 -0.70 0.74
C LYS A 48 -12.59 0.82 0.78
N CYS A 49 -12.04 1.46 1.77
CA CYS A 49 -12.19 2.94 1.87
C CYS A 49 -11.05 3.63 1.12
N GLY A 50 -10.01 2.90 0.81
CA GLY A 50 -8.87 3.51 0.08
C GLY A 50 -7.89 4.16 1.07
N HIS A 51 -7.45 3.43 2.06
CA HIS A 51 -6.49 4.00 3.04
C HIS A 51 -5.18 3.23 2.94
N THR A 52 -4.07 3.88 3.14
CA THR A 52 -2.78 3.13 3.05
C THR A 52 -1.80 3.57 4.13
N TRP A 53 -1.10 2.61 4.69
CA TRP A 53 -0.10 2.93 5.74
C TRP A 53 1.24 2.31 5.34
N ARG A 54 2.07 1.92 6.27
CA ARG A 54 3.37 1.32 5.88
C ARG A 54 3.63 0.02 6.65
N SER A 55 4.50 -0.82 6.14
CA SER A 55 4.79 -2.11 6.82
C SER A 55 6.20 -2.07 7.42
N TYR A 56 6.47 -1.15 8.31
CA TYR A 56 7.84 -1.08 8.91
C TYR A 56 8.13 -2.36 9.70
N GLU A 57 9.24 -3.00 9.43
CA GLU A 57 9.58 -4.25 10.15
C GLU A 57 11.09 -4.45 10.18
N GLY A 1 0.23 14.00 -23.35
CA GLY A 1 0.79 14.31 -22.00
C GLY A 1 1.59 13.13 -21.47
N SER A 2 2.33 13.31 -20.41
CA SER A 2 3.12 12.18 -19.86
C SER A 2 3.73 12.58 -18.51
N HIS A 3 2.91 13.02 -17.59
CA HIS A 3 3.45 13.42 -16.26
C HIS A 3 3.30 12.27 -15.26
N MET A 4 3.06 11.08 -15.73
CA MET A 4 2.90 9.93 -14.80
C MET A 4 2.75 8.62 -15.60
N GLU A 5 2.58 7.52 -14.92
CA GLU A 5 2.43 6.21 -15.63
C GLU A 5 2.22 5.08 -14.61
N GLN A 6 1.15 5.14 -13.87
CA GLN A 6 0.89 4.07 -12.87
C GLN A 6 -0.40 3.31 -13.22
N ASP A 7 -0.37 2.00 -13.15
CA ASP A 7 -1.58 1.21 -13.47
C ASP A 7 -2.13 0.54 -12.21
N LEU A 8 -2.84 1.27 -11.40
CA LEU A 8 -3.39 0.68 -10.14
C LEU A 8 -4.45 -0.37 -10.48
N LYS A 9 -5.01 -0.32 -11.66
CA LYS A 9 -6.04 -1.31 -12.05
C LYS A 9 -5.57 -2.73 -11.71
N THR A 10 -4.39 -3.08 -12.13
CA THR A 10 -3.88 -4.46 -11.84
C THR A 10 -2.80 -4.39 -10.76
N LEU A 11 -2.89 -5.23 -9.76
CA LEU A 11 -1.87 -5.22 -8.68
C LEU A 11 -2.18 -6.32 -7.65
N PRO A 12 -1.18 -7.06 -7.25
CA PRO A 12 -1.37 -8.13 -6.24
C PRO A 12 -1.81 -7.54 -4.90
N THR A 13 -2.65 -8.23 -4.19
CA THR A 13 -3.12 -7.72 -2.87
C THR A 13 -2.71 -8.67 -1.75
N THR A 14 -2.87 -8.27 -0.53
CA THR A 14 -2.50 -9.15 0.61
C THR A 14 -3.56 -9.08 1.70
N LYS A 15 -3.68 -10.10 2.50
CA LYS A 15 -4.70 -10.08 3.58
C LYS A 15 -4.18 -9.28 4.78
N ILE A 16 -4.86 -8.21 5.11
CA ILE A 16 -4.44 -7.36 6.25
C ILE A 16 -5.67 -6.60 6.75
N THR A 17 -5.51 -5.66 7.63
CA THR A 17 -6.71 -4.92 8.11
C THR A 17 -6.55 -3.42 7.86
N CYS A 18 -7.59 -2.67 8.14
CA CYS A 18 -7.54 -1.21 7.92
C CYS A 18 -8.06 -0.44 9.14
N PRO A 19 -7.17 0.26 9.81
CA PRO A 19 -7.57 1.04 11.01
C PRO A 19 -8.52 2.19 10.62
N LYS A 20 -8.75 2.40 9.35
CA LYS A 20 -9.66 3.50 8.93
C LYS A 20 -11.11 3.03 8.89
N CYS A 21 -11.43 2.12 8.02
CA CYS A 21 -12.84 1.64 7.93
C CYS A 21 -12.97 0.26 8.59
N GLY A 22 -11.90 -0.47 8.71
CA GLY A 22 -11.97 -1.81 9.35
C GLY A 22 -12.01 -2.91 8.29
N ASN A 23 -11.58 -2.62 7.10
CA ASN A 23 -11.60 -3.66 6.03
C ASN A 23 -10.70 -4.84 6.43
N ASP A 24 -10.74 -5.90 5.67
CA ASP A 24 -9.89 -7.07 6.02
C ASP A 24 -8.83 -7.32 4.93
N THR A 25 -8.62 -6.37 4.07
CA THR A 25 -7.59 -6.57 3.01
C THR A 25 -7.08 -5.23 2.48
N ALA A 26 -5.97 -5.26 1.78
CA ALA A 26 -5.40 -4.01 1.22
C ALA A 26 -4.39 -4.34 0.11
N TYR A 27 -4.16 -3.43 -0.81
CA TYR A 27 -3.15 -3.71 -1.87
C TYR A 27 -1.77 -3.46 -1.26
N TRP A 28 -0.74 -4.10 -1.75
CA TRP A 28 0.58 -3.87 -1.12
C TRP A 28 1.71 -3.77 -2.16
N TRP A 29 2.68 -2.96 -1.84
CA TRP A 29 3.87 -2.79 -2.74
C TRP A 29 5.02 -2.22 -1.91
N GLU A 30 6.20 -2.16 -2.45
CA GLU A 30 7.33 -1.62 -1.66
C GLU A 30 7.67 -0.20 -2.13
N MET A 31 8.33 0.57 -1.31
CA MET A 31 8.68 1.96 -1.71
C MET A 31 10.12 2.28 -1.30
N GLN A 32 10.97 2.58 -2.25
CA GLN A 32 12.38 2.89 -1.90
C GLN A 32 12.53 4.37 -1.56
N THR A 33 12.31 4.72 -0.33
CA THR A 33 12.43 6.16 0.08
C THR A 33 12.76 6.25 1.57
N ARG A 34 13.72 5.48 2.03
CA ARG A 34 14.09 5.53 3.47
C ARG A 34 15.57 5.89 3.63
N ALA A 35 16.03 6.02 4.84
CA ALA A 35 17.47 6.37 5.06
C ALA A 35 18.08 5.46 6.12
N GLY A 36 17.65 5.58 7.34
CA GLY A 36 18.21 4.72 8.43
C GLY A 36 17.10 4.34 9.41
N ASP A 37 16.32 3.35 9.07
CA ASP A 37 15.22 2.92 9.98
C ASP A 37 14.54 1.67 9.43
N GLU A 38 14.00 1.75 8.24
CA GLU A 38 13.32 0.57 7.64
C GLU A 38 13.51 0.57 6.12
N PRO A 39 14.58 -0.06 5.68
CA PRO A 39 14.87 -0.12 4.22
C PRO A 39 13.73 -0.82 3.47
N SER A 40 13.37 -0.31 2.32
CA SER A 40 12.28 -0.94 1.54
C SER A 40 11.00 -1.01 2.37
N THR A 41 10.29 0.08 2.48
CA THR A 41 9.02 0.08 3.27
C THR A 41 7.85 -0.32 2.38
N ILE A 42 7.00 -1.20 2.85
CA ILE A 42 5.84 -1.63 2.03
C ILE A 42 4.57 -0.90 2.48
N PHE A 43 3.85 -0.31 1.55
CA PHE A 43 2.60 0.40 1.93
C PHE A 43 1.39 -0.48 1.59
N TYR A 44 0.44 -0.54 2.48
CA TYR A 44 -0.77 -1.39 2.20
C TYR A 44 -2.01 -0.52 2.01
N LYS A 45 -2.60 -0.54 0.84
CA LYS A 45 -3.83 0.27 0.62
C LYS A 45 -5.08 -0.60 0.81
N CYS A 46 -5.82 -0.35 1.86
CA CYS A 46 -7.05 -1.14 2.11
C CYS A 46 -7.90 -1.18 0.83
N THR A 47 -8.58 -2.26 0.59
CA THR A 47 -9.42 -2.37 -0.64
C THR A 47 -10.88 -2.01 -0.33
N LYS A 48 -11.10 -0.97 0.41
CA LYS A 48 -12.51 -0.58 0.74
C LYS A 48 -12.63 0.95 0.79
N CYS A 49 -12.11 1.56 1.82
CA CYS A 49 -12.19 3.04 1.92
C CYS A 49 -11.04 3.69 1.15
N GLY A 50 -10.03 2.92 0.84
CA GLY A 50 -8.87 3.50 0.10
C GLY A 50 -7.90 4.16 1.06
N HIS A 51 -7.45 3.44 2.06
CA HIS A 51 -6.47 4.03 3.01
C HIS A 51 -5.17 3.25 2.92
N THR A 52 -4.05 3.86 3.20
CA THR A 52 -2.79 3.08 3.10
C THR A 52 -1.77 3.52 4.15
N TRP A 53 -1.05 2.58 4.68
CA TRP A 53 -0.01 2.90 5.70
C TRP A 53 1.31 2.27 5.26
N ARG A 54 2.15 1.88 6.17
CA ARG A 54 3.46 1.27 5.75
C ARG A 54 3.77 0.01 6.55
N SER A 55 4.69 -0.79 6.06
CA SER A 55 5.06 -2.04 6.77
C SER A 55 6.57 -2.08 7.01
N TYR A 56 7.01 -2.81 8.00
CA TYR A 56 8.47 -2.90 8.28
C TYR A 56 8.99 -4.29 7.93
N GLU A 57 10.28 -4.48 8.00
CA GLU A 57 10.84 -5.82 7.68
C GLU A 57 11.19 -6.58 8.96
N GLY A 1 6.59 16.78 -17.25
CA GLY A 1 5.99 15.69 -16.42
C GLY A 1 6.09 16.04 -14.94
N SER A 2 5.03 16.52 -14.36
CA SER A 2 5.07 16.88 -12.92
C SER A 2 4.24 15.89 -12.09
N HIS A 3 3.23 15.32 -12.68
CA HIS A 3 2.39 14.34 -11.92
C HIS A 3 2.77 12.91 -12.32
N MET A 4 3.44 12.75 -13.42
CA MET A 4 3.85 11.37 -13.86
C MET A 4 2.60 10.52 -14.13
N GLU A 5 2.78 9.34 -14.64
CA GLU A 5 1.61 8.47 -14.94
C GLU A 5 1.52 7.34 -13.91
N GLN A 6 0.33 6.97 -13.53
CA GLN A 6 0.16 5.88 -12.54
C GLN A 6 -0.82 4.83 -13.06
N ASP A 7 -0.97 3.73 -12.35
CA ASP A 7 -1.91 2.67 -12.81
C ASP A 7 -2.57 2.00 -11.61
N LEU A 8 -3.71 2.48 -11.19
CA LEU A 8 -4.40 1.87 -10.02
C LEU A 8 -5.53 0.95 -10.49
N LYS A 9 -5.34 0.30 -11.60
CA LYS A 9 -6.39 -0.62 -12.11
C LYS A 9 -5.99 -2.07 -11.87
N THR A 10 -4.74 -2.31 -11.58
CA THR A 10 -4.28 -3.71 -11.32
C THR A 10 -3.13 -3.72 -10.32
N LEU A 11 -3.18 -4.60 -9.35
CA LEU A 11 -2.08 -4.64 -8.33
C LEU A 11 -2.30 -5.82 -7.37
N PRO A 12 -1.23 -6.50 -7.04
CA PRO A 12 -1.33 -7.66 -6.11
C PRO A 12 -1.86 -7.20 -4.76
N THR A 13 -2.67 -8.00 -4.11
CA THR A 13 -3.23 -7.59 -2.79
C THR A 13 -2.78 -8.56 -1.69
N THR A 14 -2.83 -8.14 -0.47
CA THR A 14 -2.43 -9.02 0.66
C THR A 14 -3.50 -9.00 1.74
N LYS A 15 -3.60 -10.05 2.51
CA LYS A 15 -4.64 -10.07 3.58
C LYS A 15 -4.15 -9.27 4.79
N ILE A 16 -4.82 -8.19 5.08
CA ILE A 16 -4.42 -7.34 6.23
C ILE A 16 -5.65 -6.63 6.77
N THR A 17 -5.49 -5.67 7.63
CA THR A 17 -6.68 -4.95 8.14
C THR A 17 -6.55 -3.45 7.95
N CYS A 18 -7.62 -2.73 8.17
CA CYS A 18 -7.58 -1.25 7.98
C CYS A 18 -8.14 -0.55 9.22
N PRO A 19 -7.27 0.11 9.96
CA PRO A 19 -7.70 0.84 11.18
C PRO A 19 -8.64 2.00 10.82
N LYS A 20 -8.84 2.26 9.56
CA LYS A 20 -9.73 3.39 9.17
C LYS A 20 -11.18 2.91 9.07
N CYS A 21 -11.48 2.05 8.14
CA CYS A 21 -12.88 1.57 8.00
C CYS A 21 -13.03 0.14 8.56
N GLY A 22 -11.96 -0.60 8.64
CA GLY A 22 -12.06 -1.98 9.20
C GLY A 22 -11.98 -3.02 8.07
N ASN A 23 -11.52 -2.62 6.91
CA ASN A 23 -11.42 -3.58 5.78
C ASN A 23 -10.48 -4.73 6.17
N ASP A 24 -10.79 -5.92 5.74
CA ASP A 24 -9.92 -7.08 6.09
C ASP A 24 -8.85 -7.32 5.01
N THR A 25 -8.71 -6.41 4.09
CA THR A 25 -7.68 -6.60 3.03
C THR A 25 -7.15 -5.25 2.53
N ALA A 26 -6.05 -5.28 1.84
CA ALA A 26 -5.45 -4.03 1.30
C ALA A 26 -4.43 -4.36 0.20
N TYR A 27 -4.16 -3.45 -0.70
CA TYR A 27 -3.16 -3.74 -1.75
C TYR A 27 -1.77 -3.56 -1.13
N TRP A 28 -0.73 -4.00 -1.79
CA TRP A 28 0.62 -3.82 -1.16
C TRP A 28 1.73 -3.77 -2.20
N TRP A 29 2.71 -2.94 -1.94
CA TRP A 29 3.87 -2.83 -2.86
C TRP A 29 5.07 -2.37 -2.03
N GLU A 30 6.23 -2.29 -2.62
CA GLU A 30 7.42 -1.86 -1.83
C GLU A 30 7.92 -0.49 -2.30
N MET A 31 8.58 0.24 -1.44
CA MET A 31 9.08 1.58 -1.84
C MET A 31 10.56 1.72 -1.47
N GLN A 32 11.44 1.53 -2.42
CA GLN A 32 12.91 1.65 -2.12
C GLN A 32 13.34 3.11 -2.24
N THR A 33 13.47 3.79 -1.14
CA THR A 33 13.89 5.22 -1.18
C THR A 33 14.69 5.57 0.07
N ARG A 34 14.31 5.05 1.20
CA ARG A 34 15.06 5.36 2.45
C ARG A 34 15.29 4.08 3.26
N ALA A 35 15.84 4.21 4.45
CA ALA A 35 16.09 3.00 5.28
C ALA A 35 15.83 3.32 6.75
N GLY A 36 16.65 4.13 7.35
CA GLY A 36 16.44 4.48 8.78
C GLY A 36 16.59 3.23 9.65
N ASP A 37 15.52 2.50 9.84
CA ASP A 37 15.60 1.27 10.67
C ASP A 37 15.27 0.04 9.81
N GLU A 38 14.02 -0.15 9.48
CA GLU A 38 13.64 -1.32 8.65
C GLU A 38 14.05 -1.10 7.19
N PRO A 39 14.62 -2.11 6.57
CA PRO A 39 15.06 -2.00 5.18
C PRO A 39 13.88 -1.73 4.24
N SER A 40 13.99 -0.74 3.40
CA SER A 40 12.87 -0.42 2.46
C SER A 40 11.56 -0.23 3.23
N THR A 41 10.46 -0.16 2.54
CA THR A 41 9.15 0.02 3.23
C THR A 41 8.00 -0.42 2.31
N ILE A 42 7.01 -1.06 2.85
CA ILE A 42 5.86 -1.51 2.01
C ILE A 42 4.58 -0.79 2.43
N PHE A 43 3.92 -0.16 1.50
CA PHE A 43 2.65 0.54 1.85
C PHE A 43 1.46 -0.37 1.54
N TYR A 44 0.47 -0.36 2.37
CA TYR A 44 -0.72 -1.24 2.13
C TYR A 44 -1.96 -0.38 1.88
N LYS A 45 -2.60 -0.57 0.76
CA LYS A 45 -3.84 0.24 0.50
C LYS A 45 -5.10 -0.61 0.73
N CYS A 46 -5.82 -0.33 1.77
CA CYS A 46 -7.06 -1.09 2.06
C CYS A 46 -7.95 -1.13 0.80
N THR A 47 -8.57 -2.24 0.52
CA THR A 47 -9.43 -2.34 -0.69
C THR A 47 -10.88 -2.01 -0.34
N LYS A 48 -11.10 -0.92 0.37
CA LYS A 48 -12.49 -0.54 0.73
C LYS A 48 -12.62 0.98 0.81
N CYS A 49 -12.02 1.58 1.79
CA CYS A 49 -12.11 3.06 1.92
C CYS A 49 -10.92 3.73 1.23
N GLY A 50 -9.90 2.97 0.92
CA GLY A 50 -8.72 3.56 0.24
C GLY A 50 -7.72 4.04 1.30
N HIS A 51 -7.55 3.30 2.36
CA HIS A 51 -6.57 3.73 3.41
C HIS A 51 -5.19 3.23 3.02
N THR A 52 -4.17 3.99 3.29
CA THR A 52 -2.81 3.54 2.90
C THR A 52 -1.79 3.89 3.99
N TRP A 53 -1.19 2.89 4.58
CA TRP A 53 -0.17 3.15 5.63
C TRP A 53 1.15 2.49 5.23
N ARG A 54 1.98 2.13 6.16
CA ARG A 54 3.28 1.49 5.78
C ARG A 54 3.51 0.20 6.56
N SER A 55 4.42 -0.61 6.08
CA SER A 55 4.71 -1.90 6.77
C SER A 55 6.16 -1.92 7.27
N TYR A 56 6.46 -1.12 8.26
CA TYR A 56 7.85 -1.10 8.79
C TYR A 56 8.20 -2.44 9.44
N GLU A 57 8.37 -3.46 8.66
CA GLU A 57 8.71 -4.80 9.23
C GLU A 57 9.47 -5.64 8.20
N GLY A 1 -3.83 11.84 -1.28
CA GLY A 1 -4.49 11.50 -2.56
C GLY A 1 -4.69 12.76 -3.40
N SER A 2 -3.62 13.36 -3.84
CA SER A 2 -3.74 14.61 -4.65
C SER A 2 -3.36 14.33 -6.11
N HIS A 3 -2.29 13.60 -6.32
CA HIS A 3 -1.86 13.29 -7.71
C HIS A 3 -1.95 11.79 -7.97
N MET A 4 -2.03 11.00 -6.93
CA MET A 4 -2.12 9.52 -7.13
C MET A 4 -0.94 9.03 -7.97
N GLU A 5 -0.96 7.78 -8.35
CA GLU A 5 0.16 7.24 -9.18
C GLU A 5 -0.05 5.75 -9.44
N GLN A 6 0.22 5.30 -10.64
CA GLN A 6 0.04 3.85 -10.96
C GLN A 6 -1.42 3.43 -10.71
N ASP A 7 -1.92 2.52 -11.51
CA ASP A 7 -3.32 2.07 -11.32
C ASP A 7 -3.45 1.26 -10.03
N LEU A 8 -4.58 1.34 -9.37
CA LEU A 8 -4.75 0.58 -8.11
C LEU A 8 -5.52 -0.73 -8.36
N LYS A 9 -6.28 -0.78 -9.42
CA LYS A 9 -7.05 -2.03 -9.72
C LYS A 9 -6.08 -3.21 -9.85
N THR A 10 -4.99 -3.03 -10.53
CA THR A 10 -4.01 -4.12 -10.69
C THR A 10 -3.21 -4.30 -9.40
N LEU A 11 -2.09 -4.97 -9.48
CA LEU A 11 -1.25 -5.18 -8.26
C LEU A 11 -1.90 -6.22 -7.34
N PRO A 12 -1.17 -7.27 -7.04
CA PRO A 12 -1.71 -8.34 -6.15
C PRO A 12 -2.06 -7.76 -4.78
N THR A 13 -3.10 -8.25 -4.16
CA THR A 13 -3.48 -7.72 -2.82
C THR A 13 -3.10 -8.71 -1.73
N THR A 14 -2.98 -8.23 -0.51
CA THR A 14 -2.62 -9.14 0.61
C THR A 14 -3.68 -9.05 1.70
N LYS A 15 -3.82 -10.08 2.49
CA LYS A 15 -4.85 -10.04 3.56
C LYS A 15 -4.33 -9.24 4.76
N ILE A 16 -4.86 -8.06 4.96
CA ILE A 16 -4.42 -7.21 6.09
C ILE A 16 -5.64 -6.46 6.63
N THR A 17 -5.51 -5.77 7.72
CA THR A 17 -6.70 -5.04 8.23
C THR A 17 -6.54 -3.53 8.11
N CYS A 18 -7.63 -2.83 8.11
CA CYS A 18 -7.58 -1.35 7.99
C CYS A 18 -8.06 -0.68 9.29
N PRO A 19 -7.16 -0.04 9.98
CA PRO A 19 -7.52 0.66 11.24
C PRO A 19 -8.49 1.81 10.98
N LYS A 20 -8.78 2.10 9.73
CA LYS A 20 -9.71 3.22 9.42
C LYS A 20 -11.14 2.70 9.24
N CYS A 21 -11.39 1.95 8.20
CA CYS A 21 -12.77 1.44 7.98
C CYS A 21 -12.88 -0.02 8.45
N GLY A 22 -11.91 -0.49 9.20
CA GLY A 22 -11.97 -1.90 9.69
C GLY A 22 -11.96 -2.87 8.52
N ASN A 23 -11.60 -2.41 7.35
CA ASN A 23 -11.57 -3.32 6.17
C ASN A 23 -10.79 -4.59 6.53
N ASP A 24 -10.73 -5.55 5.63
CA ASP A 24 -10.00 -6.81 5.95
C ASP A 24 -8.91 -7.09 4.91
N THR A 25 -8.82 -6.29 3.89
CA THR A 25 -7.75 -6.53 2.87
C THR A 25 -7.20 -5.20 2.34
N ALA A 26 -6.07 -5.27 1.68
CA ALA A 26 -5.45 -4.04 1.12
C ALA A 26 -4.42 -4.41 0.04
N TYR A 27 -4.11 -3.51 -0.86
CA TYR A 27 -3.08 -3.83 -1.89
C TYR A 27 -1.72 -3.69 -1.24
N TRP A 28 -0.67 -4.14 -1.86
CA TRP A 28 0.66 -3.99 -1.20
C TRP A 28 1.80 -3.92 -2.20
N TRP A 29 2.75 -3.09 -1.92
CA TRP A 29 3.94 -2.94 -2.80
C TRP A 29 5.07 -2.33 -1.98
N GLU A 30 6.26 -2.28 -2.50
CA GLU A 30 7.38 -1.70 -1.72
C GLU A 30 7.70 -0.29 -2.21
N MET A 31 8.24 0.54 -1.36
CA MET A 31 8.59 1.93 -1.79
C MET A 31 10.05 2.25 -1.45
N GLN A 32 10.81 2.65 -2.43
CA GLN A 32 12.25 2.97 -2.17
C GLN A 32 12.46 4.48 -2.16
N THR A 33 13.39 4.96 -1.39
CA THR A 33 13.66 6.42 -1.35
C THR A 33 14.95 6.75 -2.09
N ARG A 34 16.08 6.43 -1.51
CA ARG A 34 17.37 6.72 -2.18
C ARG A 34 18.09 5.41 -2.53
N ALA A 35 19.22 5.48 -3.16
CA ALA A 35 19.96 4.23 -3.52
C ALA A 35 20.08 3.32 -2.31
N GLY A 36 20.68 3.80 -1.25
CA GLY A 36 20.82 2.96 -0.03
C GLY A 36 20.83 3.84 1.22
N ASP A 37 19.83 4.67 1.35
CA ASP A 37 19.78 5.57 2.54
C ASP A 37 18.48 5.32 3.33
N GLU A 38 17.82 4.24 3.06
CA GLU A 38 16.55 3.94 3.79
C GLU A 38 16.02 2.56 3.39
N PRO A 39 15.59 1.79 4.36
CA PRO A 39 15.07 0.43 4.08
C PRO A 39 13.84 0.51 3.18
N SER A 40 13.41 -0.61 2.65
CA SER A 40 12.22 -0.60 1.74
C SER A 40 10.94 -0.76 2.56
N THR A 41 10.11 0.25 2.56
CA THR A 41 8.84 0.16 3.34
C THR A 41 7.68 -0.26 2.42
N ILE A 42 6.94 -1.25 2.81
CA ILE A 42 5.79 -1.71 1.96
C ILE A 42 4.53 -0.93 2.32
N PHE A 43 3.92 -0.29 1.37
CA PHE A 43 2.67 0.47 1.66
C PHE A 43 1.46 -0.41 1.35
N TYR A 44 0.53 -0.49 2.25
CA TYR A 44 -0.67 -1.33 2.01
C TYR A 44 -1.90 -0.47 1.72
N LYS A 45 -2.55 -0.66 0.61
CA LYS A 45 -3.76 0.16 0.33
C LYS A 45 -5.03 -0.65 0.56
N CYS A 46 -5.72 -0.35 1.61
CA CYS A 46 -6.98 -1.09 1.92
C CYS A 46 -7.89 -1.12 0.68
N THR A 47 -8.56 -2.21 0.46
CA THR A 47 -9.46 -2.32 -0.73
C THR A 47 -10.89 -1.98 -0.35
N LYS A 48 -11.08 -0.97 0.46
CA LYS A 48 -12.48 -0.59 0.87
C LYS A 48 -12.60 0.93 0.90
N CYS A 49 -11.86 1.57 1.76
CA CYS A 49 -11.94 3.06 1.86
C CYS A 49 -10.75 3.70 1.12
N GLY A 50 -9.79 2.90 0.74
CA GLY A 50 -8.62 3.46 0.02
C GLY A 50 -7.60 4.02 1.03
N HIS A 51 -7.37 3.32 2.11
CA HIS A 51 -6.39 3.82 3.11
C HIS A 51 -5.01 3.25 2.78
N THR A 52 -3.97 4.00 3.01
CA THR A 52 -2.62 3.48 2.69
C THR A 52 -1.63 3.80 3.82
N TRP A 53 -1.10 2.79 4.46
CA TRP A 53 -0.13 3.06 5.56
C TRP A 53 1.20 2.36 5.22
N ARG A 54 2.01 2.06 6.20
CA ARG A 54 3.30 1.40 5.89
C ARG A 54 3.60 0.26 6.87
N SER A 55 4.49 -0.63 6.49
CA SER A 55 4.84 -1.77 7.38
C SER A 55 6.23 -1.52 8.00
N TYR A 56 6.72 -0.32 7.87
CA TYR A 56 8.07 0.00 8.44
C TYR A 56 8.26 -0.67 9.80
N GLU A 57 9.39 -1.27 10.03
CA GLU A 57 9.64 -1.93 11.34
C GLU A 57 11.11 -1.79 11.74
N GLY A 1 6.34 17.37 -5.06
CA GLY A 1 5.79 16.05 -5.47
C GLY A 1 4.26 16.11 -5.47
N SER A 2 3.61 15.16 -6.08
CA SER A 2 2.12 15.16 -6.12
C SER A 2 1.58 13.88 -5.50
N HIS A 3 0.74 14.00 -4.51
CA HIS A 3 0.18 12.77 -3.86
C HIS A 3 -1.34 12.73 -4.03
N MET A 4 -1.83 11.91 -4.92
CA MET A 4 -3.31 11.83 -5.12
C MET A 4 -3.73 10.37 -5.32
N GLU A 5 -3.17 9.70 -6.29
CA GLU A 5 -3.54 8.28 -6.53
C GLU A 5 -2.27 7.45 -6.72
N GLN A 6 -2.41 6.15 -6.81
CA GLN A 6 -1.21 5.29 -7.00
C GLN A 6 -1.61 3.82 -7.12
N ASP A 7 -1.93 3.38 -8.31
CA ASP A 7 -2.35 1.96 -8.48
C ASP A 7 -3.43 1.59 -7.47
N LEU A 8 -4.67 1.91 -7.77
CA LEU A 8 -5.77 1.59 -6.82
C LEU A 8 -6.55 0.35 -7.30
N LYS A 9 -6.37 -0.03 -8.54
CA LYS A 9 -7.10 -1.22 -9.06
C LYS A 9 -6.12 -2.33 -9.41
N THR A 10 -4.95 -1.98 -9.87
CA THR A 10 -3.94 -3.03 -10.22
C THR A 10 -3.07 -3.36 -9.01
N LEU A 11 -2.05 -4.16 -9.21
CA LEU A 11 -1.13 -4.55 -8.10
C LEU A 11 -1.79 -5.64 -7.23
N PRO A 12 -1.00 -6.65 -6.90
CA PRO A 12 -1.52 -7.78 -6.08
C PRO A 12 -1.91 -7.27 -4.69
N THR A 13 -2.81 -7.94 -4.04
CA THR A 13 -3.23 -7.48 -2.68
C THR A 13 -2.79 -8.49 -1.62
N THR A 14 -2.74 -8.07 -0.39
CA THR A 14 -2.33 -8.99 0.70
C THR A 14 -3.40 -8.99 1.78
N LYS A 15 -3.45 -10.00 2.60
CA LYS A 15 -4.48 -10.03 3.67
C LYS A 15 -4.02 -9.21 4.88
N ILE A 16 -4.68 -8.12 5.12
CA ILE A 16 -4.31 -7.25 6.28
C ILE A 16 -5.55 -6.47 6.71
N THR A 17 -5.49 -5.77 7.81
CA THR A 17 -6.71 -5.03 8.22
C THR A 17 -6.53 -3.52 8.01
N CYS A 18 -7.62 -2.80 8.05
CA CYS A 18 -7.56 -1.33 7.83
C CYS A 18 -7.98 -0.57 9.10
N PRO A 19 -7.06 0.15 9.68
CA PRO A 19 -7.36 0.93 10.92
C PRO A 19 -8.34 2.07 10.63
N LYS A 20 -8.75 2.25 9.40
CA LYS A 20 -9.69 3.36 9.07
C LYS A 20 -11.14 2.86 8.99
N CYS A 21 -11.46 2.08 7.99
CA CYS A 21 -12.87 1.58 7.88
C CYS A 21 -13.00 0.18 8.47
N GLY A 22 -11.91 -0.47 8.76
CA GLY A 22 -11.99 -1.84 9.35
C GLY A 22 -11.96 -2.90 8.25
N ASN A 23 -11.58 -2.53 7.07
CA ASN A 23 -11.52 -3.54 5.96
C ASN A 23 -10.73 -4.76 6.41
N ASP A 24 -10.64 -5.76 5.57
CA ASP A 24 -9.87 -6.99 5.97
C ASP A 24 -8.75 -7.26 4.97
N THR A 25 -8.62 -6.44 3.96
CA THR A 25 -7.53 -6.65 2.97
C THR A 25 -7.02 -5.30 2.43
N ALA A 26 -5.92 -5.32 1.74
CA ALA A 26 -5.36 -4.05 1.18
C ALA A 26 -4.36 -4.34 0.05
N TYR A 27 -4.15 -3.40 -0.84
CA TYR A 27 -3.14 -3.61 -1.91
C TYR A 27 -1.77 -3.37 -1.32
N TRP A 28 -0.76 -4.07 -1.75
CA TRP A 28 0.58 -3.84 -1.12
C TRP A 28 1.70 -3.77 -2.16
N TRP A 29 2.67 -2.96 -1.87
CA TRP A 29 3.85 -2.82 -2.76
C TRP A 29 4.99 -2.22 -1.94
N GLU A 30 6.18 -2.19 -2.46
CA GLU A 30 7.29 -1.63 -1.66
C GLU A 30 7.67 -0.23 -2.16
N MET A 31 8.29 0.56 -1.32
CA MET A 31 8.67 1.93 -1.75
C MET A 31 10.14 2.21 -1.38
N GLN A 32 10.84 1.20 -0.93
CA GLN A 32 12.27 1.40 -0.54
C GLN A 32 13.06 0.12 -0.77
N THR A 33 13.35 -0.21 -2.00
CA THR A 33 14.12 -1.45 -2.28
C THR A 33 15.25 -1.16 -3.27
N ARG A 34 16.34 -0.63 -2.79
CA ARG A 34 17.48 -0.32 -3.70
C ARG A 34 18.56 -1.41 -3.59
N ALA A 35 19.26 -1.46 -2.49
CA ALA A 35 20.32 -2.50 -2.34
C ALA A 35 19.73 -3.80 -1.80
N GLY A 36 18.80 -3.71 -0.87
CA GLY A 36 18.19 -4.94 -0.31
C GLY A 36 18.80 -5.23 1.07
N ASP A 37 19.88 -4.58 1.40
CA ASP A 37 20.52 -4.80 2.73
C ASP A 37 19.96 -3.82 3.76
N GLU A 38 19.39 -2.74 3.30
CA GLU A 38 18.82 -1.74 4.23
C GLU A 38 17.33 -2.04 4.48
N PRO A 39 16.78 -1.46 5.52
CA PRO A 39 15.36 -1.68 5.85
C PRO A 39 14.47 -1.23 4.70
N SER A 40 13.60 -2.08 4.24
CA SER A 40 12.70 -1.71 3.12
C SER A 40 11.35 -1.22 3.66
N THR A 41 10.47 -0.83 2.80
CA THR A 41 9.13 -0.35 3.26
C THR A 41 8.02 -0.88 2.35
N ILE A 42 6.83 -1.02 2.86
CA ILE A 42 5.70 -1.52 2.03
C ILE A 42 4.41 -0.78 2.39
N PHE A 43 3.78 -0.18 1.43
CA PHE A 43 2.52 0.55 1.72
C PHE A 43 1.32 -0.39 1.50
N TYR A 44 0.38 -0.36 2.39
CA TYR A 44 -0.80 -1.26 2.26
C TYR A 44 -2.09 -0.46 2.05
N LYS A 45 -2.62 -0.46 0.86
CA LYS A 45 -3.89 0.29 0.62
C LYS A 45 -5.10 -0.62 0.82
N CYS A 46 -5.85 -0.41 1.88
CA CYS A 46 -7.05 -1.25 2.12
C CYS A 46 -7.91 -1.31 0.85
N THR A 47 -8.72 -2.32 0.72
CA THR A 47 -9.58 -2.45 -0.49
C THR A 47 -11.03 -2.11 -0.14
N LYS A 48 -11.28 -0.92 0.35
CA LYS A 48 -12.68 -0.54 0.70
C LYS A 48 -12.80 0.98 0.80
N CYS A 49 -12.14 1.59 1.76
CA CYS A 49 -12.23 3.07 1.91
C CYS A 49 -11.10 3.74 1.14
N GLY A 50 -10.03 3.04 0.87
CA GLY A 50 -8.91 3.64 0.11
C GLY A 50 -7.92 4.30 1.08
N HIS A 51 -7.35 3.56 1.98
CA HIS A 51 -6.37 4.15 2.94
C HIS A 51 -5.09 3.33 2.90
N THR A 52 -3.95 3.95 2.97
CA THR A 52 -2.71 3.14 2.93
C THR A 52 -1.72 3.57 4.01
N TRP A 53 -1.08 2.61 4.62
CA TRP A 53 -0.07 2.92 5.68
C TRP A 53 1.27 2.32 5.27
N ARG A 54 2.10 1.93 6.20
CA ARG A 54 3.41 1.33 5.80
C ARG A 54 3.73 0.10 6.65
N SER A 55 4.48 -0.82 6.10
CA SER A 55 4.85 -2.05 6.85
C SER A 55 6.20 -1.86 7.55
N TYR A 56 6.53 -0.65 7.90
CA TYR A 56 7.82 -0.39 8.57
C TYR A 56 8.10 -1.47 9.62
N GLU A 57 9.30 -1.99 9.65
CA GLU A 57 9.63 -3.04 10.64
C GLU A 57 11.09 -2.92 11.08
N GLY A 1 2.74 16.68 -14.76
CA GLY A 1 1.40 17.29 -14.54
C GLY A 1 0.71 16.59 -13.35
N SER A 2 0.58 15.30 -13.41
CA SER A 2 -0.07 14.56 -12.29
C SER A 2 -1.37 15.27 -11.88
N HIS A 3 -2.38 15.20 -12.71
CA HIS A 3 -3.67 15.87 -12.37
C HIS A 3 -4.56 14.92 -11.57
N MET A 4 -4.28 13.65 -11.62
CA MET A 4 -5.11 12.67 -10.87
C MET A 4 -4.22 11.81 -9.96
N GLU A 5 -3.03 12.26 -9.69
CA GLU A 5 -2.11 11.47 -8.81
C GLU A 5 -1.92 10.07 -9.38
N GLN A 6 -2.25 9.87 -10.63
CA GLN A 6 -2.08 8.52 -11.24
C GLN A 6 -2.87 7.47 -10.45
N ASP A 7 -3.17 6.35 -11.05
CA ASP A 7 -3.95 5.30 -10.34
C ASP A 7 -3.01 4.15 -9.94
N LEU A 8 -1.88 4.47 -9.38
CA LEU A 8 -0.93 3.38 -8.98
C LEU A 8 -0.58 2.54 -10.20
N LYS A 9 0.49 1.79 -10.15
CA LYS A 9 0.86 0.95 -11.31
C LYS A 9 0.20 -0.42 -11.21
N THR A 10 -0.95 -0.48 -10.58
CA THR A 10 -1.65 -1.79 -10.46
C THR A 10 -0.79 -2.75 -9.64
N LEU A 11 -1.39 -3.44 -8.70
CA LEU A 11 -0.61 -4.39 -7.86
C LEU A 11 -1.55 -5.39 -7.19
N PRO A 12 -1.05 -6.58 -6.94
CA PRO A 12 -1.87 -7.62 -6.27
C PRO A 12 -2.32 -7.13 -4.91
N THR A 13 -2.86 -7.99 -4.09
CA THR A 13 -3.33 -7.54 -2.75
C THR A 13 -2.85 -8.50 -1.67
N THR A 14 -2.93 -8.10 -0.43
CA THR A 14 -2.51 -8.99 0.68
C THR A 14 -3.56 -8.96 1.80
N LYS A 15 -3.64 -9.99 2.58
CA LYS A 15 -4.65 -9.99 3.68
C LYS A 15 -4.15 -9.16 4.85
N ILE A 16 -4.76 -8.03 5.09
CA ILE A 16 -4.35 -7.16 6.21
C ILE A 16 -5.57 -6.40 6.72
N THR A 17 -5.42 -5.55 7.69
CA THR A 17 -6.61 -4.82 8.18
C THR A 17 -6.48 -3.32 7.94
N CYS A 18 -7.55 -2.60 8.12
CA CYS A 18 -7.53 -1.13 7.87
C CYS A 18 -7.98 -0.37 9.13
N PRO A 19 -7.06 0.35 9.72
CA PRO A 19 -7.38 1.15 10.94
C PRO A 19 -8.39 2.24 10.60
N LYS A 20 -8.69 2.43 9.34
CA LYS A 20 -9.65 3.49 8.95
C LYS A 20 -11.08 2.96 8.94
N CYS A 21 -11.39 2.03 8.07
CA CYS A 21 -12.78 1.49 8.03
C CYS A 21 -12.83 0.08 8.63
N GLY A 22 -11.70 -0.51 8.91
CA GLY A 22 -11.70 -1.88 9.52
C GLY A 22 -11.72 -2.97 8.43
N ASN A 23 -11.48 -2.61 7.20
CA ASN A 23 -11.48 -3.64 6.13
C ASN A 23 -10.60 -4.82 6.53
N ASP A 24 -10.64 -5.88 5.78
CA ASP A 24 -9.80 -7.07 6.12
C ASP A 24 -8.77 -7.30 5.01
N THR A 25 -8.65 -6.39 4.09
CA THR A 25 -7.65 -6.57 3.00
C THR A 25 -7.15 -5.22 2.48
N ALA A 26 -6.04 -5.25 1.79
CA ALA A 26 -5.47 -3.99 1.23
C ALA A 26 -4.46 -4.32 0.12
N TYR A 27 -4.20 -3.39 -0.76
CA TYR A 27 -3.20 -3.67 -1.83
C TYR A 27 -1.81 -3.53 -1.21
N TRP A 28 -0.76 -3.85 -1.92
CA TRP A 28 0.57 -3.72 -1.29
C TRP A 28 1.70 -3.61 -2.33
N TRP A 29 2.66 -2.80 -2.03
CA TRP A 29 3.83 -2.65 -2.93
C TRP A 29 5.03 -2.23 -2.10
N GLU A 30 6.20 -2.13 -2.68
CA GLU A 30 7.39 -1.74 -1.88
C GLU A 30 7.81 -0.31 -2.23
N MET A 31 8.46 0.35 -1.31
CA MET A 31 8.91 1.76 -1.58
C MET A 31 10.35 1.95 -1.08
N GLN A 32 11.13 2.72 -1.79
CA GLN A 32 12.53 2.94 -1.36
C GLN A 32 12.64 4.25 -0.57
N THR A 33 13.25 4.22 0.58
CA THR A 33 13.38 5.46 1.39
C THR A 33 14.78 5.53 2.00
N ARG A 34 15.04 4.80 3.05
CA ARG A 34 16.39 4.83 3.69
C ARG A 34 16.65 3.52 4.43
N ALA A 35 17.80 3.40 5.06
CA ALA A 35 18.11 2.15 5.80
C ALA A 35 17.85 2.34 7.29
N GLY A 36 17.09 1.46 7.90
CA GLY A 36 16.79 1.59 9.34
C GLY A 36 16.08 0.33 9.84
N ASP A 37 16.78 -0.77 9.91
CA ASP A 37 16.14 -2.03 10.38
C ASP A 37 14.92 -2.37 9.53
N GLU A 38 14.82 -1.79 8.36
CA GLU A 38 13.65 -2.08 7.48
C GLU A 38 13.93 -1.61 6.04
N PRO A 39 14.75 -2.37 5.36
CA PRO A 39 15.10 -2.02 3.95
C PRO A 39 13.85 -2.02 3.08
N SER A 40 13.64 -0.97 2.33
CA SER A 40 12.45 -0.89 1.45
C SER A 40 11.17 -1.00 2.28
N THR A 41 10.36 0.03 2.27
CA THR A 41 9.10 0.00 3.06
C THR A 41 7.93 -0.46 2.18
N ILE A 42 6.95 -1.08 2.76
CA ILE A 42 5.78 -1.56 1.95
C ILE A 42 4.51 -0.85 2.38
N PHE A 43 3.84 -0.18 1.48
CA PHE A 43 2.58 0.51 1.85
C PHE A 43 1.39 -0.40 1.56
N TYR A 44 0.40 -0.38 2.40
CA TYR A 44 -0.78 -1.28 2.19
C TYR A 44 -2.05 -0.45 2.00
N LYS A 45 -2.61 -0.42 0.82
CA LYS A 45 -3.87 0.35 0.62
C LYS A 45 -5.09 -0.55 0.76
N CYS A 46 -5.85 -0.36 1.81
CA CYS A 46 -7.08 -1.18 2.03
C CYS A 46 -7.92 -1.19 0.76
N THR A 47 -8.48 -2.32 0.42
CA THR A 47 -9.31 -2.41 -0.81
C THR A 47 -10.79 -2.10 -0.48
N LYS A 48 -11.04 -1.05 0.25
CA LYS A 48 -12.44 -0.70 0.59
C LYS A 48 -12.62 0.81 0.64
N CYS A 49 -12.15 1.45 1.69
CA CYS A 49 -12.28 2.93 1.78
C CYS A 49 -11.14 3.62 1.04
N GLY A 50 -10.08 2.91 0.78
CA GLY A 50 -8.93 3.51 0.05
C GLY A 50 -8.00 4.18 1.05
N HIS A 51 -7.47 3.44 1.99
CA HIS A 51 -6.54 4.03 2.98
C HIS A 51 -5.24 3.22 2.97
N THR A 52 -4.12 3.84 3.20
CA THR A 52 -2.86 3.05 3.17
C THR A 52 -1.90 3.45 4.30
N TRP A 53 -1.11 2.51 4.75
CA TRP A 53 -0.13 2.79 5.83
C TRP A 53 1.22 2.17 5.45
N ARG A 54 2.01 1.75 6.39
CA ARG A 54 3.33 1.15 6.04
C ARG A 54 3.53 -0.18 6.77
N SER A 55 4.36 -1.04 6.23
CA SER A 55 4.62 -2.35 6.88
C SER A 55 5.82 -2.24 7.83
N TYR A 56 6.81 -1.49 7.46
CA TYR A 56 8.01 -1.33 8.33
C TYR A 56 8.46 -2.70 8.86
N GLU A 57 8.15 -3.76 8.15
CA GLU A 57 8.56 -5.11 8.62
C GLU A 57 9.13 -5.93 7.45
N GLY A 1 -6.96 15.09 -11.86
CA GLY A 1 -5.96 16.10 -11.43
C GLY A 1 -5.86 17.20 -12.50
N SER A 2 -5.11 18.24 -12.22
CA SER A 2 -4.98 19.34 -13.21
C SER A 2 -3.53 19.43 -13.70
N HIS A 3 -2.98 18.35 -14.19
CA HIS A 3 -1.57 18.39 -14.68
C HIS A 3 -1.18 17.03 -15.26
N MET A 4 -1.47 15.97 -14.57
CA MET A 4 -1.11 14.62 -15.09
C MET A 4 -2.15 13.58 -14.66
N GLU A 5 -1.86 12.32 -14.87
CA GLU A 5 -2.83 11.27 -14.47
C GLU A 5 -2.10 9.94 -14.21
N GLN A 6 -2.20 9.41 -13.03
CA GLN A 6 -1.51 8.12 -12.73
C GLN A 6 -2.33 7.30 -11.75
N ASP A 7 -3.10 6.36 -12.23
CA ASP A 7 -3.92 5.52 -11.31
C ASP A 7 -3.02 4.71 -10.39
N LEU A 8 -3.58 3.79 -9.66
CA LEU A 8 -2.73 2.95 -8.75
C LEU A 8 -2.16 1.76 -9.50
N LYS A 9 -2.17 1.81 -10.81
CA LYS A 9 -1.63 0.66 -11.60
C LYS A 9 -2.24 -0.66 -11.12
N THR A 10 -1.56 -1.75 -11.35
CA THR A 10 -2.10 -3.06 -10.90
C THR A 10 -1.08 -3.78 -10.02
N LEU A 11 -1.53 -4.40 -8.97
CA LEU A 11 -0.58 -5.12 -8.05
C LEU A 11 -1.35 -6.13 -7.20
N PRO A 12 -0.68 -7.21 -6.86
CA PRO A 12 -1.31 -8.26 -6.04
C PRO A 12 -1.71 -7.69 -4.68
N THR A 13 -2.74 -8.23 -4.07
CA THR A 13 -3.17 -7.71 -2.75
C THR A 13 -2.73 -8.65 -1.63
N THR A 14 -2.74 -8.18 -0.41
CA THR A 14 -2.34 -9.05 0.73
C THR A 14 -3.42 -9.01 1.81
N LYS A 15 -3.52 -10.04 2.60
CA LYS A 15 -4.55 -10.04 3.67
C LYS A 15 -4.07 -9.23 4.87
N ILE A 16 -4.72 -8.13 5.13
CA ILE A 16 -4.32 -7.27 6.27
C ILE A 16 -5.57 -6.56 6.79
N THR A 17 -5.42 -5.59 7.64
CA THR A 17 -6.63 -4.90 8.14
C THR A 17 -6.52 -3.39 7.93
N CYS A 18 -7.62 -2.69 8.09
CA CYS A 18 -7.60 -1.22 7.90
C CYS A 18 -8.16 -0.51 9.14
N PRO A 19 -7.28 0.13 9.88
CA PRO A 19 -7.70 0.86 11.11
C PRO A 19 -8.64 2.03 10.74
N LYS A 20 -8.80 2.30 9.48
CA LYS A 20 -9.69 3.43 9.07
C LYS A 20 -11.15 2.97 8.98
N CYS A 21 -11.45 2.07 8.07
CA CYS A 21 -12.85 1.59 7.95
C CYS A 21 -12.99 0.17 8.52
N GLY A 22 -11.91 -0.45 8.86
CA GLY A 22 -11.97 -1.83 9.45
C GLY A 22 -11.93 -2.89 8.34
N ASN A 23 -11.55 -2.50 7.15
CA ASN A 23 -11.48 -3.51 6.04
C ASN A 23 -10.68 -4.73 6.48
N ASP A 24 -10.59 -5.73 5.64
CA ASP A 24 -9.82 -6.95 6.02
C ASP A 24 -8.74 -7.23 4.98
N THR A 25 -8.59 -6.37 4.01
CA THR A 25 -7.53 -6.60 2.98
C THR A 25 -7.00 -5.28 2.43
N ALA A 26 -5.91 -5.32 1.73
CA ALA A 26 -5.33 -4.07 1.16
C ALA A 26 -4.32 -4.39 0.05
N TYR A 27 -4.12 -3.49 -0.87
CA TYR A 27 -3.11 -3.75 -1.94
C TYR A 27 -1.73 -3.48 -1.35
N TRP A 28 -0.70 -4.17 -1.77
CA TRP A 28 0.63 -3.90 -1.16
C TRP A 28 1.75 -3.81 -2.19
N TRP A 29 2.71 -2.99 -1.90
CA TRP A 29 3.89 -2.84 -2.80
C TRP A 29 5.04 -2.28 -1.96
N GLU A 30 6.23 -2.21 -2.50
CA GLU A 30 7.36 -1.68 -1.69
C GLU A 30 7.82 -0.33 -2.23
N MET A 31 8.42 0.48 -1.39
CA MET A 31 8.89 1.82 -1.85
C MET A 31 10.42 1.88 -1.79
N GLN A 32 11.07 2.10 -2.89
CA GLN A 32 12.55 2.19 -2.89
C GLN A 32 13.01 3.56 -2.41
N THR A 33 14.16 3.63 -1.80
CA THR A 33 14.66 4.95 -1.30
C THR A 33 16.11 5.17 -1.71
N ARG A 34 17.02 4.48 -1.09
CA ARG A 34 18.46 4.65 -1.45
C ARG A 34 19.19 3.31 -1.44
N ALA A 35 20.37 3.26 -1.99
CA ALA A 35 21.14 1.97 -2.02
C ALA A 35 20.24 0.82 -2.47
N GLY A 36 20.65 -0.39 -2.24
CA GLY A 36 19.83 -1.56 -2.66
C GLY A 36 20.38 -2.83 -2.01
N ASP A 37 20.12 -3.03 -0.75
CA ASP A 37 20.62 -4.26 -0.07
C ASP A 37 19.76 -4.56 1.17
N GLU A 38 18.49 -4.30 1.08
CA GLU A 38 17.59 -4.57 2.25
C GLU A 38 16.13 -4.34 1.86
N PRO A 39 15.23 -4.92 2.62
CA PRO A 39 13.79 -4.77 2.35
C PRO A 39 13.38 -3.30 2.44
N SER A 40 12.72 -2.78 1.45
CA SER A 40 12.29 -1.35 1.49
C SER A 40 10.98 -1.22 2.26
N THR A 41 10.39 -0.05 2.23
CA THR A 41 9.11 0.14 2.97
C THR A 41 7.92 -0.34 2.12
N ILE A 42 7.03 -1.09 2.71
CA ILE A 42 5.85 -1.59 1.96
C ILE A 42 4.59 -0.82 2.35
N PHE A 43 3.91 -0.24 1.41
CA PHE A 43 2.66 0.51 1.76
C PHE A 43 1.45 -0.37 1.46
N TYR A 44 0.51 -0.43 2.37
CA TYR A 44 -0.69 -1.28 2.14
C TYR A 44 -1.92 -0.42 1.88
N LYS A 45 -2.59 -0.62 0.77
CA LYS A 45 -3.82 0.19 0.53
C LYS A 45 -5.07 -0.66 0.72
N CYS A 46 -5.83 -0.36 1.73
CA CYS A 46 -7.07 -1.14 2.01
C CYS A 46 -7.95 -1.18 0.75
N THR A 47 -8.69 -2.23 0.56
CA THR A 47 -9.55 -2.34 -0.65
C THR A 47 -11.01 -2.02 -0.29
N LYS A 48 -11.25 -0.89 0.30
CA LYS A 48 -12.65 -0.52 0.67
C LYS A 48 -12.79 1.01 0.76
N CYS A 49 -12.03 1.62 1.64
CA CYS A 49 -12.11 3.09 1.77
C CYS A 49 -10.89 3.75 1.11
N GLY A 50 -9.89 2.98 0.83
CA GLY A 50 -8.67 3.55 0.19
C GLY A 50 -7.70 4.05 1.26
N HIS A 51 -7.51 3.30 2.31
CA HIS A 51 -6.56 3.74 3.37
C HIS A 51 -5.17 3.23 3.02
N THR A 52 -4.14 3.94 3.35
CA THR A 52 -2.77 3.47 3.01
C THR A 52 -1.79 3.77 4.13
N TRP A 53 -1.16 2.76 4.67
CA TRP A 53 -0.17 2.99 5.76
C TRP A 53 1.17 2.31 5.40
N ARG A 54 1.96 1.95 6.38
CA ARG A 54 3.27 1.31 6.06
C ARG A 54 3.38 -0.06 6.74
N SER A 55 4.23 -0.91 6.24
CA SER A 55 4.40 -2.26 6.86
C SER A 55 5.66 -2.29 7.74
N TYR A 56 6.80 -2.04 7.16
CA TYR A 56 8.06 -2.06 7.97
C TYR A 56 8.31 -3.47 8.49
N GLU A 57 7.66 -3.84 9.55
CA GLU A 57 7.86 -5.21 10.12
C GLU A 57 7.00 -6.22 9.36
N GLY A 1 -0.82 11.16 -18.97
CA GLY A 1 -1.14 12.58 -19.27
C GLY A 1 -2.66 12.75 -19.41
N SER A 2 -3.10 13.27 -20.52
CA SER A 2 -4.57 13.46 -20.71
C SER A 2 -5.32 12.18 -20.33
N HIS A 3 -6.07 12.22 -19.27
CA HIS A 3 -6.84 11.01 -18.86
C HIS A 3 -5.87 9.87 -18.55
N MET A 4 -6.39 8.72 -18.16
CA MET A 4 -5.50 7.57 -17.85
C MET A 4 -4.44 8.00 -16.82
N GLU A 5 -4.79 7.99 -15.57
CA GLU A 5 -3.81 8.40 -14.51
C GLU A 5 -3.65 7.29 -13.48
N GLN A 6 -2.44 6.85 -13.25
CA GLN A 6 -2.22 5.77 -12.24
C GLN A 6 -3.02 4.52 -12.63
N ASP A 7 -2.41 3.61 -13.32
CA ASP A 7 -3.13 2.36 -13.72
C ASP A 7 -3.14 1.37 -12.55
N LEU A 8 -4.03 1.56 -11.61
CA LEU A 8 -4.09 0.63 -10.45
C LEU A 8 -4.88 -0.63 -10.82
N LYS A 9 -5.17 -0.82 -12.08
CA LYS A 9 -5.93 -2.04 -12.50
C LYS A 9 -5.28 -3.30 -11.91
N THR A 10 -4.10 -3.63 -12.33
CA THR A 10 -3.43 -4.84 -11.79
C THR A 10 -2.62 -4.50 -10.54
N LEU A 11 -2.72 -5.31 -9.52
CA LEU A 11 -1.96 -5.02 -8.26
C LEU A 11 -2.23 -6.12 -7.22
N PRO A 12 -1.27 -6.99 -7.02
CA PRO A 12 -1.44 -8.09 -6.04
C PRO A 12 -1.74 -7.52 -4.65
N THR A 13 -2.76 -8.04 -4.02
CA THR A 13 -3.12 -7.52 -2.67
C THR A 13 -2.68 -8.50 -1.58
N THR A 14 -2.65 -8.06 -0.35
CA THR A 14 -2.25 -8.96 0.77
C THR A 14 -3.32 -8.94 1.85
N LYS A 15 -3.42 -9.96 2.64
CA LYS A 15 -4.45 -9.98 3.70
C LYS A 15 -3.99 -9.15 4.89
N ILE A 16 -4.66 -8.07 5.15
CA ILE A 16 -4.28 -7.19 6.28
C ILE A 16 -5.52 -6.43 6.75
N THR A 17 -5.41 -5.62 7.76
CA THR A 17 -6.64 -4.90 8.21
C THR A 17 -6.50 -3.40 7.99
N CYS A 18 -7.59 -2.69 8.14
CA CYS A 18 -7.57 -1.21 7.92
C CYS A 18 -8.10 -0.46 9.15
N PRO A 19 -7.22 0.27 9.80
CA PRO A 19 -7.63 1.05 11.01
C PRO A 19 -8.59 2.19 10.62
N LYS A 20 -8.86 2.37 9.35
CA LYS A 20 -9.77 3.47 8.93
C LYS A 20 -11.21 2.97 8.84
N CYS A 21 -11.51 2.10 7.90
CA CYS A 21 -12.92 1.61 7.77
C CYS A 21 -13.06 0.23 8.43
N GLY A 22 -11.98 -0.47 8.62
CA GLY A 22 -12.07 -1.81 9.29
C GLY A 22 -12.07 -2.92 8.23
N ASN A 23 -11.60 -2.63 7.04
CA ASN A 23 -11.58 -3.67 5.98
C ASN A 23 -10.67 -4.84 6.41
N ASP A 24 -10.63 -5.89 5.65
CA ASP A 24 -9.78 -7.05 6.03
C ASP A 24 -8.69 -7.29 4.97
N THR A 25 -8.55 -6.39 4.04
CA THR A 25 -7.49 -6.60 3.00
C THR A 25 -6.99 -5.25 2.46
N ALA A 26 -5.89 -5.26 1.76
CA ALA A 26 -5.34 -4.00 1.20
C ALA A 26 -4.34 -4.30 0.07
N TYR A 27 -4.15 -3.37 -0.85
CA TYR A 27 -3.16 -3.61 -1.93
C TYR A 27 -1.76 -3.34 -1.36
N TRP A 28 -0.76 -4.06 -1.79
CA TRP A 28 0.59 -3.81 -1.21
C TRP A 28 1.67 -3.70 -2.28
N TRP A 29 2.65 -2.89 -1.99
CA TRP A 29 3.81 -2.71 -2.91
C TRP A 29 4.95 -2.12 -2.10
N GLU A 30 6.14 -2.10 -2.62
CA GLU A 30 7.25 -1.53 -1.80
C GLU A 30 7.49 -0.06 -2.17
N MET A 31 8.09 0.69 -1.29
CA MET A 31 8.34 2.13 -1.60
C MET A 31 9.77 2.51 -1.24
N GLN A 32 10.71 1.63 -1.52
CA GLN A 32 12.13 1.93 -1.22
C GLN A 32 13.03 1.26 -2.27
N THR A 33 12.89 1.64 -3.51
CA THR A 33 13.72 1.02 -4.58
C THR A 33 14.17 2.07 -5.59
N ARG A 34 13.89 3.33 -5.34
CA ARG A 34 14.32 4.38 -6.29
C ARG A 34 15.77 4.78 -6.02
N ALA A 35 16.22 5.86 -6.62
CA ALA A 35 17.62 6.31 -6.41
C ALA A 35 18.61 5.20 -6.81
N GLY A 36 18.78 4.21 -5.99
CA GLY A 36 19.73 3.12 -6.34
C GLY A 36 18.96 1.82 -6.58
N ASP A 37 18.86 0.98 -5.58
CA ASP A 37 18.12 -0.30 -5.75
C ASP A 37 18.17 -1.12 -4.46
N GLU A 38 17.16 -1.02 -3.64
CA GLU A 38 17.15 -1.79 -2.37
C GLU A 38 15.76 -1.74 -1.72
N PRO A 39 14.90 -2.65 -2.13
CA PRO A 39 13.53 -2.70 -1.58
C PRO A 39 13.57 -2.98 -0.07
N SER A 40 12.55 -2.58 0.63
CA SER A 40 12.53 -2.83 2.11
C SER A 40 11.22 -2.30 2.72
N THR A 41 10.65 -1.28 2.14
CA THR A 41 9.38 -0.73 2.70
C THR A 41 8.18 -1.30 1.94
N ILE A 42 7.00 -1.20 2.50
CA ILE A 42 5.79 -1.73 1.81
C ILE A 42 4.55 -0.95 2.25
N PHE A 43 3.85 -0.34 1.34
CA PHE A 43 2.63 0.41 1.71
C PHE A 43 1.39 -0.47 1.50
N TYR A 44 0.45 -0.43 2.40
CA TYR A 44 -0.75 -1.29 2.26
C TYR A 44 -2.01 -0.46 2.05
N LYS A 45 -2.57 -0.45 0.87
CA LYS A 45 -3.83 0.31 0.65
C LYS A 45 -5.05 -0.60 0.82
N CYS A 46 -5.78 -0.42 1.87
CA CYS A 46 -7.00 -1.27 2.09
C CYS A 46 -7.85 -1.27 0.82
N THR A 47 -8.63 -2.31 0.62
CA THR A 47 -9.49 -2.37 -0.60
C THR A 47 -10.94 -2.07 -0.25
N LYS A 48 -11.20 -0.97 0.40
CA LYS A 48 -12.60 -0.61 0.77
C LYS A 48 -12.76 0.91 0.83
N CYS A 49 -12.07 1.54 1.73
CA CYS A 49 -12.17 3.03 1.85
C CYS A 49 -11.01 3.68 1.09
N GLY A 50 -9.98 2.94 0.83
CA GLY A 50 -8.82 3.51 0.09
C GLY A 50 -7.86 4.17 1.08
N HIS A 51 -7.36 3.42 2.03
CA HIS A 51 -6.41 4.00 3.02
C HIS A 51 -5.10 3.23 2.97
N THR A 52 -3.99 3.87 3.11
CA THR A 52 -2.72 3.11 3.05
C THR A 52 -1.75 3.55 4.15
N TRP A 53 -1.10 2.59 4.76
CA TRP A 53 -0.13 2.91 5.84
C TRP A 53 1.23 2.28 5.49
N ARG A 54 2.04 1.99 6.47
CA ARG A 54 3.37 1.39 6.16
C ARG A 54 3.59 0.10 6.97
N SER A 55 4.43 -0.76 6.49
CA SER A 55 4.71 -2.03 7.22
C SER A 55 5.95 -1.87 8.10
N TYR A 56 7.08 -1.58 7.49
CA TYR A 56 8.33 -1.42 8.29
C TYR A 56 8.59 -2.68 9.13
N GLU A 57 9.58 -2.63 9.99
CA GLU A 57 9.89 -3.82 10.83
C GLU A 57 9.86 -3.43 12.32
N GLY A 1 -4.78 17.61 -12.78
CA GLY A 1 -4.93 17.67 -14.26
C GLY A 1 -3.62 17.25 -14.92
N SER A 2 -3.36 15.97 -14.98
CA SER A 2 -2.10 15.49 -15.62
C SER A 2 -2.34 14.17 -16.34
N HIS A 3 -1.31 13.57 -16.87
CA HIS A 3 -1.48 12.29 -17.59
C HIS A 3 -0.99 11.12 -16.71
N MET A 4 -1.71 10.82 -15.67
CA MET A 4 -1.29 9.70 -14.77
C MET A 4 -2.46 8.75 -14.54
N GLU A 5 -2.30 7.51 -14.92
CA GLU A 5 -3.40 6.53 -14.72
C GLU A 5 -3.97 6.65 -13.30
N GLN A 6 -5.26 6.51 -13.15
CA GLN A 6 -5.86 6.62 -11.79
C GLN A 6 -6.84 5.48 -11.55
N ASP A 7 -6.34 4.27 -11.39
CA ASP A 7 -7.26 3.12 -11.16
C ASP A 7 -6.76 2.29 -9.97
N LEU A 8 -7.54 1.34 -9.53
CA LEU A 8 -7.11 0.49 -8.38
C LEU A 8 -7.28 -0.99 -8.72
N LYS A 9 -7.53 -1.30 -9.96
CA LYS A 9 -7.70 -2.73 -10.35
C LYS A 9 -6.34 -3.38 -10.58
N THR A 10 -5.28 -2.72 -10.20
CA THR A 10 -3.92 -3.31 -10.39
C THR A 10 -3.25 -3.54 -9.03
N LEU A 11 -1.99 -3.89 -9.03
CA LEU A 11 -1.27 -4.12 -7.74
C LEU A 11 -1.91 -5.30 -6.98
N PRO A 12 -1.15 -6.35 -6.80
CA PRO A 12 -1.67 -7.53 -6.07
C PRO A 12 -2.07 -7.14 -4.65
N THR A 13 -3.06 -7.76 -4.09
CA THR A 13 -3.48 -7.39 -2.71
C THR A 13 -3.06 -8.45 -1.70
N THR A 14 -2.95 -8.07 -0.46
CA THR A 14 -2.54 -9.04 0.60
C THR A 14 -3.58 -9.03 1.72
N LYS A 15 -3.59 -10.03 2.56
CA LYS A 15 -4.58 -10.06 3.67
C LYS A 15 -4.08 -9.21 4.84
N ILE A 16 -4.78 -8.15 5.13
CA ILE A 16 -4.37 -7.26 6.25
C ILE A 16 -5.61 -6.53 6.76
N THR A 17 -5.46 -5.60 7.66
CA THR A 17 -6.67 -4.89 8.16
C THR A 17 -6.54 -3.38 7.96
N CYS A 18 -7.63 -2.68 8.07
CA CYS A 18 -7.59 -1.20 7.86
C CYS A 18 -7.99 -0.46 9.15
N PRO A 19 -7.06 0.29 9.69
CA PRO A 19 -7.34 1.06 10.93
C PRO A 19 -8.32 2.21 10.64
N LYS A 20 -8.76 2.36 9.42
CA LYS A 20 -9.71 3.47 9.10
C LYS A 20 -11.15 2.96 9.03
N CYS A 21 -11.49 2.20 8.02
CA CYS A 21 -12.89 1.70 7.91
C CYS A 21 -13.04 0.31 8.53
N GLY A 22 -11.98 -0.45 8.59
CA GLY A 22 -12.08 -1.81 9.22
C GLY A 22 -12.06 -2.90 8.15
N ASN A 23 -11.63 -2.59 6.97
CA ASN A 23 -11.59 -3.64 5.90
C ASN A 23 -10.72 -4.81 6.35
N ASP A 24 -10.72 -5.88 5.62
CA ASP A 24 -9.89 -7.05 6.03
C ASP A 24 -8.80 -7.33 4.99
N THR A 25 -8.66 -6.47 4.02
CA THR A 25 -7.60 -6.68 2.99
C THR A 25 -7.06 -5.34 2.48
N ALA A 26 -5.98 -5.36 1.77
CA ALA A 26 -5.41 -4.09 1.24
C ALA A 26 -4.41 -4.38 0.11
N TYR A 27 -4.13 -3.41 -0.72
CA TYR A 27 -3.14 -3.64 -1.80
C TYR A 27 -1.76 -3.54 -1.18
N TRP A 28 -0.71 -3.80 -1.90
CA TRP A 28 0.62 -3.70 -1.26
C TRP A 28 1.74 -3.55 -2.28
N TRP A 29 2.66 -2.66 -2.00
CA TRP A 29 3.82 -2.48 -2.91
C TRP A 29 5.03 -2.08 -2.05
N GLU A 30 6.19 -1.94 -2.63
CA GLU A 30 7.37 -1.58 -1.80
C GLU A 30 7.88 -0.20 -2.20
N MET A 31 8.50 0.50 -1.28
CA MET A 31 9.03 1.86 -1.60
C MET A 31 10.56 1.86 -1.51
N GLN A 32 11.23 2.46 -2.45
CA GLN A 32 12.71 2.49 -2.41
C GLN A 32 13.20 3.79 -1.77
N THR A 33 13.11 3.89 -0.47
CA THR A 33 13.57 5.14 0.21
C THR A 33 14.95 4.90 0.83
N ARG A 34 15.29 3.66 1.10
CA ARG A 34 16.61 3.36 1.70
C ARG A 34 17.16 2.05 1.11
N ALA A 35 18.35 1.66 1.51
CA ALA A 35 18.92 0.40 0.98
C ALA A 35 19.16 0.51 -0.52
N GLY A 36 19.99 -0.34 -1.08
CA GLY A 36 20.27 -0.28 -2.54
C GLY A 36 19.86 -1.60 -3.20
N ASP A 37 19.20 -2.46 -2.47
CA ASP A 37 18.78 -3.76 -3.06
C ASP A 37 17.34 -3.67 -3.59
N GLU A 38 16.40 -3.46 -2.71
CA GLU A 38 14.98 -3.36 -3.16
C GLU A 38 14.05 -3.27 -1.94
N PRO A 39 14.10 -4.28 -1.08
CA PRO A 39 13.25 -4.29 0.12
C PRO A 39 13.52 -3.04 0.97
N SER A 40 12.51 -2.51 1.61
CA SER A 40 12.71 -1.30 2.46
C SER A 40 11.41 -0.92 3.17
N THR A 41 10.42 -0.49 2.42
CA THR A 41 9.13 -0.11 3.05
C THR A 41 7.96 -0.56 2.17
N ILE A 42 6.89 -1.03 2.77
CA ILE A 42 5.73 -1.47 1.96
C ILE A 42 4.45 -0.80 2.46
N PHE A 43 3.75 -0.12 1.59
CA PHE A 43 2.48 0.53 2.00
C PHE A 43 1.31 -0.40 1.67
N TYR A 44 0.32 -0.43 2.50
CA TYR A 44 -0.84 -1.33 2.24
C TYR A 44 -2.13 -0.54 2.05
N LYS A 45 -2.65 -0.50 0.86
CA LYS A 45 -3.92 0.24 0.63
C LYS A 45 -5.14 -0.67 0.86
N CYS A 46 -5.86 -0.46 1.93
CA CYS A 46 -7.05 -1.31 2.20
C CYS A 46 -7.93 -1.37 0.95
N THR A 47 -8.67 -2.44 0.79
CA THR A 47 -9.55 -2.56 -0.41
C THR A 47 -10.99 -2.19 -0.05
N LYS A 48 -11.21 -0.99 0.43
CA LYS A 48 -12.59 -0.58 0.79
C LYS A 48 -12.70 0.95 0.80
N CYS A 49 -12.14 1.59 1.79
CA CYS A 49 -12.21 3.07 1.85
C CYS A 49 -11.06 3.69 1.05
N GLY A 50 -10.02 2.93 0.82
CA GLY A 50 -8.86 3.47 0.05
C GLY A 50 -7.89 4.17 1.00
N HIS A 51 -7.26 3.43 1.88
CA HIS A 51 -6.29 4.05 2.82
C HIS A 51 -5.03 3.20 2.87
N THR A 52 -3.87 3.80 2.92
CA THR A 52 -2.63 2.98 2.94
C THR A 52 -1.71 3.40 4.08
N TRP A 53 -1.11 2.43 4.73
CA TRP A 53 -0.15 2.77 5.82
C TRP A 53 1.22 2.20 5.44
N ARG A 54 2.04 1.82 6.37
CA ARG A 54 3.37 1.28 5.98
C ARG A 54 3.72 0.02 6.78
N SER A 55 4.54 -0.83 6.21
CA SER A 55 4.94 -2.08 6.90
C SER A 55 6.36 -1.94 7.47
N TYR A 56 6.64 -0.86 8.14
CA TYR A 56 8.00 -0.67 8.71
C TYR A 56 8.47 -1.95 9.42
N GLU A 57 9.75 -2.08 9.61
CA GLU A 57 10.28 -3.31 10.28
C GLU A 57 11.36 -2.92 11.30
N GLY A 1 -2.04 12.23 -2.21
CA GLY A 1 -1.40 11.63 -3.42
C GLY A 1 -0.01 12.24 -3.61
N SER A 2 0.83 11.60 -4.38
CA SER A 2 2.19 12.15 -4.61
C SER A 2 2.90 11.36 -5.72
N HIS A 3 2.47 11.52 -6.94
CA HIS A 3 3.12 10.77 -8.06
C HIS A 3 3.01 9.26 -7.82
N MET A 4 3.41 8.47 -8.78
CA MET A 4 3.32 6.99 -8.61
C MET A 4 1.87 6.56 -8.36
N GLU A 5 0.97 7.01 -9.20
CA GLU A 5 -0.47 6.62 -9.01
C GLU A 5 -0.95 5.80 -10.21
N GLN A 6 -1.24 4.55 -10.01
CA GLN A 6 -1.70 3.70 -11.14
C GLN A 6 -3.18 3.34 -10.96
N ASP A 7 -3.67 2.42 -11.75
CA ASP A 7 -5.11 2.03 -11.64
C ASP A 7 -5.38 1.37 -10.28
N LEU A 8 -6.62 1.09 -9.99
CA LEU A 8 -6.95 0.45 -8.68
C LEU A 8 -7.20 -1.05 -8.89
N LYS A 9 -8.13 -1.39 -9.74
CA LYS A 9 -8.43 -2.83 -9.99
C LYS A 9 -7.12 -3.62 -10.12
N THR A 10 -6.11 -3.01 -10.67
CA THR A 10 -4.81 -3.72 -10.82
C THR A 10 -4.06 -3.73 -9.49
N LEU A 11 -2.78 -4.02 -9.52
CA LEU A 11 -1.99 -4.04 -8.26
C LEU A 11 -2.41 -5.24 -7.40
N PRO A 12 -1.49 -6.16 -7.19
CA PRO A 12 -1.79 -7.36 -6.36
C PRO A 12 -2.24 -6.93 -4.97
N THR A 13 -2.86 -7.81 -4.23
CA THR A 13 -3.33 -7.44 -2.87
C THR A 13 -2.89 -8.47 -1.84
N THR A 14 -2.89 -8.11 -0.59
CA THR A 14 -2.50 -9.06 0.48
C THR A 14 -3.54 -9.02 1.60
N LYS A 15 -3.51 -9.98 2.49
CA LYS A 15 -4.51 -9.99 3.58
C LYS A 15 -4.01 -9.18 4.79
N ILE A 16 -4.66 -8.10 5.08
CA ILE A 16 -4.25 -7.25 6.23
C ILE A 16 -5.48 -6.50 6.73
N THR A 17 -5.35 -5.64 7.70
CA THR A 17 -6.55 -4.91 8.17
C THR A 17 -6.43 -3.40 7.94
N CYS A 18 -7.52 -2.71 8.08
CA CYS A 18 -7.51 -1.24 7.87
C CYS A 18 -8.02 -0.49 9.12
N PRO A 19 -7.13 0.20 9.78
CA PRO A 19 -7.50 0.97 11.00
C PRO A 19 -8.46 2.12 10.67
N LYS A 20 -8.81 2.31 9.43
CA LYS A 20 -9.73 3.45 9.08
C LYS A 20 -11.18 2.98 9.00
N CYS A 21 -11.51 2.19 8.01
CA CYS A 21 -12.92 1.72 7.88
C CYS A 21 -13.11 0.34 8.52
N GLY A 22 -12.04 -0.40 8.71
CA GLY A 22 -12.17 -1.74 9.34
C GLY A 22 -12.14 -2.82 8.26
N ASN A 23 -11.62 -2.52 7.11
CA ASN A 23 -11.55 -3.53 6.02
C ASN A 23 -10.68 -4.71 6.46
N ASP A 24 -10.63 -5.76 5.68
CA ASP A 24 -9.81 -6.93 6.06
C ASP A 24 -8.71 -7.20 5.02
N THR A 25 -8.59 -6.34 4.04
CA THR A 25 -7.54 -6.55 3.00
C THR A 25 -7.03 -5.22 2.46
N ALA A 26 -5.93 -5.24 1.76
CA ALA A 26 -5.38 -3.98 1.19
C ALA A 26 -4.37 -4.28 0.08
N TYR A 27 -4.14 -3.36 -0.82
CA TYR A 27 -3.13 -3.61 -1.89
C TYR A 27 -1.76 -3.42 -1.27
N TRP A 28 -0.72 -3.96 -1.84
CA TRP A 28 0.61 -3.76 -1.21
C TRP A 28 1.73 -3.68 -2.23
N TRP A 29 2.70 -2.86 -1.95
CA TRP A 29 3.88 -2.72 -2.84
C TRP A 29 5.05 -2.24 -1.98
N GLU A 30 6.23 -2.16 -2.52
CA GLU A 30 7.38 -1.71 -1.70
C GLU A 30 7.83 -0.32 -2.16
N MET A 31 8.47 0.42 -1.29
CA MET A 31 8.94 1.78 -1.67
C MET A 31 10.47 1.87 -1.52
N GLN A 32 11.02 3.03 -1.79
CA GLN A 32 12.50 3.18 -1.65
C GLN A 32 12.83 4.49 -0.92
N THR A 33 14.04 4.64 -0.47
CA THR A 33 14.41 5.89 0.25
C THR A 33 15.80 6.37 -0.18
N ARG A 34 16.75 5.47 -0.25
CA ARG A 34 18.13 5.88 -0.66
C ARG A 34 18.74 4.82 -1.59
N ALA A 35 20.03 4.79 -1.68
CA ALA A 35 20.68 3.78 -2.57
C ALA A 35 20.11 3.87 -3.98
N GLY A 36 19.04 3.16 -4.24
CA GLY A 36 18.42 3.20 -5.60
C GLY A 36 16.96 2.76 -5.51
N ASP A 37 16.67 1.54 -5.85
CA ASP A 37 15.26 1.06 -5.78
C ASP A 37 15.17 -0.16 -4.86
N GLU A 38 16.24 -0.50 -4.19
CA GLU A 38 16.21 -1.67 -3.28
C GLU A 38 14.95 -1.65 -2.42
N PRO A 39 14.49 -2.83 -2.05
CA PRO A 39 13.27 -2.93 -1.21
C PRO A 39 13.50 -2.27 0.14
N SER A 40 12.45 -1.95 0.85
CA SER A 40 12.63 -1.29 2.18
C SER A 40 11.29 -1.21 2.93
N THR A 41 10.42 -0.33 2.52
CA THR A 41 9.10 -0.21 3.22
C THR A 41 7.97 -0.67 2.30
N ILE A 42 6.91 -1.17 2.86
CA ILE A 42 5.77 -1.63 2.03
C ILE A 42 4.49 -0.89 2.44
N PHE A 43 3.84 -0.26 1.51
CA PHE A 43 2.58 0.46 1.86
C PHE A 43 1.38 -0.45 1.58
N TYR A 44 0.40 -0.42 2.43
CA TYR A 44 -0.79 -1.30 2.23
C TYR A 44 -2.06 -0.48 2.03
N LYS A 45 -2.59 -0.46 0.84
CA LYS A 45 -3.86 0.31 0.63
C LYS A 45 -5.09 -0.59 0.81
N CYS A 46 -5.82 -0.37 1.86
CA CYS A 46 -7.04 -1.20 2.10
C CYS A 46 -7.89 -1.23 0.83
N THR A 47 -8.66 -2.27 0.65
CA THR A 47 -9.51 -2.37 -0.58
C THR A 47 -10.99 -2.14 -0.23
N LYS A 48 -11.30 -1.02 0.35
CA LYS A 48 -12.72 -0.74 0.72
C LYS A 48 -12.93 0.78 0.84
N CYS A 49 -12.13 1.42 1.65
CA CYS A 49 -12.28 2.89 1.82
C CYS A 49 -11.13 3.63 1.10
N GLY A 50 -10.07 2.93 0.81
CA GLY A 50 -8.93 3.58 0.12
C GLY A 50 -7.97 4.19 1.16
N HIS A 51 -7.50 3.40 2.07
CA HIS A 51 -6.55 3.93 3.09
C HIS A 51 -5.25 3.15 3.00
N THR A 52 -4.13 3.78 3.22
CA THR A 52 -2.85 3.02 3.11
C THR A 52 -1.85 3.45 4.19
N TRP A 53 -1.12 2.51 4.72
CA TRP A 53 -0.11 2.83 5.75
C TRP A 53 1.24 2.25 5.32
N ARG A 54 2.08 1.87 6.24
CA ARG A 54 3.41 1.30 5.82
C ARG A 54 3.75 0.06 6.64
N SER A 55 4.59 -0.79 6.12
CA SER A 55 4.98 -2.02 6.86
C SER A 55 6.37 -1.85 7.48
N TYR A 56 7.13 -2.91 7.57
CA TYR A 56 8.49 -2.80 8.17
C TYR A 56 9.28 -4.08 7.93
N GLU A 57 9.13 -5.05 8.79
CA GLU A 57 9.88 -6.32 8.60
C GLU A 57 8.91 -7.48 8.36
N GLY A 1 -7.49 13.96 -20.90
CA GLY A 1 -7.01 14.28 -22.28
C GLY A 1 -6.82 12.98 -23.06
N SER A 2 -7.89 12.40 -23.53
CA SER A 2 -7.77 11.12 -24.31
C SER A 2 -7.14 10.04 -23.45
N HIS A 3 -7.21 8.81 -23.88
CA HIS A 3 -6.60 7.70 -23.09
C HIS A 3 -5.09 7.88 -23.01
N MET A 4 -4.47 7.34 -21.99
CA MET A 4 -2.99 7.48 -21.85
C MET A 4 -2.49 6.57 -20.73
N GLU A 5 -3.13 6.60 -19.61
CA GLU A 5 -2.69 5.74 -18.46
C GLU A 5 -3.86 4.87 -17.99
N GLN A 6 -3.57 3.76 -17.35
CA GLN A 6 -4.65 2.87 -16.87
C GLN A 6 -4.09 1.82 -15.90
N ASP A 7 -4.40 1.94 -14.64
CA ASP A 7 -3.88 0.95 -13.65
C ASP A 7 -4.55 1.14 -12.30
N LEU A 8 -3.82 1.03 -11.23
CA LEU A 8 -4.43 1.20 -9.86
C LEU A 8 -5.49 0.13 -9.63
N LYS A 9 -6.63 0.27 -10.27
CA LYS A 9 -7.71 -0.74 -10.08
C LYS A 9 -7.12 -2.15 -10.09
N THR A 10 -6.01 -2.33 -10.76
CA THR A 10 -5.38 -3.68 -10.81
C THR A 10 -4.13 -3.71 -9.93
N LEU A 11 -4.02 -4.69 -9.08
CA LEU A 11 -2.82 -4.78 -8.20
C LEU A 11 -2.98 -5.95 -7.21
N PRO A 12 -1.91 -6.68 -7.00
CA PRO A 12 -1.95 -7.82 -6.06
C PRO A 12 -2.24 -7.34 -4.65
N THR A 13 -3.28 -7.84 -4.03
CA THR A 13 -3.62 -7.40 -2.66
C THR A 13 -3.19 -8.45 -1.63
N THR A 14 -3.01 -8.04 -0.40
CA THR A 14 -2.61 -9.02 0.65
C THR A 14 -3.66 -9.01 1.77
N LYS A 15 -3.76 -10.07 2.52
CA LYS A 15 -4.77 -10.10 3.60
C LYS A 15 -4.27 -9.32 4.81
N ILE A 16 -4.85 -8.18 5.05
CA ILE A 16 -4.44 -7.34 6.21
C ILE A 16 -5.67 -6.56 6.70
N THR A 17 -5.54 -5.78 7.72
CA THR A 17 -6.75 -5.02 8.18
C THR A 17 -6.55 -3.51 8.02
N CYS A 18 -7.63 -2.78 8.11
CA CYS A 18 -7.56 -1.31 7.95
C CYS A 18 -8.06 -0.61 9.23
N PRO A 19 -7.16 0.08 9.90
CA PRO A 19 -7.53 0.80 11.14
C PRO A 19 -8.52 1.94 10.86
N LYS A 20 -8.84 2.17 9.60
CA LYS A 20 -9.79 3.28 9.28
C LYS A 20 -11.22 2.75 9.16
N CYS A 21 -11.51 1.96 8.16
CA CYS A 21 -12.90 1.44 8.00
C CYS A 21 -12.99 -0.01 8.49
N GLY A 22 -11.89 -0.63 8.81
CA GLY A 22 -11.94 -2.03 9.31
C GLY A 22 -11.85 -3.02 8.16
N ASN A 23 -11.50 -2.57 6.99
CA ASN A 23 -11.40 -3.50 5.83
C ASN A 23 -10.53 -4.71 6.21
N ASP A 24 -10.78 -5.84 5.62
CA ASP A 24 -9.96 -7.05 5.97
C ASP A 24 -8.87 -7.28 4.93
N THR A 25 -8.73 -6.40 3.98
CA THR A 25 -7.66 -6.60 2.95
C THR A 25 -7.12 -5.26 2.45
N ALA A 26 -6.01 -5.30 1.75
CA ALA A 26 -5.42 -4.04 1.22
C ALA A 26 -4.41 -4.35 0.11
N TYR A 27 -4.11 -3.40 -0.74
CA TYR A 27 -3.10 -3.65 -1.81
C TYR A 27 -1.72 -3.55 -1.18
N TRP A 28 -0.71 -4.14 -1.76
CA TRP A 28 0.63 -4.03 -1.12
C TRP A 28 1.76 -3.93 -2.13
N TRP A 29 2.71 -3.10 -1.84
CA TRP A 29 3.89 -2.94 -2.73
C TRP A 29 5.02 -2.31 -1.90
N GLU A 30 6.20 -2.28 -2.42
CA GLU A 30 7.31 -1.69 -1.62
C GLU A 30 7.70 -0.31 -2.16
N MET A 31 8.23 0.54 -1.34
CA MET A 31 8.63 1.90 -1.82
C MET A 31 10.13 2.10 -1.65
N GLN A 32 10.65 3.20 -2.11
CA GLN A 32 12.13 3.45 -1.97
C GLN A 32 12.38 4.83 -1.38
N THR A 33 13.55 5.06 -0.86
CA THR A 33 13.86 6.39 -0.27
C THR A 33 15.31 6.78 -0.56
N ARG A 34 16.26 6.12 0.05
CA ARG A 34 17.69 6.45 -0.20
C ARG A 34 18.33 5.38 -1.10
N ALA A 35 19.63 5.25 -1.02
CA ALA A 35 20.32 4.23 -1.87
C ALA A 35 20.11 2.82 -1.31
N GLY A 36 18.89 2.36 -1.27
CA GLY A 36 18.63 1.00 -0.74
C GLY A 36 18.40 0.03 -1.90
N ASP A 37 18.62 0.48 -3.12
CA ASP A 37 18.42 -0.40 -4.31
C ASP A 37 16.93 -0.57 -4.62
N GLU A 38 16.11 -0.77 -3.63
CA GLU A 38 14.65 -0.94 -3.88
C GLU A 38 13.92 -1.28 -2.57
N PRO A 39 14.33 -2.35 -1.93
CA PRO A 39 13.70 -2.74 -0.66
C PRO A 39 13.79 -1.61 0.38
N SER A 40 12.75 -1.40 1.12
CA SER A 40 12.78 -0.31 2.15
C SER A 40 11.51 -0.36 3.01
N THR A 41 10.37 -0.21 2.40
CA THR A 41 9.11 -0.26 3.18
C THR A 41 7.95 -0.69 2.28
N ILE A 42 6.93 -1.30 2.85
CA ILE A 42 5.78 -1.75 2.01
C ILE A 42 4.53 -0.94 2.37
N PHE A 43 3.91 -0.31 1.42
CA PHE A 43 2.68 0.47 1.72
C PHE A 43 1.46 -0.41 1.47
N TYR A 44 0.50 -0.37 2.35
CA TYR A 44 -0.71 -1.23 2.18
C TYR A 44 -1.94 -0.38 1.88
N LYS A 45 -2.58 -0.59 0.76
CA LYS A 45 -3.81 0.21 0.45
C LYS A 45 -5.07 -0.62 0.71
N CYS A 46 -5.76 -0.32 1.76
CA CYS A 46 -7.01 -1.07 2.08
C CYS A 46 -7.91 -1.12 0.83
N THR A 47 -8.51 -2.24 0.58
CA THR A 47 -9.39 -2.37 -0.61
C THR A 47 -10.84 -2.03 -0.25
N LYS A 48 -11.05 -0.90 0.36
CA LYS A 48 -12.44 -0.50 0.73
C LYS A 48 -12.56 1.02 0.80
N CYS A 49 -11.93 1.63 1.78
CA CYS A 49 -12.01 3.11 1.89
C CYS A 49 -10.80 3.76 1.22
N GLY A 50 -9.82 2.99 0.85
CA GLY A 50 -8.63 3.56 0.18
C GLY A 50 -7.62 4.04 1.23
N HIS A 51 -7.47 3.32 2.30
CA HIS A 51 -6.49 3.74 3.34
C HIS A 51 -5.10 3.24 2.94
N THR A 52 -4.09 4.03 3.13
CA THR A 52 -2.72 3.58 2.74
C THR A 52 -1.70 3.94 3.81
N TRP A 53 -1.13 2.96 4.45
CA TRP A 53 -0.11 3.25 5.49
C TRP A 53 1.21 2.55 5.12
N ARG A 54 2.04 2.25 6.07
CA ARG A 54 3.34 1.58 5.73
C ARG A 54 3.56 0.37 6.64
N SER A 55 4.48 -0.49 6.27
CA SER A 55 4.76 -1.70 7.09
C SER A 55 6.15 -1.59 7.72
N TYR A 56 6.91 -2.66 7.70
CA TYR A 56 8.27 -2.61 8.30
C TYR A 56 8.95 -3.97 8.16
N GLU A 57 10.04 -4.02 7.44
CA GLU A 57 10.75 -5.33 7.26
C GLU A 57 11.94 -5.41 8.22
N GLY A 1 -5.97 11.36 -17.07
CA GLY A 1 -5.17 11.38 -15.80
C GLY A 1 -6.05 10.90 -14.64
N SER A 2 -7.17 11.53 -14.43
CA SER A 2 -8.06 11.10 -13.32
C SER A 2 -9.48 10.82 -13.86
N HIS A 3 -9.69 9.66 -14.41
CA HIS A 3 -11.04 9.32 -14.94
C HIS A 3 -11.15 7.83 -15.25
N MET A 4 -12.35 7.34 -15.43
CA MET A 4 -12.52 5.89 -15.73
C MET A 4 -11.67 5.05 -14.77
N GLU A 5 -11.73 5.35 -13.50
CA GLU A 5 -10.93 4.57 -12.51
C GLU A 5 -9.50 4.38 -13.02
N GLN A 6 -8.95 5.39 -13.63
CA GLN A 6 -7.55 5.28 -14.16
C GLN A 6 -6.62 4.79 -13.04
N ASP A 7 -5.63 4.03 -13.38
CA ASP A 7 -4.68 3.52 -12.34
C ASP A 7 -5.44 2.71 -11.29
N LEU A 8 -4.75 2.25 -10.27
CA LEU A 8 -5.42 1.46 -9.21
C LEU A 8 -6.06 0.20 -9.81
N LYS A 9 -6.72 -0.58 -9.01
CA LYS A 9 -7.34 -1.83 -9.53
C LYS A 9 -6.27 -2.80 -10.04
N THR A 10 -5.18 -2.89 -9.32
CA THR A 10 -4.09 -3.81 -9.75
C THR A 10 -3.11 -4.07 -8.60
N LEU A 11 -1.92 -4.46 -8.92
CA LEU A 11 -0.89 -4.72 -7.87
C LEU A 11 -1.32 -5.93 -7.02
N PRO A 12 -0.37 -6.76 -6.67
CA PRO A 12 -0.66 -7.94 -5.84
C PRO A 12 -1.22 -7.51 -4.48
N THR A 13 -2.38 -8.00 -4.11
CA THR A 13 -2.97 -7.61 -2.81
C THR A 13 -2.57 -8.60 -1.72
N THR A 14 -2.79 -8.24 -0.49
CA THR A 14 -2.43 -9.15 0.64
C THR A 14 -3.52 -9.09 1.71
N LYS A 15 -3.62 -10.09 2.54
CA LYS A 15 -4.67 -10.07 3.60
C LYS A 15 -4.17 -9.27 4.80
N ILE A 16 -4.80 -8.16 5.06
CA ILE A 16 -4.40 -7.31 6.22
C ILE A 16 -5.62 -6.51 6.67
N THR A 17 -5.52 -5.79 7.76
CA THR A 17 -6.72 -5.03 8.19
C THR A 17 -6.53 -3.53 8.00
N CYS A 18 -7.61 -2.79 8.11
CA CYS A 18 -7.55 -1.32 7.91
C CYS A 18 -8.07 -0.59 9.16
N PRO A 19 -7.18 0.02 9.91
CA PRO A 19 -7.58 0.75 11.12
C PRO A 19 -8.49 1.94 10.78
N LYS A 20 -8.69 2.22 9.52
CA LYS A 20 -9.56 3.37 9.13
C LYS A 20 -11.02 2.94 9.05
N CYS A 21 -11.35 2.09 8.12
CA CYS A 21 -12.76 1.63 7.99
C CYS A 21 -12.94 0.22 8.56
N GLY A 22 -11.86 -0.44 8.87
CA GLY A 22 -11.97 -1.81 9.45
C GLY A 22 -11.98 -2.86 8.33
N ASN A 23 -11.55 -2.50 7.15
CA ASN A 23 -11.53 -3.49 6.04
C ASN A 23 -10.74 -4.73 6.45
N ASP A 24 -10.71 -5.74 5.63
CA ASP A 24 -9.95 -6.96 5.99
C ASP A 24 -8.84 -7.23 4.96
N THR A 25 -8.69 -6.36 3.98
CA THR A 25 -7.62 -6.60 2.97
C THR A 25 -7.09 -5.26 2.43
N ALA A 26 -5.98 -5.30 1.74
CA ALA A 26 -5.41 -4.04 1.18
C ALA A 26 -4.38 -4.37 0.09
N TYR A 27 -4.14 -3.47 -0.82
CA TYR A 27 -3.11 -3.74 -1.87
C TYR A 27 -1.74 -3.52 -1.23
N TRP A 28 -0.68 -4.02 -1.82
CA TRP A 28 0.63 -3.80 -1.18
C TRP A 28 1.77 -3.80 -2.18
N TRP A 29 2.73 -2.94 -1.95
CA TRP A 29 3.92 -2.86 -2.83
C TRP A 29 5.09 -2.37 -1.99
N GLU A 30 6.26 -2.27 -2.55
CA GLU A 30 7.41 -1.81 -1.72
C GLU A 30 7.83 -0.39 -2.13
N MET A 31 8.48 0.32 -1.25
CA MET A 31 8.93 1.70 -1.58
C MET A 31 10.36 1.93 -1.09
N GLN A 32 11.13 2.70 -1.81
CA GLN A 32 12.54 2.97 -1.38
C GLN A 32 12.72 4.45 -1.06
N THR A 33 13.51 4.76 -0.07
CA THR A 33 13.73 6.19 0.30
C THR A 33 15.14 6.62 -0.11
N ARG A 34 16.14 5.91 0.32
CA ARG A 34 17.54 6.27 -0.04
C ARG A 34 18.15 5.22 -0.97
N ALA A 35 18.87 4.28 -0.43
CA ALA A 35 19.48 3.22 -1.28
C ALA A 35 19.65 1.92 -0.49
N GLY A 36 18.70 1.03 -0.56
CA GLY A 36 18.81 -0.25 0.19
C GLY A 36 18.55 -1.42 -0.75
N ASP A 37 18.99 -1.31 -1.99
CA ASP A 37 18.76 -2.41 -2.98
C ASP A 37 17.31 -2.40 -3.46
N GLU A 38 16.37 -2.35 -2.55
CA GLU A 38 14.95 -2.34 -2.96
C GLU A 38 14.03 -2.43 -1.72
N PRO A 39 14.17 -3.50 -0.97
CA PRO A 39 13.34 -3.67 0.26
C PRO A 39 13.53 -2.48 1.21
N SER A 40 12.47 -2.00 1.79
CA SER A 40 12.60 -0.84 2.72
C SER A 40 11.26 -0.53 3.39
N THR A 41 10.28 -0.14 2.62
CA THR A 41 8.94 0.17 3.21
C THR A 41 7.82 -0.34 2.31
N ILE A 42 6.86 -1.02 2.86
CA ILE A 42 5.73 -1.54 2.03
C ILE A 42 4.45 -0.79 2.38
N PHE A 43 3.81 -0.20 1.41
CA PHE A 43 2.55 0.53 1.70
C PHE A 43 1.36 -0.41 1.48
N TYR A 44 0.37 -0.34 2.33
CA TYR A 44 -0.80 -1.23 2.19
C TYR A 44 -2.06 -0.43 1.90
N LYS A 45 -2.63 -0.57 0.73
CA LYS A 45 -3.87 0.20 0.43
C LYS A 45 -5.12 -0.66 0.67
N CYS A 46 -5.84 -0.37 1.72
CA CYS A 46 -7.08 -1.15 2.02
C CYS A 46 -7.96 -1.21 0.77
N THR A 47 -8.65 -2.29 0.57
CA THR A 47 -9.53 -2.41 -0.63
C THR A 47 -10.97 -2.02 -0.30
N LYS A 48 -11.16 -0.88 0.32
CA LYS A 48 -12.53 -0.45 0.68
C LYS A 48 -12.61 1.08 0.77
N CYS A 49 -11.98 1.65 1.76
CA CYS A 49 -12.02 3.14 1.90
C CYS A 49 -10.79 3.76 1.22
N GLY A 50 -9.83 2.96 0.86
CA GLY A 50 -8.62 3.50 0.20
C GLY A 50 -7.61 3.94 1.28
N HIS A 51 -7.54 3.23 2.36
CA HIS A 51 -6.58 3.60 3.42
C HIS A 51 -5.18 3.11 3.03
N THR A 52 -4.17 3.90 3.22
CA THR A 52 -2.81 3.46 2.82
C THR A 52 -1.78 3.79 3.91
N TRP A 53 -1.21 2.79 4.51
CA TRP A 53 -0.18 3.04 5.56
C TRP A 53 1.14 2.37 5.13
N ARG A 54 1.99 2.04 6.05
CA ARG A 54 3.28 1.40 5.66
C ARG A 54 3.59 0.20 6.54
N SER A 55 4.46 -0.67 6.08
CA SER A 55 4.82 -1.87 6.88
C SER A 55 6.23 -1.73 7.45
N TYR A 56 6.98 -2.80 7.50
CA TYR A 56 8.36 -2.71 8.04
C TYR A 56 9.05 -4.08 7.97
N GLU A 57 9.72 -4.37 6.89
CA GLU A 57 10.42 -5.68 6.76
C GLU A 57 11.92 -5.46 6.60
N GLY A 1 -0.07 15.05 -5.28
CA GLY A 1 0.29 13.96 -6.22
C GLY A 1 -0.04 14.39 -7.66
N SER A 2 0.86 14.14 -8.58
CA SER A 2 0.60 14.54 -9.99
C SER A 2 0.80 13.34 -10.93
N HIS A 3 1.96 12.74 -10.89
CA HIS A 3 2.23 11.57 -11.77
C HIS A 3 1.37 10.37 -11.33
N MET A 4 1.16 10.20 -10.05
CA MET A 4 0.34 9.06 -9.57
C MET A 4 -1.12 9.27 -9.98
N GLU A 5 -1.90 8.21 -10.01
CA GLU A 5 -3.33 8.35 -10.40
C GLU A 5 -4.22 7.48 -9.50
N GLN A 6 -5.31 8.01 -9.05
CA GLN A 6 -6.23 7.21 -8.17
C GLN A 6 -6.80 6.02 -8.96
N ASP A 7 -6.18 4.88 -8.86
CA ASP A 7 -6.70 3.69 -9.59
C ASP A 7 -6.42 2.41 -8.80
N LEU A 8 -7.38 1.54 -8.71
CA LEU A 8 -7.16 0.26 -7.96
C LEU A 8 -6.68 -0.84 -8.90
N LYS A 9 -6.89 -0.67 -10.18
CA LYS A 9 -6.44 -1.69 -11.16
C LYS A 9 -4.91 -1.74 -11.19
N THR A 10 -4.30 -2.06 -10.08
CA THR A 10 -2.81 -2.10 -10.03
C THR A 10 -2.34 -3.31 -9.23
N LEU A 11 -1.18 -3.21 -8.65
CA LEU A 11 -0.60 -4.33 -7.86
C LEU A 11 -1.67 -5.21 -7.20
N PRO A 12 -1.32 -6.44 -6.93
CA PRO A 12 -2.26 -7.40 -6.29
C PRO A 12 -2.61 -6.91 -4.89
N THR A 13 -3.20 -7.75 -4.09
CA THR A 13 -3.57 -7.31 -2.71
C THR A 13 -3.13 -8.37 -1.69
N THR A 14 -2.99 -7.97 -0.46
CA THR A 14 -2.59 -8.94 0.60
C THR A 14 -3.61 -8.93 1.73
N LYS A 15 -3.65 -9.96 2.51
CA LYS A 15 -4.64 -10.00 3.62
C LYS A 15 -4.13 -9.18 4.80
N ILE A 16 -4.77 -8.09 5.08
CA ILE A 16 -4.35 -7.22 6.21
C ILE A 16 -5.59 -6.50 6.75
N THR A 17 -5.43 -5.55 7.62
CA THR A 17 -6.63 -4.85 8.15
C THR A 17 -6.52 -3.35 7.94
N CYS A 18 -7.59 -2.64 8.19
CA CYS A 18 -7.57 -1.16 8.00
C CYS A 18 -8.09 -0.43 9.24
N PRO A 19 -7.23 0.33 9.89
CA PRO A 19 -7.63 1.08 11.10
C PRO A 19 -8.63 2.19 10.76
N LYS A 20 -8.97 2.36 9.50
CA LYS A 20 -9.93 3.43 9.13
C LYS A 20 -11.35 2.87 9.01
N CYS A 21 -11.61 2.08 8.01
CA CYS A 21 -12.99 1.51 7.84
C CYS A 21 -13.09 0.14 8.52
N GLY A 22 -11.99 -0.52 8.73
CA GLY A 22 -12.02 -1.85 9.40
C GLY A 22 -12.09 -2.97 8.36
N ASN A 23 -11.63 -2.72 7.16
CA ASN A 23 -11.65 -3.79 6.12
C ASN A 23 -10.69 -4.92 6.51
N ASP A 24 -10.70 -5.99 5.77
CA ASP A 24 -9.78 -7.12 6.11
C ASP A 24 -8.76 -7.33 4.98
N THR A 25 -8.60 -6.38 4.11
CA THR A 25 -7.60 -6.55 3.01
C THR A 25 -7.08 -5.20 2.51
N ALA A 26 -5.98 -5.22 1.81
CA ALA A 26 -5.39 -3.96 1.27
C ALA A 26 -4.40 -4.28 0.14
N TYR A 27 -4.11 -3.33 -0.70
CA TYR A 27 -3.11 -3.58 -1.78
C TYR A 27 -1.73 -3.48 -1.15
N TRP A 28 -0.69 -3.80 -1.86
CA TRP A 28 0.65 -3.68 -1.22
C TRP A 28 1.77 -3.63 -2.25
N TRP A 29 2.74 -2.79 -2.01
CA TRP A 29 3.90 -2.69 -2.92
C TRP A 29 5.12 -2.28 -2.10
N GLU A 30 6.27 -2.20 -2.70
CA GLU A 30 7.48 -1.82 -1.90
C GLU A 30 7.90 -0.39 -2.22
N MET A 31 8.60 0.24 -1.33
CA MET A 31 9.05 1.64 -1.58
C MET A 31 10.56 1.76 -1.35
N GLN A 32 11.28 2.26 -2.31
CA GLN A 32 12.76 2.40 -2.15
C GLN A 32 13.08 3.67 -1.35
N THR A 33 13.86 3.55 -0.32
CA THR A 33 14.21 4.75 0.49
C THR A 33 15.72 4.79 0.76
N ARG A 34 16.14 5.62 1.67
CA ARG A 34 17.60 5.71 1.98
C ARG A 34 17.97 4.66 3.03
N ALA A 35 19.25 4.43 3.23
CA ALA A 35 19.68 3.43 4.25
C ALA A 35 19.70 4.05 5.64
N GLY A 36 18.65 4.72 6.02
CA GLY A 36 18.61 5.37 7.37
C GLY A 36 17.15 5.58 7.79
N ASP A 37 16.30 4.64 7.48
CA ASP A 37 14.86 4.78 7.86
C ASP A 37 14.07 3.56 7.38
N GLU A 38 14.35 2.41 7.93
CA GLU A 38 13.62 1.18 7.50
C GLU A 38 13.93 0.88 6.04
N PRO A 39 14.92 0.05 5.82
CA PRO A 39 15.31 -0.31 4.44
C PRO A 39 14.15 -0.97 3.70
N SER A 40 13.80 -0.46 2.55
CA SER A 40 12.67 -1.05 1.78
C SER A 40 11.39 -1.03 2.62
N THR A 41 10.44 -0.22 2.25
CA THR A 41 9.16 -0.15 3.02
C THR A 41 7.99 -0.59 2.13
N ILE A 42 6.92 -1.05 2.73
CA ILE A 42 5.76 -1.48 1.91
C ILE A 42 4.49 -0.74 2.35
N PHE A 43 3.82 -0.10 1.43
CA PHE A 43 2.56 0.62 1.80
C PHE A 43 1.38 -0.30 1.50
N TYR A 44 0.43 -0.36 2.41
CA TYR A 44 -0.74 -1.25 2.19
C TYR A 44 -2.02 -0.44 1.98
N LYS A 45 -2.52 -0.38 0.80
CA LYS A 45 -3.79 0.39 0.57
C LYS A 45 -5.01 -0.51 0.78
N CYS A 46 -5.72 -0.31 1.85
CA CYS A 46 -6.93 -1.13 2.12
C CYS A 46 -7.80 -1.19 0.87
N THR A 47 -8.45 -2.30 0.64
CA THR A 47 -9.32 -2.42 -0.57
C THR A 47 -10.78 -2.19 -0.19
N LYS A 48 -11.07 -1.06 0.41
CA LYS A 48 -12.48 -0.76 0.80
C LYS A 48 -12.70 0.76 0.85
N CYS A 49 -12.02 1.43 1.73
CA CYS A 49 -12.20 2.90 1.84
C CYS A 49 -11.07 3.63 1.09
N GLY A 50 -10.02 2.94 0.77
CA GLY A 50 -8.90 3.60 0.04
C GLY A 50 -7.93 4.23 1.05
N HIS A 51 -7.45 3.46 1.99
CA HIS A 51 -6.49 4.02 2.99
C HIS A 51 -5.19 3.24 2.90
N THR A 52 -4.07 3.85 3.15
CA THR A 52 -2.80 3.08 3.06
C THR A 52 -1.80 3.51 4.14
N TRP A 53 -1.09 2.56 4.70
CA TRP A 53 -0.08 2.90 5.74
C TRP A 53 1.26 2.27 5.35
N ARG A 54 2.08 1.89 6.30
CA ARG A 54 3.40 1.28 5.94
C ARG A 54 3.58 -0.07 6.63
N SER A 55 4.46 -0.88 6.10
CA SER A 55 4.71 -2.21 6.73
C SER A 55 5.98 -2.18 7.58
N TYR A 56 6.90 -1.31 7.25
CA TYR A 56 8.16 -1.22 8.03
C TYR A 56 8.79 -2.61 8.19
N GLU A 57 9.93 -2.68 8.80
CA GLU A 57 10.59 -4.00 8.98
C GLU A 57 10.28 -4.57 10.37
N GLY A 1 -3.43 17.10 -17.93
CA GLY A 1 -4.89 17.10 -18.21
C GLY A 1 -5.34 15.67 -18.54
N SER A 2 -5.83 14.95 -17.56
CA SER A 2 -6.28 13.55 -17.82
C SER A 2 -5.19 12.77 -18.57
N HIS A 3 -3.95 13.12 -18.36
CA HIS A 3 -2.84 12.40 -19.05
C HIS A 3 -2.13 11.46 -18.07
N MET A 4 -2.08 11.81 -16.82
CA MET A 4 -1.40 10.93 -15.82
C MET A 4 -1.82 9.48 -16.02
N GLU A 5 -0.99 8.55 -15.64
CA GLU A 5 -1.35 7.11 -15.83
C GLU A 5 -1.75 6.50 -14.48
N GLN A 6 -0.80 6.03 -13.72
CA GLN A 6 -1.13 5.42 -12.40
C GLN A 6 -2.22 4.36 -12.57
N ASP A 7 -1.87 3.19 -13.03
CA ASP A 7 -2.88 2.12 -13.22
C ASP A 7 -3.06 1.32 -11.93
N LEU A 8 -3.56 1.96 -10.90
CA LEU A 8 -3.76 1.23 -9.61
C LEU A 8 -4.90 0.21 -9.75
N LYS A 9 -5.57 0.21 -10.87
CA LYS A 9 -6.69 -0.76 -11.08
C LYS A 9 -6.25 -2.16 -10.63
N THR A 10 -5.49 -2.83 -11.45
CA THR A 10 -5.04 -4.21 -11.09
C THR A 10 -3.80 -4.14 -10.19
N LEU A 11 -3.71 -5.03 -9.23
CA LEU A 11 -2.53 -5.02 -8.31
C LEU A 11 -2.63 -6.18 -7.31
N PRO A 12 -1.53 -6.85 -7.09
CA PRO A 12 -1.52 -7.99 -6.13
C PRO A 12 -1.90 -7.51 -4.73
N THR A 13 -3.00 -7.99 -4.21
CA THR A 13 -3.43 -7.54 -2.86
C THR A 13 -3.02 -8.57 -1.80
N THR A 14 -2.96 -8.16 -0.56
CA THR A 14 -2.57 -9.09 0.53
C THR A 14 -3.64 -9.04 1.63
N LYS A 15 -3.73 -10.06 2.43
CA LYS A 15 -4.75 -10.05 3.52
C LYS A 15 -4.24 -9.23 4.71
N ILE A 16 -4.86 -8.11 4.96
CA ILE A 16 -4.44 -7.26 6.12
C ILE A 16 -5.66 -6.48 6.60
N THR A 17 -5.54 -5.77 7.69
CA THR A 17 -6.74 -5.02 8.18
C THR A 17 -6.56 -3.52 8.01
N CYS A 18 -7.63 -2.79 8.17
CA CYS A 18 -7.58 -1.31 8.01
C CYS A 18 -8.10 -0.62 9.28
N PRO A 19 -7.21 0.03 10.00
CA PRO A 19 -7.60 0.74 11.24
C PRO A 19 -8.54 1.91 10.92
N LYS A 20 -8.76 2.18 9.66
CA LYS A 20 -9.67 3.32 9.30
C LYS A 20 -11.12 2.84 9.16
N CYS A 21 -11.41 2.00 8.20
CA CYS A 21 -12.81 1.52 8.03
C CYS A 21 -12.98 0.11 8.61
N GLY A 22 -11.90 -0.56 8.92
CA GLY A 22 -12.00 -1.93 9.51
C GLY A 22 -12.05 -2.99 8.40
N ASN A 23 -11.64 -2.64 7.21
CA ASN A 23 -11.66 -3.64 6.10
C ASN A 23 -10.77 -4.84 6.47
N ASP A 24 -10.77 -5.86 5.65
CA ASP A 24 -9.92 -7.05 5.97
C ASP A 24 -8.87 -7.27 4.88
N THR A 25 -8.72 -6.35 3.97
CA THR A 25 -7.69 -6.54 2.90
C THR A 25 -7.16 -5.20 2.40
N ALA A 26 -6.04 -5.24 1.73
CA ALA A 26 -5.44 -3.99 1.19
C ALA A 26 -4.41 -4.33 0.11
N TYR A 27 -4.12 -3.42 -0.78
CA TYR A 27 -3.10 -3.71 -1.83
C TYR A 27 -1.73 -3.56 -1.19
N TRP A 28 -0.70 -4.11 -1.77
CA TRP A 28 0.64 -3.97 -1.12
C TRP A 28 1.76 -3.91 -2.14
N TRP A 29 2.73 -3.11 -1.87
CA TRP A 29 3.92 -2.98 -2.75
C TRP A 29 5.06 -2.39 -1.93
N GLU A 30 6.25 -2.39 -2.46
CA GLU A 30 7.39 -1.83 -1.67
C GLU A 30 7.83 -0.49 -2.27
N MET A 31 8.38 0.39 -1.48
CA MET A 31 8.81 1.70 -2.02
C MET A 31 10.34 1.82 -1.98
N GLN A 32 11.00 1.61 -3.08
CA GLN A 32 12.49 1.72 -3.11
C GLN A 32 12.89 3.18 -3.34
N THR A 33 12.83 4.00 -2.33
CA THR A 33 13.20 5.43 -2.49
C THR A 33 14.68 5.63 -2.21
N ARG A 34 15.11 6.87 -2.18
CA ARG A 34 16.56 7.15 -1.90
C ARG A 34 16.75 7.52 -0.43
N ALA A 35 16.44 8.73 -0.07
CA ALA A 35 16.61 9.16 1.35
C ALA A 35 15.30 9.79 1.85
N GLY A 36 14.20 9.43 1.27
CA GLY A 36 12.89 10.00 1.71
C GLY A 36 12.80 9.97 3.23
N ASP A 37 12.80 8.80 3.81
CA ASP A 37 12.71 8.69 5.29
C ASP A 37 13.03 7.26 5.75
N GLU A 38 12.56 6.27 5.04
CA GLU A 38 12.85 4.87 5.45
C GLU A 38 13.23 4.02 4.23
N PRO A 39 13.91 2.93 4.49
CA PRO A 39 14.34 2.02 3.40
C PRO A 39 13.12 1.44 2.68
N SER A 40 13.33 0.45 1.85
CA SER A 40 12.19 -0.16 1.12
C SER A 40 11.02 -0.45 2.07
N THR A 41 10.10 0.47 2.19
CA THR A 41 8.94 0.25 3.10
C THR A 41 7.72 -0.20 2.29
N ILE A 42 7.05 -1.24 2.73
CA ILE A 42 5.86 -1.72 1.98
C ILE A 42 4.61 -0.93 2.38
N PHE A 43 3.95 -0.32 1.43
CA PHE A 43 2.72 0.43 1.76
C PHE A 43 1.49 -0.44 1.50
N TYR A 44 0.51 -0.37 2.34
CA TYR A 44 -0.70 -1.22 2.14
C TYR A 44 -1.94 -0.38 1.86
N LYS A 45 -2.56 -0.55 0.73
CA LYS A 45 -3.79 0.24 0.44
C LYS A 45 -5.04 -0.60 0.67
N CYS A 46 -5.75 -0.34 1.74
CA CYS A 46 -6.99 -1.11 2.03
C CYS A 46 -7.89 -1.13 0.78
N THR A 47 -8.44 -2.27 0.46
CA THR A 47 -9.33 -2.36 -0.75
C THR A 47 -10.77 -2.01 -0.38
N LYS A 48 -10.97 -0.94 0.33
CA LYS A 48 -12.36 -0.55 0.71
C LYS A 48 -12.48 0.97 0.78
N CYS A 49 -11.93 1.57 1.79
CA CYS A 49 -12.01 3.06 1.91
C CYS A 49 -10.83 3.71 1.20
N GLY A 50 -9.84 2.93 0.82
CA GLY A 50 -8.67 3.51 0.12
C GLY A 50 -7.67 4.07 1.13
N HIS A 51 -7.42 3.36 2.20
CA HIS A 51 -6.45 3.87 3.21
C HIS A 51 -5.07 3.30 2.89
N THR A 52 -4.03 4.06 3.08
CA THR A 52 -2.68 3.54 2.77
C THR A 52 -1.68 3.89 3.88
N TRP A 53 -1.11 2.89 4.50
CA TRP A 53 -0.12 3.16 5.58
C TRP A 53 1.21 2.46 5.25
N ARG A 54 2.01 2.18 6.23
CA ARG A 54 3.31 1.51 5.95
C ARG A 54 3.51 0.29 6.87
N SER A 55 4.31 -0.65 6.45
CA SER A 55 4.55 -1.85 7.30
C SER A 55 5.79 -1.65 8.17
N TYR A 56 6.90 -1.28 7.57
CA TYR A 56 8.14 -1.06 8.37
C TYR A 56 8.43 -2.30 9.23
N GLU A 57 8.59 -3.44 8.62
CA GLU A 57 8.89 -4.67 9.40
C GLU A 57 10.39 -4.83 9.59
N GLY A 1 6.97 17.31 -10.07
CA GLY A 1 7.69 17.13 -8.78
C GLY A 1 6.79 16.41 -7.78
N SER A 2 5.75 15.78 -8.25
CA SER A 2 4.84 15.05 -7.31
C SER A 2 3.68 14.42 -8.09
N HIS A 3 3.82 13.18 -8.48
CA HIS A 3 2.73 12.51 -9.24
C HIS A 3 2.04 11.47 -8.36
N MET A 4 1.08 10.76 -8.90
CA MET A 4 0.37 9.73 -8.09
C MET A 4 0.71 8.32 -8.59
N GLU A 5 0.35 7.32 -7.85
CA GLU A 5 0.65 5.92 -8.29
C GLU A 5 0.08 5.68 -9.69
N GLN A 6 0.43 4.57 -10.29
CA GLN A 6 -0.08 4.28 -11.66
C GLN A 6 -0.66 2.86 -11.71
N ASP A 7 -1.49 2.58 -12.68
CA ASP A 7 -2.09 1.21 -12.79
C ASP A 7 -2.82 0.86 -11.49
N LEU A 8 -3.39 1.83 -10.82
CA LEU A 8 -4.11 1.54 -9.54
C LEU A 8 -5.06 0.36 -9.74
N LYS A 9 -5.86 0.40 -10.77
CA LYS A 9 -6.82 -0.72 -11.02
C LYS A 9 -6.14 -2.07 -10.80
N THR A 10 -5.31 -2.49 -11.72
CA THR A 10 -4.62 -3.80 -11.57
C THR A 10 -3.56 -3.71 -10.47
N LEU A 11 -3.54 -4.66 -9.57
CA LEU A 11 -2.52 -4.64 -8.48
C LEU A 11 -2.77 -5.80 -7.51
N PRO A 12 -1.76 -6.61 -7.29
CA PRO A 12 -1.89 -7.76 -6.37
C PRO A 12 -2.23 -7.27 -4.96
N THR A 13 -3.17 -7.88 -4.32
CA THR A 13 -3.55 -7.44 -2.93
C THR A 13 -3.11 -8.48 -1.90
N THR A 14 -3.01 -8.08 -0.67
CA THR A 14 -2.61 -9.03 0.41
C THR A 14 -3.65 -9.02 1.53
N LYS A 15 -3.61 -10.00 2.39
CA LYS A 15 -4.61 -10.04 3.50
C LYS A 15 -4.11 -9.21 4.69
N ILE A 16 -4.82 -8.18 5.03
CA ILE A 16 -4.40 -7.33 6.18
C ILE A 16 -5.62 -6.56 6.68
N THR A 17 -5.43 -5.62 7.57
CA THR A 17 -6.62 -4.87 8.08
C THR A 17 -6.44 -3.36 7.89
N CYS A 18 -7.52 -2.63 8.03
CA CYS A 18 -7.46 -1.15 7.84
C CYS A 18 -7.84 -0.43 9.14
N PRO A 19 -6.90 0.30 9.70
CA PRO A 19 -7.16 1.06 10.96
C PRO A 19 -8.14 2.20 10.72
N LYS A 20 -8.61 2.38 9.51
CA LYS A 20 -9.56 3.50 9.24
C LYS A 20 -11.00 3.00 9.15
N CYS A 21 -11.34 2.29 8.11
CA CYS A 21 -12.75 1.80 7.97
C CYS A 21 -12.91 0.42 8.61
N GLY A 22 -11.87 -0.37 8.67
CA GLY A 22 -11.99 -1.72 9.31
C GLY A 22 -12.01 -2.82 8.23
N ASN A 23 -11.53 -2.52 7.05
CA ASN A 23 -11.52 -3.55 5.98
C ASN A 23 -10.67 -4.74 6.41
N ASP A 24 -10.69 -5.80 5.65
CA ASP A 24 -9.89 -7.00 6.01
C ASP A 24 -8.84 -7.30 4.94
N THR A 25 -8.70 -6.41 3.98
CA THR A 25 -7.69 -6.65 2.91
C THR A 25 -7.14 -5.31 2.39
N ALA A 26 -6.04 -5.35 1.70
CA ALA A 26 -5.45 -4.10 1.17
C ALA A 26 -4.45 -4.41 0.05
N TYR A 27 -4.17 -3.46 -0.80
CA TYR A 27 -3.16 -3.71 -1.87
C TYR A 27 -1.78 -3.58 -1.23
N TRP A 28 -0.73 -3.96 -1.89
CA TRP A 28 0.60 -3.81 -1.24
C TRP A 28 1.72 -3.67 -2.26
N TRP A 29 2.64 -2.81 -1.98
CA TRP A 29 3.81 -2.61 -2.87
C TRP A 29 4.98 -2.11 -2.04
N GLU A 30 6.15 -2.04 -2.58
CA GLU A 30 7.31 -1.59 -1.77
C GLU A 30 7.60 -0.11 -2.05
N MET A 31 8.02 0.61 -1.05
CA MET A 31 8.32 2.06 -1.24
C MET A 31 9.69 2.40 -0.65
N GLN A 32 10.62 2.78 -1.48
CA GLN A 32 11.98 3.12 -0.97
C GLN A 32 12.23 4.62 -1.09
N THR A 33 11.77 5.39 -0.14
CA THR A 33 11.98 6.86 -0.21
C THR A 33 12.60 7.37 1.10
N ARG A 34 12.42 6.66 2.18
CA ARG A 34 13.01 7.13 3.47
C ARG A 34 13.11 5.95 4.45
N ALA A 35 11.99 5.45 4.89
CA ALA A 35 12.01 4.31 5.86
C ALA A 35 12.71 4.72 7.16
N GLY A 36 13.13 3.76 7.94
CA GLY A 36 13.82 4.09 9.21
C GLY A 36 14.47 2.82 9.78
N ASP A 37 13.69 1.78 9.94
CA ASP A 37 14.26 0.50 10.47
C ASP A 37 14.49 -0.49 9.33
N GLU A 38 13.94 -0.21 8.18
CA GLU A 38 14.12 -1.14 7.02
C GLU A 38 13.94 -0.37 5.70
N PRO A 39 14.92 -0.45 4.84
CA PRO A 39 14.85 0.25 3.53
C PRO A 39 13.66 -0.25 2.72
N SER A 40 13.12 0.57 1.86
CA SER A 40 11.97 0.14 1.03
C SER A 40 10.83 -0.37 1.92
N THR A 41 10.02 0.51 2.44
CA THR A 41 8.90 0.07 3.31
C THR A 41 7.69 -0.31 2.46
N ILE A 42 7.05 -1.42 2.76
CA ILE A 42 5.87 -1.85 1.97
C ILE A 42 4.61 -1.12 2.44
N PHE A 43 3.88 -0.52 1.53
CA PHE A 43 2.63 0.18 1.95
C PHE A 43 1.44 -0.74 1.72
N TYR A 44 0.34 -0.49 2.38
CA TYR A 44 -0.84 -1.38 2.22
C TYR A 44 -2.12 -0.58 2.00
N LYS A 45 -2.66 -0.58 0.81
CA LYS A 45 -3.93 0.17 0.56
C LYS A 45 -5.14 -0.73 0.80
N CYS A 46 -5.84 -0.52 1.89
CA CYS A 46 -7.05 -1.37 2.17
C CYS A 46 -7.95 -1.42 0.93
N THR A 47 -8.74 -2.46 0.81
CA THR A 47 -9.65 -2.57 -0.36
C THR A 47 -11.09 -2.22 0.02
N LYS A 48 -11.30 -1.03 0.52
CA LYS A 48 -12.69 -0.64 0.92
C LYS A 48 -12.82 0.88 0.92
N CYS A 49 -12.01 1.54 1.71
CA CYS A 49 -12.08 3.03 1.76
C CYS A 49 -10.93 3.65 0.97
N GLY A 50 -9.88 2.90 0.77
CA GLY A 50 -8.72 3.43 0.01
C GLY A 50 -7.74 4.13 0.96
N HIS A 51 -7.17 3.40 1.87
CA HIS A 51 -6.19 4.02 2.81
C HIS A 51 -4.91 3.19 2.83
N THR A 52 -3.77 3.81 2.75
CA THR A 52 -2.52 3.01 2.75
C THR A 52 -1.57 3.43 3.86
N TRP A 53 -1.07 2.48 4.59
CA TRP A 53 -0.12 2.79 5.69
C TRP A 53 1.25 2.21 5.32
N ARG A 54 2.08 1.88 6.28
CA ARG A 54 3.41 1.33 5.91
C ARG A 54 3.79 0.16 6.83
N SER A 55 4.43 -0.84 6.28
CA SER A 55 4.84 -2.01 7.09
C SER A 55 6.23 -1.76 7.69
N TYR A 56 7.09 -2.74 7.66
CA TYR A 56 8.45 -2.55 8.24
C TYR A 56 9.29 -3.82 8.07
N GLU A 57 9.04 -4.57 7.03
CA GLU A 57 9.82 -5.82 6.81
C GLU A 57 9.81 -6.20 5.33
N GLY A 1 5.53 16.31 -13.83
CA GLY A 1 4.87 15.59 -14.96
C GLY A 1 3.81 14.63 -14.40
N SER A 2 2.84 14.29 -15.19
CA SER A 2 1.78 13.36 -14.70
C SER A 2 1.11 12.64 -15.89
N HIS A 3 0.68 13.37 -16.86
CA HIS A 3 0.02 12.74 -18.05
C HIS A 3 -1.13 11.83 -17.60
N MET A 4 -0.84 10.60 -17.29
CA MET A 4 -1.92 9.67 -16.85
C MET A 4 -2.18 9.82 -15.34
N GLU A 5 -2.80 8.85 -14.74
CA GLU A 5 -3.07 8.93 -13.28
C GLU A 5 -2.95 7.55 -12.64
N GLN A 6 -2.64 7.49 -11.37
CA GLN A 6 -2.51 6.17 -10.69
C GLN A 6 -3.83 5.42 -10.73
N ASP A 7 -3.81 4.14 -10.47
CA ASP A 7 -5.07 3.35 -10.50
C ASP A 7 -5.09 2.34 -9.34
N LEU A 8 -6.22 2.17 -8.72
CA LEU A 8 -6.30 1.20 -7.58
C LEU A 8 -6.14 -0.24 -8.09
N LYS A 9 -6.43 -0.47 -9.34
CA LYS A 9 -6.29 -1.84 -9.90
C LYS A 9 -4.83 -2.29 -9.83
N THR A 10 -4.47 -3.32 -10.55
CA THR A 10 -3.06 -3.79 -10.51
C THR A 10 -2.56 -3.85 -9.07
N LEU A 11 -1.27 -3.98 -8.89
CA LEU A 11 -0.70 -4.05 -7.52
C LEU A 11 -1.21 -5.31 -6.79
N PRO A 12 -0.31 -6.24 -6.54
CA PRO A 12 -0.70 -7.49 -5.85
C PRO A 12 -1.31 -7.17 -4.48
N THR A 13 -2.44 -7.75 -4.18
CA THR A 13 -3.09 -7.47 -2.87
C THR A 13 -2.70 -8.51 -1.82
N THR A 14 -2.83 -8.18 -0.57
CA THR A 14 -2.48 -9.13 0.52
C THR A 14 -3.54 -9.08 1.60
N LYS A 15 -3.54 -10.03 2.51
CA LYS A 15 -4.56 -10.03 3.58
C LYS A 15 -4.09 -9.20 4.78
N ILE A 16 -4.74 -8.11 5.02
CA ILE A 16 -4.36 -7.23 6.16
C ILE A 16 -5.59 -6.42 6.58
N THR A 17 -5.53 -5.78 7.72
CA THR A 17 -6.73 -5.01 8.14
C THR A 17 -6.53 -3.50 7.95
N CYS A 18 -7.59 -2.76 8.07
CA CYS A 18 -7.51 -1.28 7.89
C CYS A 18 -8.07 -0.56 9.12
N PRO A 19 -7.21 0.06 9.88
CA PRO A 19 -7.65 0.80 11.10
C PRO A 19 -8.52 2.01 10.71
N LYS A 20 -8.68 2.27 9.44
CA LYS A 20 -9.51 3.44 9.02
C LYS A 20 -10.99 3.05 8.97
N CYS A 21 -11.35 2.14 8.09
CA CYS A 21 -12.77 1.73 7.99
C CYS A 21 -12.98 0.34 8.59
N GLY A 22 -11.95 -0.45 8.66
CA GLY A 22 -12.09 -1.81 9.24
C GLY A 22 -12.03 -2.86 8.13
N ASN A 23 -11.50 -2.52 6.99
CA ASN A 23 -11.42 -3.51 5.87
C ASN A 23 -10.55 -4.68 6.30
N ASP A 24 -10.71 -5.82 5.68
CA ASP A 24 -9.89 -7.01 6.05
C ASP A 24 -8.80 -7.26 5.00
N THR A 25 -8.70 -6.41 4.02
CA THR A 25 -7.64 -6.62 2.99
C THR A 25 -7.11 -5.28 2.49
N ALA A 26 -6.00 -5.32 1.79
CA ALA A 26 -5.40 -4.06 1.25
C ALA A 26 -4.38 -4.39 0.15
N TYR A 27 -4.12 -3.46 -0.73
CA TYR A 27 -3.10 -3.72 -1.79
C TYR A 27 -1.73 -3.55 -1.16
N TRP A 28 -0.69 -4.11 -1.73
CA TRP A 28 0.63 -3.92 -1.09
C TRP A 28 1.76 -3.87 -2.11
N TRP A 29 2.71 -3.02 -1.86
CA TRP A 29 3.89 -2.90 -2.75
C TRP A 29 5.03 -2.30 -1.94
N GLU A 30 6.20 -2.22 -2.48
CA GLU A 30 7.32 -1.63 -1.68
C GLU A 30 7.66 -0.24 -2.20
N MET A 31 8.32 0.56 -1.40
CA MET A 31 8.67 1.94 -1.85
C MET A 31 10.03 2.35 -1.29
N GLN A 32 10.84 1.39 -0.94
CA GLN A 32 12.19 1.72 -0.38
C GLN A 32 13.16 0.55 -0.62
N THR A 33 13.07 -0.09 -1.75
CA THR A 33 13.98 -1.24 -2.04
C THR A 33 14.91 -0.88 -3.20
N ARG A 34 16.11 -0.46 -2.90
CA ARG A 34 17.06 -0.10 -4.00
C ARG A 34 18.32 -0.96 -3.92
N ALA A 35 19.18 -0.71 -2.98
CA ALA A 35 20.42 -1.52 -2.85
C ALA A 35 20.31 -2.50 -1.68
N GLY A 36 21.31 -3.30 -1.46
CA GLY A 36 21.27 -4.28 -0.34
C GLY A 36 21.94 -3.67 0.89
N ASP A 37 21.46 -2.57 1.37
CA ASP A 37 22.07 -1.93 2.57
C ASP A 37 21.13 -0.87 3.15
N GLU A 38 19.85 -1.11 3.09
CA GLU A 38 18.87 -0.13 3.64
C GLU A 38 17.53 -0.81 3.95
N PRO A 39 16.92 -0.43 5.04
CA PRO A 39 15.62 -1.02 5.43
C PRO A 39 14.56 -0.73 4.36
N SER A 40 13.86 -1.73 3.92
CA SER A 40 12.82 -1.51 2.89
C SER A 40 11.48 -1.13 3.53
N THR A 41 10.50 -0.82 2.74
CA THR A 41 9.17 -0.44 3.31
C THR A 41 8.05 -0.91 2.38
N ILE A 42 6.87 -1.06 2.89
CA ILE A 42 5.73 -1.53 2.03
C ILE A 42 4.46 -0.76 2.36
N PHE A 43 3.83 -0.17 1.38
CA PHE A 43 2.57 0.57 1.65
C PHE A 43 1.38 -0.34 1.42
N TYR A 44 0.46 -0.36 2.34
CA TYR A 44 -0.73 -1.24 2.18
C TYR A 44 -1.98 -0.42 1.90
N LYS A 45 -2.61 -0.61 0.78
CA LYS A 45 -3.85 0.18 0.50
C LYS A 45 -5.09 -0.66 0.76
N CYS A 46 -5.81 -0.34 1.79
CA CYS A 46 -7.06 -1.11 2.11
C CYS A 46 -7.94 -1.20 0.85
N THR A 47 -8.58 -2.31 0.64
CA THR A 47 -9.43 -2.46 -0.57
C THR A 47 -10.89 -2.08 -0.25
N LYS A 48 -11.10 -0.99 0.43
CA LYS A 48 -12.48 -0.58 0.77
C LYS A 48 -12.58 0.95 0.82
N CYS A 49 -12.02 1.56 1.83
CA CYS A 49 -12.09 3.05 1.91
C CYS A 49 -10.89 3.68 1.20
N GLY A 50 -9.89 2.90 0.91
CA GLY A 50 -8.70 3.45 0.21
C GLY A 50 -7.69 3.96 1.25
N HIS A 51 -7.53 3.26 2.34
CA HIS A 51 -6.56 3.72 3.37
C HIS A 51 -5.17 3.21 3.00
N THR A 52 -4.15 3.98 3.25
CA THR A 52 -2.78 3.52 2.88
C THR A 52 -1.78 3.85 3.99
N TRP A 53 -1.21 2.84 4.58
CA TRP A 53 -0.19 3.09 5.65
C TRP A 53 1.13 2.45 5.24
N ARG A 54 1.97 2.07 6.16
CA ARG A 54 3.27 1.47 5.77
C ARG A 54 3.55 0.19 6.58
N SER A 55 4.40 -0.65 6.07
CA SER A 55 4.74 -1.91 6.79
C SER A 55 6.10 -1.77 7.48
N TYR A 56 6.72 -2.87 7.81
CA TYR A 56 8.05 -2.79 8.48
C TYR A 56 8.75 -4.15 8.38
N GLU A 57 8.36 -5.08 9.20
CA GLU A 57 9.00 -6.43 9.18
C GLU A 57 7.94 -7.49 8.89
N GLY A 1 -0.17 17.41 -14.77
CA GLY A 1 1.31 17.44 -14.61
C GLY A 1 1.78 16.20 -13.84
N SER A 2 1.54 15.04 -14.37
CA SER A 2 1.97 13.80 -13.67
C SER A 2 1.39 13.76 -12.26
N HIS A 3 0.11 13.47 -12.15
CA HIS A 3 -0.52 13.41 -10.80
C HIS A 3 -0.81 11.96 -10.41
N MET A 4 -0.19 11.48 -9.36
CA MET A 4 -0.43 10.07 -8.93
C MET A 4 -0.44 9.14 -10.16
N GLU A 5 0.71 8.76 -10.63
CA GLU A 5 0.78 7.86 -11.81
C GLU A 5 0.31 6.45 -11.44
N GLN A 6 0.35 6.12 -10.18
CA GLN A 6 -0.10 4.76 -9.76
C GLN A 6 -1.59 4.58 -10.06
N ASP A 7 -2.12 3.41 -9.80
CA ASP A 7 -3.56 3.17 -10.08
C ASP A 7 -4.08 2.00 -9.25
N LEU A 8 -5.36 1.81 -9.19
CA LEU A 8 -5.92 0.69 -8.39
C LEU A 8 -6.00 -0.58 -9.25
N LYS A 9 -6.74 -1.55 -8.81
CA LYS A 9 -6.86 -2.82 -9.60
C LYS A 9 -5.51 -3.52 -9.66
N THR A 10 -4.55 -2.92 -10.32
CA THR A 10 -3.21 -3.55 -10.41
C THR A 10 -2.63 -3.79 -9.03
N LEU A 11 -1.37 -4.12 -8.95
CA LEU A 11 -0.73 -4.36 -7.62
C LEU A 11 -1.43 -5.51 -6.90
N PRO A 12 -0.74 -6.61 -6.75
CA PRO A 12 -1.33 -7.78 -6.05
C PRO A 12 -1.72 -7.39 -4.62
N THR A 13 -2.88 -7.80 -4.19
CA THR A 13 -3.34 -7.43 -2.82
C THR A 13 -2.96 -8.51 -1.81
N THR A 14 -3.01 -8.18 -0.55
CA THR A 14 -2.66 -9.17 0.51
C THR A 14 -3.71 -9.11 1.63
N LYS A 15 -3.75 -10.10 2.48
CA LYS A 15 -4.75 -10.07 3.58
C LYS A 15 -4.22 -9.24 4.75
N ILE A 16 -4.78 -8.09 4.94
CA ILE A 16 -4.36 -7.21 6.07
C ILE A 16 -5.57 -6.42 6.54
N THR A 17 -5.51 -5.79 7.67
CA THR A 17 -6.71 -5.04 8.15
C THR A 17 -6.54 -3.54 7.97
N CYS A 18 -7.61 -2.82 8.09
CA CYS A 18 -7.57 -1.33 7.93
C CYS A 18 -8.12 -0.63 9.18
N PRO A 19 -7.25 0.01 9.91
CA PRO A 19 -7.67 0.72 11.15
C PRO A 19 -8.57 1.92 10.81
N LYS A 20 -8.80 2.18 9.55
CA LYS A 20 -9.67 3.34 9.18
C LYS A 20 -11.14 2.91 9.06
N CYS A 21 -11.45 2.11 8.09
CA CYS A 21 -12.86 1.67 7.92
C CYS A 21 -13.09 0.29 8.54
N GLY A 22 -12.04 -0.46 8.75
CA GLY A 22 -12.19 -1.81 9.36
C GLY A 22 -12.20 -2.89 8.28
N ASN A 23 -11.67 -2.60 7.13
CA ASN A 23 -11.64 -3.62 6.04
C ASN A 23 -10.75 -4.78 6.45
N ASP A 24 -10.73 -5.84 5.66
CA ASP A 24 -9.89 -7.01 6.02
C ASP A 24 -8.81 -7.23 4.95
N THR A 25 -8.72 -6.38 3.97
CA THR A 25 -7.68 -6.59 2.92
C THR A 25 -7.12 -5.25 2.43
N ALA A 26 -6.01 -5.30 1.75
CA ALA A 26 -5.39 -4.05 1.22
C ALA A 26 -4.37 -4.38 0.12
N TYR A 27 -4.07 -3.43 -0.72
CA TYR A 27 -3.05 -3.69 -1.78
C TYR A 27 -1.66 -3.58 -1.13
N TRP A 28 -0.64 -4.12 -1.73
CA TRP A 28 0.69 -3.99 -1.08
C TRP A 28 1.81 -3.90 -2.09
N TRP A 29 2.74 -3.04 -1.84
CA TRP A 29 3.91 -2.88 -2.75
C TRP A 29 5.06 -2.30 -1.93
N GLU A 30 6.24 -2.24 -2.47
CA GLU A 30 7.38 -1.69 -1.68
C GLU A 30 7.85 -0.37 -2.27
N MET A 31 8.43 0.48 -1.45
CA MET A 31 8.91 1.79 -1.97
C MET A 31 10.44 1.82 -1.98
N GLN A 32 11.02 2.34 -3.02
CA GLN A 32 12.52 2.40 -3.10
C GLN A 32 13.02 3.78 -2.67
N THR A 33 12.79 4.16 -1.44
CA THR A 33 13.25 5.50 -0.96
C THR A 33 13.77 5.40 0.47
N ARG A 34 14.47 6.40 0.93
CA ARG A 34 15.00 6.37 2.33
C ARG A 34 13.95 6.91 3.29
N ALA A 35 14.17 6.72 4.58
CA ALA A 35 13.18 7.23 5.57
C ALA A 35 13.76 7.12 6.99
N GLY A 36 14.48 6.07 7.27
CA GLY A 36 15.07 5.92 8.63
C GLY A 36 15.97 4.67 8.66
N ASP A 37 17.03 4.68 7.89
CA ASP A 37 17.94 3.50 7.88
C ASP A 37 17.15 2.23 7.60
N GLU A 38 16.03 2.35 6.94
CA GLU A 38 15.22 1.13 6.64
C GLU A 38 14.48 1.32 5.30
N PRO A 39 15.24 1.39 4.23
CA PRO A 39 14.65 1.57 2.89
C PRO A 39 13.76 0.38 2.53
N SER A 40 13.11 0.43 1.40
CA SER A 40 12.23 -0.70 0.99
C SER A 40 11.02 -0.81 1.93
N THR A 41 10.26 0.25 2.06
CA THR A 41 9.07 0.21 2.96
C THR A 41 7.84 -0.24 2.18
N ILE A 42 7.10 -1.19 2.69
CA ILE A 42 5.90 -1.67 1.97
C ILE A 42 4.65 -0.89 2.39
N PHE A 43 3.96 -0.30 1.46
CA PHE A 43 2.73 0.45 1.81
C PHE A 43 1.50 -0.42 1.54
N TYR A 44 0.53 -0.41 2.40
CA TYR A 44 -0.66 -1.26 2.19
C TYR A 44 -1.90 -0.41 1.90
N LYS A 45 -2.55 -0.64 0.79
CA LYS A 45 -3.77 0.16 0.50
C LYS A 45 -5.03 -0.66 0.75
N CYS A 46 -5.76 -0.34 1.77
CA CYS A 46 -7.01 -1.10 2.08
C CYS A 46 -7.88 -1.18 0.81
N THR A 47 -8.59 -2.25 0.63
CA THR A 47 -9.46 -2.39 -0.57
C THR A 47 -10.90 -2.03 -0.23
N LYS A 48 -11.09 -0.96 0.49
CA LYS A 48 -12.48 -0.56 0.87
C LYS A 48 -12.60 0.97 0.90
N CYS A 49 -11.91 1.61 1.81
CA CYS A 49 -11.98 3.10 1.89
C CYS A 49 -10.77 3.71 1.18
N GLY A 50 -9.81 2.90 0.81
CA GLY A 50 -8.61 3.44 0.11
C GLY A 50 -7.62 4.00 1.14
N HIS A 51 -7.43 3.30 2.23
CA HIS A 51 -6.47 3.80 3.25
C HIS A 51 -5.09 3.26 2.92
N THR A 52 -4.06 4.02 3.14
CA THR A 52 -2.69 3.53 2.81
C THR A 52 -1.70 3.87 3.93
N TRP A 53 -1.16 2.87 4.57
CA TRP A 53 -0.18 3.14 5.66
C TRP A 53 1.15 2.46 5.33
N ARG A 54 1.95 2.15 6.30
CA ARG A 54 3.26 1.49 6.00
C ARG A 54 3.42 0.20 6.81
N SER A 55 4.36 -0.63 6.43
CA SER A 55 4.57 -1.90 7.16
C SER A 55 5.89 -1.85 7.94
N TYR A 56 6.94 -1.33 7.34
CA TYR A 56 8.25 -1.26 8.04
C TYR A 56 8.86 -2.65 8.18
N GLU A 57 8.70 -3.49 7.19
CA GLU A 57 9.26 -4.86 7.26
C GLU A 57 9.94 -5.23 5.94
N GLY A 1 -10.43 8.84 -18.73
CA GLY A 1 -9.96 10.22 -18.46
C GLY A 1 -10.45 10.67 -17.09
N SER A 2 -11.69 10.41 -16.77
CA SER A 2 -12.22 10.83 -15.45
C SER A 2 -11.75 9.87 -14.36
N HIS A 3 -11.96 8.59 -14.55
CA HIS A 3 -11.51 7.60 -13.53
C HIS A 3 -10.84 6.41 -14.20
N MET A 4 -10.37 6.57 -15.41
CA MET A 4 -9.70 5.45 -16.12
C MET A 4 -8.42 5.93 -16.79
N GLU A 5 -7.36 6.09 -16.03
CA GLU A 5 -6.08 6.55 -16.63
C GLU A 5 -4.94 6.38 -15.61
N GLN A 6 -5.09 6.92 -14.44
CA GLN A 6 -4.01 6.77 -13.41
C GLN A 6 -3.98 5.33 -12.88
N ASP A 7 -3.40 4.44 -13.63
CA ASP A 7 -3.33 3.02 -13.18
C ASP A 7 -2.30 2.88 -12.03
N LEU A 8 -2.11 1.69 -11.55
CA LEU A 8 -1.14 1.49 -10.43
C LEU A 8 -0.14 0.39 -10.80
N LYS A 9 0.45 0.48 -11.96
CA LYS A 9 1.45 -0.55 -12.40
C LYS A 9 1.06 -1.94 -11.91
N THR A 10 -0.20 -2.19 -11.76
CA THR A 10 -0.65 -3.53 -11.29
C THR A 10 -0.01 -3.87 -9.94
N LEU A 11 -0.66 -4.71 -9.17
CA LEU A 11 -0.10 -5.10 -7.84
C LEU A 11 -1.12 -5.97 -7.09
N PRO A 12 -0.76 -7.22 -6.87
CA PRO A 12 -1.67 -8.15 -6.14
C PRO A 12 -1.98 -7.60 -4.75
N THR A 13 -3.04 -8.06 -4.15
CA THR A 13 -3.40 -7.55 -2.79
C THR A 13 -2.95 -8.54 -1.72
N THR A 14 -2.91 -8.11 -0.49
CA THR A 14 -2.48 -9.01 0.61
C THR A 14 -3.52 -8.98 1.72
N LYS A 15 -3.59 -10.01 2.52
CA LYS A 15 -4.59 -10.02 3.62
C LYS A 15 -4.08 -9.19 4.80
N ILE A 16 -4.79 -8.16 5.13
CA ILE A 16 -4.38 -7.29 6.27
C ILE A 16 -5.62 -6.52 6.75
N THR A 17 -5.49 -5.69 7.75
CA THR A 17 -6.69 -4.95 8.21
C THR A 17 -6.54 -3.45 8.00
N CYS A 18 -7.60 -2.72 8.18
CA CYS A 18 -7.55 -1.24 7.96
C CYS A 18 -8.10 -0.49 9.18
N PRO A 19 -7.23 0.22 9.87
CA PRO A 19 -7.65 0.99 11.06
C PRO A 19 -8.59 2.14 10.67
N LYS A 20 -8.82 2.34 9.41
CA LYS A 20 -9.71 3.46 8.98
C LYS A 20 -11.17 2.98 8.91
N CYS A 21 -11.48 2.09 8.00
CA CYS A 21 -12.89 1.62 7.89
C CYS A 21 -13.06 0.24 8.54
N GLY A 22 -11.97 -0.49 8.71
CA GLY A 22 -12.08 -1.83 9.35
C GLY A 22 -12.09 -2.92 8.28
N ASN A 23 -11.60 -2.62 7.11
CA ASN A 23 -11.59 -3.66 6.03
C ASN A 23 -10.71 -4.84 6.44
N ASP A 24 -10.72 -5.90 5.69
CA ASP A 24 -9.89 -7.07 6.04
C ASP A 24 -8.81 -7.32 4.97
N THR A 25 -8.63 -6.39 4.07
CA THR A 25 -7.58 -6.58 3.03
C THR A 25 -7.07 -5.24 2.49
N ALA A 26 -5.98 -5.27 1.79
CA ALA A 26 -5.41 -4.02 1.23
C ALA A 26 -4.41 -4.33 0.11
N TYR A 27 -4.17 -3.41 -0.78
CA TYR A 27 -3.18 -3.67 -1.87
C TYR A 27 -1.79 -3.49 -1.26
N TRP A 28 -0.77 -4.04 -1.85
CA TRP A 28 0.57 -3.88 -1.23
C TRP A 28 1.68 -3.77 -2.27
N TRP A 29 2.66 -2.96 -1.97
CA TRP A 29 3.83 -2.80 -2.86
C TRP A 29 5.00 -2.27 -2.04
N GLU A 30 6.18 -2.21 -2.59
CA GLU A 30 7.33 -1.72 -1.77
C GLU A 30 7.90 -0.43 -2.37
N MET A 31 8.28 0.49 -1.53
CA MET A 31 8.86 1.78 -2.04
C MET A 31 10.37 1.80 -1.78
N GLN A 32 11.05 2.79 -2.30
CA GLN A 32 12.52 2.87 -2.08
C GLN A 32 12.86 3.95 -1.07
N THR A 33 14.01 3.89 -0.46
CA THR A 33 14.39 4.92 0.55
C THR A 33 15.90 5.17 0.50
N ARG A 34 16.68 4.22 0.96
CA ARG A 34 18.15 4.40 0.95
C ARG A 34 18.77 3.64 -0.23
N ALA A 35 19.08 2.39 -0.04
CA ALA A 35 19.68 1.58 -1.14
C ALA A 35 18.63 1.35 -2.24
N GLY A 36 19.04 1.46 -3.49
CA GLY A 36 18.07 1.25 -4.60
C GLY A 36 18.00 -0.25 -4.93
N ASP A 37 17.09 -0.96 -4.32
CA ASP A 37 16.98 -2.42 -4.61
C ASP A 37 15.52 -2.89 -4.43
N GLU A 38 15.00 -2.77 -3.24
CA GLU A 38 13.59 -3.21 -3.01
C GLU A 38 13.25 -3.14 -1.50
N PRO A 39 14.01 -3.84 -0.68
CA PRO A 39 13.75 -3.83 0.78
C PRO A 39 13.76 -2.41 1.34
N SER A 40 12.75 -2.05 2.06
CA SER A 40 12.69 -0.67 2.65
C SER A 40 11.37 -0.48 3.40
N THR A 41 10.31 -0.19 2.69
CA THR A 41 9.00 0.01 3.37
C THR A 41 7.85 -0.38 2.40
N ILE A 42 6.90 -1.14 2.87
CA ILE A 42 5.77 -1.54 1.98
C ILE A 42 4.49 -0.82 2.37
N PHE A 43 3.87 -0.13 1.45
CA PHE A 43 2.61 0.58 1.76
C PHE A 43 1.42 -0.33 1.46
N TYR A 44 0.46 -0.38 2.34
CA TYR A 44 -0.73 -1.25 2.11
C TYR A 44 -1.96 -0.39 1.86
N LYS A 45 -2.60 -0.54 0.73
CA LYS A 45 -3.83 0.26 0.48
C LYS A 45 -5.08 -0.58 0.68
N CYS A 46 -5.79 -0.32 1.74
CA CYS A 46 -7.02 -1.09 2.02
C CYS A 46 -7.91 -1.14 0.77
N THR A 47 -8.44 -2.31 0.46
CA THR A 47 -9.30 -2.43 -0.74
C THR A 47 -10.76 -2.11 -0.40
N LYS A 48 -10.99 -1.07 0.36
CA LYS A 48 -12.38 -0.71 0.72
C LYS A 48 -12.53 0.82 0.77
N CYS A 49 -11.99 1.45 1.77
CA CYS A 49 -12.11 2.94 1.86
C CYS A 49 -10.94 3.61 1.14
N GLY A 50 -9.85 2.91 0.99
CA GLY A 50 -8.68 3.51 0.29
C GLY A 50 -7.68 4.04 1.32
N HIS A 51 -7.48 3.34 2.41
CA HIS A 51 -6.49 3.81 3.42
C HIS A 51 -5.11 3.28 3.04
N THR A 52 -4.07 3.99 3.36
CA THR A 52 -2.71 3.50 2.99
C THR A 52 -1.70 3.79 4.10
N TRP A 53 -1.08 2.78 4.64
CA TRP A 53 -0.07 3.02 5.72
C TRP A 53 1.25 2.33 5.33
N ARG A 54 2.06 1.96 6.28
CA ARG A 54 3.36 1.31 5.93
C ARG A 54 3.55 0.01 6.70
N SER A 55 4.43 -0.82 6.24
CA SER A 55 4.70 -2.13 6.93
C SER A 55 6.05 -2.08 7.64
N TYR A 56 6.63 -0.91 7.78
CA TYR A 56 7.95 -0.80 8.45
C TYR A 56 7.79 -0.99 9.96
N GLU A 57 8.44 -1.99 10.51
CA GLU A 57 8.34 -2.23 11.98
C GLU A 57 9.69 -2.02 12.65
N GLY A 1 -5.85 13.85 -12.98
CA GLY A 1 -7.19 13.50 -13.51
C GLY A 1 -7.67 12.19 -12.88
N SER A 2 -6.80 11.21 -12.81
CA SER A 2 -7.21 9.90 -12.21
C SER A 2 -7.19 10.00 -10.68
N HIS A 3 -8.12 10.72 -10.11
CA HIS A 3 -8.16 10.86 -8.63
C HIS A 3 -6.86 11.46 -8.11
N MET A 4 -5.89 10.65 -7.80
CA MET A 4 -4.60 11.19 -7.29
C MET A 4 -3.53 11.19 -8.39
N GLU A 5 -3.17 10.04 -8.89
CA GLU A 5 -2.13 9.99 -9.96
C GLU A 5 -2.22 8.68 -10.74
N GLN A 6 -2.06 8.74 -12.04
CA GLN A 6 -2.13 7.51 -12.87
C GLN A 6 -3.31 6.62 -12.44
N ASP A 7 -3.38 5.43 -12.94
CA ASP A 7 -4.49 4.52 -12.57
C ASP A 7 -4.07 3.58 -11.43
N LEU A 8 -3.30 4.08 -10.51
CA LEU A 8 -2.86 3.21 -9.37
C LEU A 8 -1.97 2.08 -9.89
N LYS A 9 -1.38 2.25 -11.05
CA LYS A 9 -0.50 1.19 -11.62
C LYS A 9 -1.07 -0.21 -11.31
N THR A 10 -0.23 -1.19 -11.25
CA THR A 10 -0.71 -2.58 -10.96
C THR A 10 0.00 -3.15 -9.72
N LEU A 11 -0.71 -3.90 -8.93
CA LEU A 11 -0.08 -4.49 -7.71
C LEU A 11 -1.01 -5.55 -7.10
N PRO A 12 -0.43 -6.67 -6.72
CA PRO A 12 -1.24 -7.76 -6.11
C PRO A 12 -1.86 -7.29 -4.78
N THR A 13 -2.60 -8.13 -4.13
CA THR A 13 -3.23 -7.73 -2.84
C THR A 13 -2.76 -8.65 -1.71
N THR A 14 -2.86 -8.19 -0.50
CA THR A 14 -2.44 -9.05 0.65
C THR A 14 -3.53 -9.00 1.73
N LYS A 15 -3.66 -10.05 2.50
CA LYS A 15 -4.71 -10.05 3.57
C LYS A 15 -4.22 -9.24 4.76
N ILE A 16 -4.80 -8.09 4.98
CA ILE A 16 -4.39 -7.24 6.13
C ILE A 16 -5.59 -6.41 6.59
N THR A 17 -5.51 -5.80 7.73
CA THR A 17 -6.68 -5.00 8.20
C THR A 17 -6.45 -3.51 7.95
N CYS A 18 -7.52 -2.76 7.97
CA CYS A 18 -7.42 -1.29 7.72
C CYS A 18 -7.77 -0.49 8.99
N PRO A 19 -6.81 0.26 9.49
CA PRO A 19 -7.04 1.08 10.70
C PRO A 19 -8.06 2.18 10.42
N LYS A 20 -8.45 2.34 9.18
CA LYS A 20 -9.44 3.40 8.84
C LYS A 20 -10.87 2.87 8.91
N CYS A 21 -11.22 1.97 8.03
CA CYS A 21 -12.61 1.41 8.04
C CYS A 21 -12.62 -0.03 8.56
N GLY A 22 -11.57 -0.44 9.22
CA GLY A 22 -11.51 -1.83 9.76
C GLY A 22 -11.58 -2.84 8.62
N ASN A 23 -11.41 -2.40 7.40
CA ASN A 23 -11.45 -3.36 6.25
C ASN A 23 -10.62 -4.61 6.59
N ASP A 24 -10.71 -5.65 5.80
CA ASP A 24 -9.93 -6.88 6.10
C ASP A 24 -8.84 -7.13 5.05
N THR A 25 -8.83 -6.37 3.99
CA THR A 25 -7.78 -6.59 2.96
C THR A 25 -7.24 -5.26 2.43
N ALA A 26 -6.11 -5.31 1.77
CA ALA A 26 -5.51 -4.07 1.22
C ALA A 26 -4.47 -4.42 0.15
N TYR A 27 -4.23 -3.55 -0.80
CA TYR A 27 -3.20 -3.86 -1.83
C TYR A 27 -1.83 -3.61 -1.21
N TRP A 28 -0.76 -4.01 -1.82
CA TRP A 28 0.56 -3.75 -1.19
C TRP A 28 1.69 -3.65 -2.21
N TRP A 29 2.63 -2.80 -1.91
CA TRP A 29 3.82 -2.61 -2.78
C TRP A 29 4.95 -2.05 -1.92
N GLU A 30 6.14 -1.98 -2.43
CA GLU A 30 7.25 -1.45 -1.58
C GLU A 30 7.65 -0.04 -2.03
N MET A 31 8.31 0.70 -1.20
CA MET A 31 8.72 2.08 -1.60
C MET A 31 10.12 2.39 -1.06
N GLN A 32 10.77 3.39 -1.61
CA GLN A 32 12.13 3.74 -1.15
C GLN A 32 12.06 4.76 0.00
N THR A 33 12.86 4.59 1.01
CA THR A 33 12.84 5.56 2.14
C THR A 33 13.99 6.56 2.00
N ARG A 34 15.09 6.13 1.44
CA ARG A 34 16.24 7.06 1.27
C ARG A 34 16.48 7.35 -0.20
N ALA A 35 17.63 7.86 -0.55
CA ALA A 35 17.92 8.16 -1.98
C ALA A 35 17.50 6.98 -2.86
N GLY A 36 17.67 5.78 -2.37
CA GLY A 36 17.29 4.58 -3.17
C GLY A 36 17.83 3.33 -2.50
N ASP A 37 18.84 2.73 -3.08
CA ASP A 37 19.42 1.49 -2.48
C ASP A 37 18.32 0.46 -2.21
N GLU A 38 17.57 0.11 -3.22
CA GLU A 38 16.47 -0.89 -3.05
C GLU A 38 15.46 -0.41 -2.00
N PRO A 39 14.19 -0.57 -2.30
CA PRO A 39 13.13 -0.16 -1.35
C PRO A 39 13.19 -1.00 -0.07
N SER A 40 12.20 -0.89 0.77
CA SER A 40 12.20 -1.69 2.03
C SER A 40 10.89 -1.48 2.78
N THR A 41 10.32 -0.31 2.69
CA THR A 41 9.03 -0.05 3.39
C THR A 41 7.85 -0.41 2.48
N ILE A 42 6.94 -1.21 2.97
CA ILE A 42 5.77 -1.60 2.12
C ILE A 42 4.52 -0.82 2.55
N PHE A 43 3.75 -0.37 1.59
CA PHE A 43 2.50 0.36 1.93
C PHE A 43 1.30 -0.52 1.63
N TYR A 44 0.26 -0.43 2.41
CA TYR A 44 -0.92 -1.31 2.20
C TYR A 44 -2.19 -0.50 1.97
N LYS A 45 -2.71 -0.47 0.77
CA LYS A 45 -3.97 0.29 0.52
C LYS A 45 -5.19 -0.62 0.71
N CYS A 46 -5.92 -0.41 1.77
CA CYS A 46 -7.13 -1.25 2.01
C CYS A 46 -8.02 -1.23 0.76
N THR A 47 -8.61 -2.35 0.43
CA THR A 47 -9.49 -2.40 -0.77
C THR A 47 -10.94 -2.06 -0.40
N LYS A 48 -11.14 -1.01 0.36
CA LYS A 48 -12.53 -0.64 0.76
C LYS A 48 -12.68 0.88 0.79
N CYS A 49 -12.12 1.52 1.78
CA CYS A 49 -12.22 3.01 1.87
C CYS A 49 -11.11 3.67 1.06
N GLY A 50 -10.08 2.94 0.75
CA GLY A 50 -8.96 3.52 -0.05
C GLY A 50 -7.98 4.24 0.88
N HIS A 51 -7.31 3.52 1.75
CA HIS A 51 -6.34 4.17 2.66
C HIS A 51 -5.09 3.30 2.75
N THR A 52 -3.93 3.88 2.84
CA THR A 52 -2.71 3.01 2.90
C THR A 52 -1.79 3.43 4.05
N TRP A 53 -1.16 2.46 4.66
CA TRP A 53 -0.21 2.76 5.74
C TRP A 53 1.16 2.17 5.36
N ARG A 54 1.96 1.77 6.31
CA ARG A 54 3.28 1.19 5.93
C ARG A 54 3.57 -0.10 6.71
N SER A 55 4.36 -0.96 6.14
CA SER A 55 4.71 -2.24 6.83
C SER A 55 6.04 -2.10 7.56
N TYR A 56 6.53 -0.91 7.71
CA TYR A 56 7.84 -0.71 8.41
C TYR A 56 7.69 -0.96 9.91
N GLU A 57 6.50 -1.18 10.38
CA GLU A 57 6.31 -1.44 11.84
C GLU A 57 5.77 -2.86 12.06
N GLY A 1 9.08 10.97 -12.29
CA GLY A 1 8.57 11.08 -13.68
C GLY A 1 7.04 11.09 -13.67
N SER A 2 6.44 12.11 -14.21
CA SER A 2 4.95 12.20 -14.24
C SER A 2 4.42 11.48 -15.47
N HIS A 3 4.89 10.29 -15.75
CA HIS A 3 4.40 9.55 -16.94
C HIS A 3 3.79 8.22 -16.51
N MET A 4 4.38 7.55 -15.56
CA MET A 4 3.82 6.25 -15.10
C MET A 4 4.20 6.01 -13.64
N GLU A 5 3.47 6.57 -12.72
CA GLU A 5 3.79 6.37 -11.27
C GLU A 5 2.58 5.83 -10.53
N GLN A 6 2.75 4.77 -9.78
CA GLN A 6 1.60 4.20 -9.02
C GLN A 6 0.45 3.90 -9.98
N ASP A 7 0.50 2.78 -10.66
CA ASP A 7 -0.60 2.43 -11.60
C ASP A 7 -1.59 1.47 -10.94
N LEU A 8 -2.82 1.88 -10.80
CA LEU A 8 -3.84 0.98 -10.16
C LEU A 8 -4.27 -0.11 -11.16
N LYS A 9 -4.02 0.10 -12.42
CA LYS A 9 -4.43 -0.91 -13.44
C LYS A 9 -4.08 -2.33 -12.95
N THR A 10 -2.91 -2.50 -12.41
CA THR A 10 -2.51 -3.86 -11.91
C THR A 10 -1.86 -3.74 -10.53
N LEU A 11 -2.20 -4.61 -9.63
CA LEU A 11 -1.59 -4.55 -8.27
C LEU A 11 -2.16 -5.67 -7.38
N PRO A 12 -1.37 -6.69 -7.15
CA PRO A 12 -1.82 -7.82 -6.30
C PRO A 12 -2.22 -7.31 -4.92
N THR A 13 -3.01 -8.05 -4.19
CA THR A 13 -3.43 -7.59 -2.85
C THR A 13 -2.98 -8.58 -1.77
N THR A 14 -3.00 -8.17 -0.54
CA THR A 14 -2.59 -9.07 0.57
C THR A 14 -3.63 -9.00 1.70
N LYS A 15 -3.76 -10.03 2.48
CA LYS A 15 -4.76 -10.00 3.58
C LYS A 15 -4.23 -9.21 4.77
N ILE A 16 -4.84 -8.09 5.04
CA ILE A 16 -4.40 -7.24 6.19
C ILE A 16 -5.62 -6.46 6.69
N THR A 17 -5.49 -5.72 7.75
CA THR A 17 -6.68 -4.97 8.24
C THR A 17 -6.53 -3.46 8.01
N CYS A 18 -7.59 -2.74 8.22
CA CYS A 18 -7.55 -1.27 8.02
C CYS A 18 -8.02 -0.52 9.28
N PRO A 19 -7.13 0.23 9.86
CA PRO A 19 -7.46 1.01 11.09
C PRO A 19 -8.43 2.15 10.78
N LYS A 20 -8.86 2.28 9.55
CA LYS A 20 -9.80 3.39 9.21
C LYS A 20 -11.24 2.90 9.06
N CYS A 21 -11.53 2.18 8.01
CA CYS A 21 -12.92 1.68 7.81
C CYS A 21 -13.11 0.32 8.50
N GLY A 22 -12.05 -0.41 8.70
CA GLY A 22 -12.19 -1.73 9.37
C GLY A 22 -12.25 -2.86 8.33
N ASN A 23 -11.73 -2.64 7.17
CA ASN A 23 -11.76 -3.70 6.12
C ASN A 23 -10.81 -4.83 6.52
N ASP A 24 -10.77 -5.89 5.74
CA ASP A 24 -9.87 -7.02 6.08
C ASP A 24 -8.84 -7.24 4.98
N THR A 25 -8.69 -6.30 4.08
CA THR A 25 -7.68 -6.49 2.99
C THR A 25 -7.13 -5.15 2.50
N ALA A 26 -6.02 -5.19 1.83
CA ALA A 26 -5.40 -3.95 1.29
C ALA A 26 -4.39 -4.31 0.19
N TYR A 27 -4.12 -3.41 -0.72
CA TYR A 27 -3.11 -3.71 -1.78
C TYR A 27 -1.73 -3.54 -1.16
N TRP A 28 -0.69 -3.97 -1.82
CA TRP A 28 0.65 -3.80 -1.19
C TRP A 28 1.77 -3.74 -2.23
N TRP A 29 2.75 -2.94 -1.95
CA TRP A 29 3.91 -2.80 -2.86
C TRP A 29 5.09 -2.27 -2.04
N GLU A 30 6.26 -2.25 -2.59
CA GLU A 30 7.42 -1.74 -1.80
C GLU A 30 7.76 -0.31 -2.24
N MET A 31 8.05 0.56 -1.31
CA MET A 31 8.39 1.96 -1.69
C MET A 31 9.91 2.15 -1.73
N GLN A 32 10.37 3.20 -2.36
CA GLN A 32 11.84 3.44 -2.42
C GLN A 32 12.17 4.86 -1.94
N THR A 33 12.45 5.02 -0.68
CA THR A 33 12.77 6.37 -0.16
C THR A 33 14.12 6.35 0.57
N ARG A 34 14.82 7.44 0.60
CA ARG A 34 16.14 7.46 1.30
C ARG A 34 15.94 7.70 2.80
N ALA A 35 16.93 7.32 3.59
CA ALA A 35 16.82 7.52 5.07
C ALA A 35 17.91 6.72 5.78
N GLY A 36 17.70 5.44 5.96
CA GLY A 36 18.72 4.60 6.64
C GLY A 36 19.00 3.35 5.80
N ASP A 37 19.96 3.41 4.92
CA ASP A 37 20.29 2.24 4.07
C ASP A 37 19.16 1.98 3.06
N GLU A 38 18.53 3.03 2.58
CA GLU A 38 17.43 2.84 1.61
C GLU A 38 16.53 1.67 2.01
N PRO A 39 15.95 1.76 3.18
CA PRO A 39 15.07 0.69 3.69
C PRO A 39 13.85 0.53 2.78
N SER A 40 13.45 -0.68 2.49
CA SER A 40 12.27 -0.89 1.61
C SER A 40 10.99 -0.94 2.44
N THR A 41 10.22 0.12 2.44
CA THR A 41 8.96 0.13 3.23
C THR A 41 7.78 -0.27 2.34
N ILE A 42 7.01 -1.23 2.76
CA ILE A 42 5.84 -1.67 1.95
C ILE A 42 4.58 -0.90 2.36
N PHE A 43 3.91 -0.28 1.43
CA PHE A 43 2.67 0.46 1.78
C PHE A 43 1.46 -0.43 1.50
N TYR A 44 0.51 -0.46 2.40
CA TYR A 44 -0.69 -1.32 2.21
C TYR A 44 -1.94 -0.48 2.00
N LYS A 45 -2.48 -0.46 0.81
CA LYS A 45 -3.73 0.32 0.58
C LYS A 45 -4.97 -0.55 0.77
N CYS A 46 -5.70 -0.31 1.82
CA CYS A 46 -6.93 -1.11 2.07
C CYS A 46 -7.80 -1.15 0.81
N THR A 47 -8.31 -2.30 0.47
CA THR A 47 -9.16 -2.41 -0.75
C THR A 47 -10.63 -2.14 -0.42
N LYS A 48 -10.90 -1.09 0.29
CA LYS A 48 -12.32 -0.77 0.64
C LYS A 48 -12.53 0.75 0.71
N CYS A 49 -11.97 1.38 1.71
CA CYS A 49 -12.15 2.86 1.84
C CYS A 49 -11.04 3.59 1.08
N GLY A 50 -9.95 2.93 0.81
CA GLY A 50 -8.83 3.59 0.08
C GLY A 50 -7.86 4.23 1.08
N HIS A 51 -7.40 3.48 2.04
CA HIS A 51 -6.43 4.04 3.02
C HIS A 51 -5.14 3.24 2.96
N THR A 52 -4.01 3.86 3.15
CA THR A 52 -2.75 3.07 3.08
C THR A 52 -1.76 3.49 4.17
N TRP A 53 -1.05 2.53 4.72
CA TRP A 53 -0.05 2.84 5.76
C TRP A 53 1.30 2.23 5.34
N ARG A 54 2.13 1.86 6.28
CA ARG A 54 3.44 1.27 5.88
C ARG A 54 3.72 -0.02 6.65
N SER A 55 4.62 -0.83 6.16
CA SER A 55 4.93 -2.10 6.86
C SER A 55 6.32 -2.03 7.50
N TYR A 56 6.81 -0.83 7.73
CA TYR A 56 8.15 -0.68 8.36
C TYR A 56 8.22 -1.45 9.68
N GLU A 57 8.88 -2.57 9.69
CA GLU A 57 8.98 -3.37 10.94
C GLU A 57 10.42 -3.36 11.45
N GLY A 1 -11.93 8.53 -7.11
CA GLY A 1 -11.43 8.76 -5.73
C GLY A 1 -10.34 9.84 -5.76
N SER A 2 -10.41 10.74 -6.71
CA SER A 2 -9.39 11.81 -6.78
C SER A 2 -8.01 11.21 -7.08
N HIS A 3 -7.44 10.50 -6.15
CA HIS A 3 -6.10 9.89 -6.38
C HIS A 3 -6.07 9.19 -7.74
N MET A 4 -5.24 9.63 -8.64
CA MET A 4 -5.16 8.99 -9.98
C MET A 4 -3.69 8.76 -10.37
N GLU A 5 -2.98 7.99 -9.59
CA GLU A 5 -1.55 7.72 -9.91
C GLU A 5 -1.41 6.38 -10.65
N GLN A 6 -2.05 5.36 -10.16
CA GLN A 6 -1.95 4.03 -10.83
C GLN A 6 -3.31 3.33 -10.83
N ASP A 7 -3.70 2.77 -11.94
CA ASP A 7 -5.02 2.07 -12.01
C ASP A 7 -5.20 1.17 -10.78
N LEU A 8 -5.85 1.65 -9.77
CA LEU A 8 -6.06 0.82 -8.54
C LEU A 8 -6.49 -0.60 -8.93
N LYS A 9 -7.27 -0.73 -9.96
CA LYS A 9 -7.72 -2.09 -10.40
C LYS A 9 -6.54 -3.06 -10.42
N THR A 10 -5.45 -2.67 -11.03
CA THR A 10 -4.27 -3.59 -11.08
C THR A 10 -3.59 -3.66 -9.71
N LEU A 11 -2.40 -4.19 -9.66
CA LEU A 11 -1.66 -4.31 -8.37
C LEU A 11 -2.30 -5.41 -7.49
N PRO A 12 -1.57 -6.46 -7.26
CA PRO A 12 -2.09 -7.58 -6.43
C PRO A 12 -2.45 -7.09 -5.02
N THR A 13 -3.23 -7.84 -4.31
CA THR A 13 -3.62 -7.41 -2.93
C THR A 13 -3.15 -8.43 -1.90
N THR A 14 -3.12 -8.04 -0.65
CA THR A 14 -2.69 -8.98 0.42
C THR A 14 -3.71 -8.99 1.54
N LYS A 15 -3.69 -9.99 2.39
CA LYS A 15 -4.67 -10.04 3.50
C LYS A 15 -4.16 -9.21 4.69
N ILE A 16 -4.84 -8.16 5.00
CA ILE A 16 -4.43 -7.29 6.15
C ILE A 16 -5.64 -6.48 6.61
N THR A 17 -5.53 -5.75 7.68
CA THR A 17 -6.71 -4.96 8.13
C THR A 17 -6.52 -3.47 7.88
N CYS A 18 -7.55 -2.70 8.09
CA CYS A 18 -7.47 -1.24 7.85
C CYS A 18 -7.87 -0.45 9.10
N PRO A 19 -6.94 0.29 9.65
CA PRO A 19 -7.22 1.10 10.86
C PRO A 19 -8.20 2.24 10.53
N LYS A 20 -8.59 2.39 9.30
CA LYS A 20 -9.52 3.49 8.93
C LYS A 20 -10.98 3.00 8.94
N CYS A 21 -11.33 2.14 8.01
CA CYS A 21 -12.74 1.64 7.98
C CYS A 21 -12.85 0.29 8.67
N GLY A 22 -11.78 -0.47 8.70
CA GLY A 22 -11.84 -1.80 9.39
C GLY A 22 -11.96 -2.92 8.35
N ASN A 23 -11.56 -2.67 7.14
CA ASN A 23 -11.65 -3.74 6.09
C ASN A 23 -10.73 -4.90 6.47
N ASP A 24 -10.76 -5.96 5.71
CA ASP A 24 -9.89 -7.13 6.04
C ASP A 24 -8.85 -7.35 4.93
N THR A 25 -8.70 -6.41 4.03
CA THR A 25 -7.68 -6.60 2.95
C THR A 25 -7.16 -5.26 2.45
N ALA A 26 -6.04 -5.30 1.76
CA ALA A 26 -5.44 -4.04 1.22
C ALA A 26 -4.44 -4.36 0.11
N TYR A 27 -4.14 -3.41 -0.75
CA TYR A 27 -3.13 -3.67 -1.81
C TYR A 27 -1.76 -3.55 -1.16
N TRP A 28 -0.70 -3.89 -1.85
CA TRP A 28 0.62 -3.75 -1.18
C TRP A 28 1.78 -3.70 -2.18
N TRP A 29 2.74 -2.87 -1.89
CA TRP A 29 3.94 -2.75 -2.75
C TRP A 29 5.11 -2.28 -1.88
N GLU A 30 6.28 -2.19 -2.42
CA GLU A 30 7.42 -1.75 -1.58
C GLU A 30 7.91 -0.37 -2.03
N MET A 31 7.88 0.60 -1.16
CA MET A 31 8.35 1.96 -1.54
C MET A 31 9.87 2.04 -1.45
N GLN A 32 10.54 2.21 -2.55
CA GLN A 32 12.02 2.30 -2.53
C GLN A 32 12.47 3.70 -2.09
N THR A 33 13.42 3.78 -1.21
CA THR A 33 13.89 5.11 -0.74
C THR A 33 15.18 5.50 -1.47
N ARG A 34 15.71 4.62 -2.27
CA ARG A 34 16.97 4.94 -3.01
C ARG A 34 17.12 4.02 -4.22
N ALA A 35 17.75 2.89 -4.03
CA ALA A 35 17.95 1.94 -5.17
C ALA A 35 16.59 1.53 -5.76
N GLY A 36 16.60 0.75 -6.80
CA GLY A 36 15.31 0.32 -7.41
C GLY A 36 15.03 -1.14 -7.02
N ASP A 37 15.94 -1.76 -6.32
CA ASP A 37 15.72 -3.18 -5.90
C ASP A 37 16.27 -3.40 -4.49
N GLU A 38 15.74 -2.72 -3.52
CA GLU A 38 16.23 -2.89 -2.12
C GLU A 38 15.05 -2.80 -1.13
N PRO A 39 15.13 -3.58 -0.08
CA PRO A 39 14.06 -3.57 0.96
C PRO A 39 13.94 -2.18 1.58
N SER A 40 12.74 -1.72 1.78
CA SER A 40 12.56 -0.36 2.39
C SER A 40 11.30 -0.33 3.25
N THR A 41 10.18 0.01 2.66
CA THR A 41 8.90 0.05 3.43
C THR A 41 7.73 -0.31 2.53
N ILE A 42 6.90 -1.24 2.96
CA ILE A 42 5.75 -1.65 2.11
C ILE A 42 4.48 -0.88 2.51
N PHE A 43 3.80 -0.30 1.56
CA PHE A 43 2.55 0.44 1.89
C PHE A 43 1.35 -0.45 1.58
N TYR A 44 0.39 -0.47 2.45
CA TYR A 44 -0.80 -1.36 2.22
C TYR A 44 -2.07 -0.54 2.00
N LYS A 45 -2.60 -0.51 0.81
CA LYS A 45 -3.86 0.25 0.57
C LYS A 45 -5.09 -0.63 0.79
N CYS A 46 -5.80 -0.43 1.85
CA CYS A 46 -7.02 -1.25 2.11
C CYS A 46 -7.90 -1.28 0.86
N THR A 47 -8.61 -2.35 0.64
CA THR A 47 -9.48 -2.44 -0.57
C THR A 47 -10.93 -2.10 -0.21
N LYS A 48 -11.13 -1.02 0.49
CA LYS A 48 -12.53 -0.64 0.87
C LYS A 48 -12.67 0.89 0.90
N CYS A 49 -12.06 1.53 1.85
CA CYS A 49 -12.16 3.01 1.94
C CYS A 49 -11.02 3.66 1.14
N GLY A 50 -10.00 2.91 0.83
CA GLY A 50 -8.87 3.49 0.06
C GLY A 50 -7.88 4.17 1.00
N HIS A 51 -7.36 3.44 1.96
CA HIS A 51 -6.38 4.05 2.90
C HIS A 51 -5.09 3.23 2.86
N THR A 52 -3.96 3.85 2.97
CA THR A 52 -2.71 3.05 2.92
C THR A 52 -1.72 3.49 3.99
N TRP A 53 -1.10 2.54 4.64
CA TRP A 53 -0.09 2.87 5.68
C TRP A 53 1.26 2.27 5.27
N ARG A 54 2.09 1.91 6.20
CA ARG A 54 3.42 1.34 5.80
C ARG A 54 3.78 0.13 6.66
N SER A 55 4.58 -0.74 6.13
CA SER A 55 5.01 -1.95 6.91
C SER A 55 6.44 -1.75 7.40
N TYR A 56 6.94 -2.67 8.17
CA TYR A 56 8.34 -2.53 8.68
C TYR A 56 8.87 -3.87 9.20
N GLU A 57 9.21 -4.76 8.33
CA GLU A 57 9.73 -6.10 8.78
C GLU A 57 11.23 -6.00 9.06
N GLY A 1 10.02 11.01 -16.57
CA GLY A 1 11.38 10.66 -17.09
C GLY A 1 11.83 9.32 -16.50
N SER A 2 11.88 9.22 -15.20
CA SER A 2 12.31 7.95 -14.56
C SER A 2 11.25 6.86 -14.79
N HIS A 3 10.04 7.08 -14.35
CA HIS A 3 8.98 6.06 -14.55
C HIS A 3 7.61 6.74 -14.58
N MET A 4 6.55 5.96 -14.57
CA MET A 4 5.19 6.55 -14.60
C MET A 4 4.62 6.65 -13.18
N GLU A 5 3.46 7.21 -13.03
CA GLU A 5 2.86 7.33 -11.67
C GLU A 5 2.27 6.00 -11.23
N GLN A 6 1.39 6.01 -10.27
CA GLN A 6 0.78 4.74 -9.78
C GLN A 6 -0.24 4.22 -10.81
N ASP A 7 -0.56 2.96 -10.75
CA ASP A 7 -1.55 2.39 -11.71
C ASP A 7 -2.60 1.57 -10.96
N LEU A 8 -3.81 1.55 -11.44
CA LEU A 8 -4.87 0.77 -10.76
C LEU A 8 -5.28 -0.43 -11.61
N LYS A 9 -4.86 -0.47 -12.84
CA LYS A 9 -5.23 -1.62 -13.73
C LYS A 9 -4.69 -2.93 -13.15
N THR A 10 -3.46 -2.92 -12.70
CA THR A 10 -2.87 -4.18 -12.13
C THR A 10 -2.31 -3.89 -10.74
N LEU A 11 -2.62 -4.73 -9.78
CA LEU A 11 -2.10 -4.51 -8.40
C LEU A 11 -2.54 -5.64 -7.48
N PRO A 12 -1.65 -6.57 -7.22
CA PRO A 12 -1.98 -7.71 -6.33
C PRO A 12 -2.37 -7.21 -4.94
N THR A 13 -3.06 -8.01 -4.18
CA THR A 13 -3.48 -7.56 -2.83
C THR A 13 -3.06 -8.57 -1.77
N THR A 14 -2.99 -8.16 -0.54
CA THR A 14 -2.60 -9.09 0.56
C THR A 14 -3.65 -9.04 1.66
N LYS A 15 -3.74 -10.07 2.46
CA LYS A 15 -4.76 -10.07 3.55
C LYS A 15 -4.25 -9.25 4.74
N ILE A 16 -4.87 -8.15 5.00
CA ILE A 16 -4.44 -7.29 6.15
C ILE A 16 -5.64 -6.48 6.64
N THR A 17 -5.48 -5.70 7.67
CA THR A 17 -6.66 -4.92 8.14
C THR A 17 -6.47 -3.43 7.91
N CYS A 18 -7.53 -2.68 8.03
CA CYS A 18 -7.45 -1.21 7.80
C CYS A 18 -7.78 -0.44 9.08
N PRO A 19 -6.81 0.27 9.60
CA PRO A 19 -7.03 1.07 10.84
C PRO A 19 -8.03 2.20 10.58
N LYS A 20 -8.48 2.37 9.37
CA LYS A 20 -9.45 3.47 9.09
C LYS A 20 -10.89 2.94 9.06
N CYS A 21 -11.24 2.14 8.09
CA CYS A 21 -12.63 1.62 8.02
C CYS A 21 -12.71 0.19 8.58
N GLY A 22 -11.60 -0.39 8.95
CA GLY A 22 -11.62 -1.76 9.53
C GLY A 22 -11.68 -2.83 8.44
N ASN A 23 -11.47 -2.45 7.20
CA ASN A 23 -11.52 -3.47 6.10
C ASN A 23 -10.69 -4.69 6.50
N ASP A 24 -10.71 -5.73 5.70
CA ASP A 24 -9.92 -6.95 6.03
C ASP A 24 -8.88 -7.24 4.94
N THR A 25 -8.74 -6.36 3.99
CA THR A 25 -7.73 -6.60 2.93
C THR A 25 -7.16 -5.29 2.40
N ALA A 26 -6.05 -5.35 1.71
CA ALA A 26 -5.44 -4.10 1.15
C ALA A 26 -4.44 -4.43 0.06
N TYR A 27 -4.15 -3.49 -0.82
CA TYR A 27 -3.15 -3.76 -1.88
C TYR A 27 -1.76 -3.63 -1.24
N TRP A 28 -0.70 -3.87 -1.95
CA TRP A 28 0.62 -3.73 -1.30
C TRP A 28 1.75 -3.57 -2.31
N TRP A 29 2.67 -2.71 -2.00
CA TRP A 29 3.85 -2.47 -2.87
C TRP A 29 4.96 -1.91 -1.99
N GLU A 30 6.16 -1.83 -2.49
CA GLU A 30 7.26 -1.30 -1.63
C GLU A 30 7.57 0.16 -1.99
N MET A 31 8.22 0.88 -1.12
CA MET A 31 8.55 2.29 -1.41
C MET A 31 10.07 2.48 -1.47
N GLN A 32 10.81 1.43 -1.31
CA GLN A 32 12.30 1.55 -1.35
C GLN A 32 12.93 0.17 -1.65
N THR A 33 12.95 -0.22 -2.89
CA THR A 33 13.55 -1.54 -3.24
C THR A 33 14.21 -1.48 -4.62
N ARG A 34 15.47 -1.83 -4.69
CA ARG A 34 16.17 -1.80 -6.01
C ARG A 34 16.18 -3.20 -6.62
N ALA A 35 16.73 -4.16 -5.92
CA ALA A 35 16.77 -5.55 -6.46
C ALA A 35 16.22 -6.53 -5.43
N GLY A 36 15.29 -6.10 -4.62
CA GLY A 36 14.71 -7.02 -3.59
C GLY A 36 15.84 -7.74 -2.86
N ASP A 37 16.56 -7.03 -2.03
CA ASP A 37 17.68 -7.69 -1.28
C ASP A 37 17.40 -7.61 0.23
N GLU A 38 17.15 -6.44 0.73
CA GLU A 38 16.88 -6.28 2.19
C GLU A 38 15.51 -5.65 2.41
N PRO A 39 14.95 -5.89 3.58
CA PRO A 39 13.63 -5.33 3.91
C PRO A 39 13.67 -3.80 3.90
N SER A 40 12.78 -3.17 3.18
CA SER A 40 12.77 -1.69 3.12
C SER A 40 11.44 -1.15 3.65
N THR A 41 10.47 -0.99 2.80
CA THR A 41 9.15 -0.48 3.27
C THR A 41 8.04 -1.00 2.35
N ILE A 42 6.85 -1.09 2.85
CA ILE A 42 5.71 -1.58 2.02
C ILE A 42 4.41 -0.89 2.43
N PHE A 43 3.75 -0.25 1.52
CA PHE A 43 2.48 0.43 1.87
C PHE A 43 1.31 -0.51 1.59
N TYR A 44 0.29 -0.43 2.38
CA TYR A 44 -0.88 -1.34 2.18
C TYR A 44 -2.17 -0.55 1.96
N LYS A 45 -2.68 -0.53 0.77
CA LYS A 45 -3.96 0.20 0.51
C LYS A 45 -5.18 -0.72 0.74
N CYS A 46 -5.88 -0.52 1.82
CA CYS A 46 -7.07 -1.36 2.11
C CYS A 46 -7.98 -1.41 0.87
N THR A 47 -8.73 -2.48 0.71
CA THR A 47 -9.63 -2.60 -0.47
C THR A 47 -11.06 -2.24 -0.08
N LYS A 48 -11.26 -1.07 0.47
CA LYS A 48 -12.64 -0.66 0.87
C LYS A 48 -12.75 0.86 0.86
N CYS A 49 -12.10 1.53 1.78
CA CYS A 49 -12.17 3.02 1.81
C CYS A 49 -11.03 3.61 0.97
N GLY A 50 -9.99 2.86 0.76
CA GLY A 50 -8.86 3.37 -0.05
C GLY A 50 -7.86 4.10 0.85
N HIS A 51 -7.24 3.40 1.75
CA HIS A 51 -6.24 4.05 2.65
C HIS A 51 -4.96 3.22 2.70
N THR A 52 -3.81 3.83 2.70
CA THR A 52 -2.57 3.01 2.73
C THR A 52 -1.65 3.44 3.87
N TRP A 53 -1.13 2.50 4.58
CA TRP A 53 -0.19 2.83 5.69
C TRP A 53 1.18 2.22 5.36
N ARG A 54 1.98 1.90 6.34
CA ARG A 54 3.31 1.30 6.02
C ARG A 54 3.63 0.14 6.97
N SER A 55 4.30 -0.86 6.47
CA SER A 55 4.65 -2.02 7.34
C SER A 55 5.93 -1.73 8.13
N TYR A 56 6.63 -0.69 7.79
CA TYR A 56 7.89 -0.35 8.52
C TYR A 56 7.68 -0.52 10.02
N GLU A 57 8.74 -0.56 10.78
CA GLU A 57 8.60 -0.71 12.25
C GLU A 57 8.59 0.65 12.94
#